data_1WJP
#
_entry.id   1WJP
#
loop_
_entity.id
_entity.type
_entity.pdbx_description
1 polymer 'Zinc finger protein 295'
2 non-polymer 'ZINC ION'
#
_entity_poly.entity_id   1
_entity_poly.type   'polypeptide(L)'
_entity_poly.pdbx_seq_one_letter_code
;GSSGSSGASPVENKEVYQCRLCNAKLSSLLEQGSHERLCRNAAVCPYCSLRFFSPELKQEHESKCEYKKLTCLECMRTFK
SSFSIWRHQVEVHNQNNMAPTSGPSSG
;
_entity_poly.pdbx_strand_id   A
#
loop_
_chem_comp.id
_chem_comp.type
_chem_comp.name
_chem_comp.formula
ZN non-polymer 'ZINC ION' 'Zn 2'
#
# COMPACT_ATOMS: atom_id res chain seq x y z
N GLY A 1 33.43 59.42 20.93
CA GLY A 1 33.33 58.95 19.57
C GLY A 1 33.59 57.46 19.45
N SER A 2 32.86 56.80 18.55
CA SER A 2 33.02 55.36 18.34
C SER A 2 32.18 54.89 17.15
N SER A 3 32.28 53.61 16.85
CA SER A 3 31.54 53.03 15.73
C SER A 3 31.35 51.52 15.92
N GLY A 4 30.52 50.92 15.07
CA GLY A 4 30.27 49.50 15.16
C GLY A 4 29.37 48.99 14.06
N SER A 5 29.11 47.68 14.05
CA SER A 5 28.26 47.08 13.03
C SER A 5 27.35 46.03 13.65
N SER A 6 26.46 45.47 12.82
CA SER A 6 25.53 44.46 13.29
C SER A 6 25.03 43.61 12.12
N GLY A 7 24.26 42.57 12.44
CA GLY A 7 23.73 41.69 11.41
C GLY A 7 22.43 41.03 11.82
N ALA A 8 21.95 40.11 10.99
CA ALA A 8 20.70 39.40 11.26
C ALA A 8 20.49 38.26 10.28
N SER A 9 19.48 37.44 10.55
CA SER A 9 19.17 36.30 9.70
C SER A 9 17.81 36.49 9.02
N PRO A 10 17.75 36.16 7.72
CA PRO A 10 16.52 36.27 6.93
C PRO A 10 15.47 35.25 7.34
N VAL A 11 14.35 35.23 6.62
CA VAL A 11 13.26 34.30 6.91
C VAL A 11 12.16 34.40 5.87
N GLU A 12 11.76 33.26 5.32
CA GLU A 12 10.72 33.22 4.30
C GLU A 12 9.54 32.36 4.77
N ASN A 13 8.33 32.88 4.60
CA ASN A 13 7.13 32.16 5.00
C ASN A 13 5.88 32.83 4.41
N LYS A 14 5.14 32.08 3.60
CA LYS A 14 3.93 32.59 2.98
C LYS A 14 3.18 31.47 2.27
N GLU A 15 2.03 31.82 1.68
CA GLU A 15 1.21 30.85 0.97
C GLU A 15 2.09 29.80 0.27
N VAL A 16 1.93 28.55 0.67
CA VAL A 16 2.70 27.46 0.07
C VAL A 16 1.79 26.35 -0.44
N TYR A 17 2.22 25.69 -1.50
CA TYR A 17 1.44 24.60 -2.09
C TYR A 17 1.89 23.25 -1.55
N GLN A 18 1.14 22.72 -0.59
CA GLN A 18 1.47 21.44 0.01
C GLN A 18 0.72 20.30 -0.69
N CYS A 19 1.32 19.12 -0.68
CA CYS A 19 0.71 17.95 -1.32
C CYS A 19 -0.38 17.36 -0.45
N ARG A 20 -1.51 17.02 -1.06
CA ARG A 20 -2.64 16.45 -0.33
C ARG A 20 -2.44 14.95 -0.14
N LEU A 21 -1.20 14.50 -0.21
CA LEU A 21 -0.88 13.09 -0.05
C LEU A 21 0.16 12.89 1.05
N CYS A 22 1.21 13.70 1.01
CA CYS A 22 2.29 13.62 1.99
C CYS A 22 2.46 14.94 2.72
N ASN A 23 1.70 15.95 2.30
CA ASN A 23 1.77 17.27 2.91
C ASN A 23 3.18 17.85 2.77
N ALA A 24 3.73 17.77 1.58
CA ALA A 24 5.07 18.30 1.31
C ALA A 24 5.01 19.61 0.53
N LYS A 25 5.68 20.63 1.03
CA LYS A 25 5.70 21.93 0.37
C LYS A 25 6.32 21.83 -1.01
N LEU A 26 5.58 22.28 -2.02
CA LEU A 26 6.05 22.25 -3.40
C LEU A 26 6.86 23.50 -3.73
N SER A 27 7.32 23.59 -4.98
CA SER A 27 8.11 24.73 -5.42
C SER A 27 7.26 25.68 -6.27
N SER A 28 6.09 25.20 -6.69
CA SER A 28 5.18 26.00 -7.51
C SER A 28 3.87 25.26 -7.74
N LEU A 29 2.90 25.97 -8.31
CA LEU A 29 1.59 25.38 -8.58
C LEU A 29 1.71 24.21 -9.55
N LEU A 30 2.77 24.21 -10.34
CA LEU A 30 3.01 23.14 -11.31
C LEU A 30 3.54 21.89 -10.62
N GLU A 31 4.48 22.08 -9.70
CA GLU A 31 5.07 20.96 -8.96
C GLU A 31 4.00 20.22 -8.17
N GLN A 32 2.90 20.90 -7.87
CA GLN A 32 1.80 20.31 -7.12
C GLN A 32 0.99 19.36 -8.00
N GLY A 33 0.64 19.83 -9.19
CA GLY A 33 -0.14 19.00 -10.10
C GLY A 33 0.62 17.79 -10.59
N SER A 34 1.94 17.94 -10.71
CA SER A 34 2.79 16.84 -11.18
C SER A 34 3.18 15.93 -10.02
N HIS A 35 3.64 16.54 -8.93
CA HIS A 35 4.06 15.78 -7.75
C HIS A 35 2.95 14.83 -7.31
N GLU A 36 1.73 15.11 -7.74
CA GLU A 36 0.59 14.26 -7.39
C GLU A 36 0.52 13.03 -8.28
N ARG A 37 1.08 13.14 -9.47
CA ARG A 37 1.09 12.03 -10.42
C ARG A 37 2.06 10.93 -9.98
N LEU A 38 3.23 11.34 -9.51
CA LEU A 38 4.24 10.40 -9.06
C LEU A 38 3.99 9.98 -7.61
N CYS A 39 3.45 10.91 -6.82
CA CYS A 39 3.16 10.64 -5.43
C CYS A 39 1.90 9.80 -5.28
N ARG A 40 1.37 9.33 -6.41
CA ARG A 40 0.17 8.51 -6.41
C ARG A 40 0.47 7.10 -6.92
N ASN A 41 1.50 6.98 -7.75
CA ASN A 41 1.89 5.70 -8.31
C ASN A 41 3.35 5.37 -7.97
N ALA A 42 3.91 6.13 -7.03
CA ALA A 42 5.29 5.92 -6.60
C ALA A 42 5.50 4.49 -6.13
N ALA A 43 4.67 4.06 -5.18
CA ALA A 43 4.77 2.71 -4.64
C ALA A 43 3.40 2.04 -4.57
N VAL A 44 3.17 1.08 -5.46
CA VAL A 44 1.90 0.37 -5.50
C VAL A 44 2.10 -1.13 -5.25
N CYS A 45 1.63 -1.59 -4.10
CA CYS A 45 1.76 -3.00 -3.74
C CYS A 45 0.93 -3.87 -4.67
N PRO A 46 1.61 -4.78 -5.40
CA PRO A 46 0.95 -5.70 -6.33
C PRO A 46 0.12 -6.75 -5.62
N TYR A 47 -0.01 -6.62 -4.30
CA TYR A 47 -0.79 -7.56 -3.51
C TYR A 47 -2.14 -6.97 -3.14
N CYS A 48 -2.13 -5.88 -2.40
CA CYS A 48 -3.36 -5.22 -1.98
C CYS A 48 -3.61 -3.96 -2.80
N SER A 49 -2.71 -3.69 -3.74
CA SER A 49 -2.84 -2.50 -4.60
C SER A 49 -2.86 -1.23 -3.75
N LEU A 50 -1.86 -1.07 -2.90
CA LEU A 50 -1.77 0.11 -2.04
C LEU A 50 -1.11 1.27 -2.78
N ARG A 51 -0.91 2.37 -2.07
CA ARG A 51 -0.28 3.56 -2.65
C ARG A 51 0.45 4.37 -1.59
N PHE A 52 1.78 4.28 -1.61
CA PHE A 52 2.60 5.00 -0.64
C PHE A 52 3.29 6.19 -1.30
N PHE A 53 3.96 7.01 -0.49
CA PHE A 53 4.66 8.18 -0.99
C PHE A 53 5.99 7.80 -1.63
N SER A 54 6.70 6.89 -0.97
CA SER A 54 8.00 6.44 -1.46
C SER A 54 7.96 4.95 -1.81
N PRO A 55 8.89 4.52 -2.68
CA PRO A 55 8.98 3.12 -3.11
C PRO A 55 9.46 2.20 -1.99
N GLU A 56 10.23 2.75 -1.07
CA GLU A 56 10.75 1.98 0.06
C GLU A 56 9.63 1.62 1.03
N LEU A 57 8.78 2.59 1.34
CA LEU A 57 7.67 2.38 2.25
C LEU A 57 6.89 1.11 1.88
N LYS A 58 6.68 0.92 0.58
CA LYS A 58 5.95 -0.24 0.09
C LYS A 58 6.78 -1.51 0.23
N GLN A 59 8.05 -1.42 -0.17
CA GLN A 59 8.96 -2.56 -0.09
C GLN A 59 8.87 -3.23 1.28
N GLU A 60 8.83 -2.41 2.33
CA GLU A 60 8.73 -2.93 3.69
C GLU A 60 7.37 -3.55 3.95
N HIS A 61 6.31 -2.85 3.54
CA HIS A 61 4.95 -3.34 3.74
C HIS A 61 4.76 -4.69 3.08
N GLU A 62 5.18 -4.80 1.82
CA GLU A 62 5.05 -6.05 1.08
C GLU A 62 5.48 -7.24 1.94
N SER A 63 6.43 -7.00 2.84
CA SER A 63 6.93 -8.05 3.71
C SER A 63 5.91 -8.40 4.79
N LYS A 64 5.27 -7.37 5.35
CA LYS A 64 4.27 -7.57 6.38
C LYS A 64 2.85 -7.52 5.79
N CYS A 65 2.77 -7.55 4.46
CA CYS A 65 1.49 -7.52 3.77
C CYS A 65 0.71 -8.81 4.01
N GLU A 66 -0.61 -8.70 4.06
CA GLU A 66 -1.47 -9.85 4.28
C GLU A 66 -1.94 -10.44 2.95
N TYR A 67 -2.15 -9.56 1.97
CA TYR A 67 -2.60 -9.99 0.65
C TYR A 67 -1.53 -10.83 -0.04
N LYS A 68 -0.27 -10.60 0.32
CA LYS A 68 0.84 -11.33 -0.26
C LYS A 68 0.55 -12.83 -0.30
N LYS A 69 0.32 -13.41 0.87
CA LYS A 69 0.02 -14.83 0.98
C LYS A 69 -1.13 -15.22 0.05
N LEU A 70 -2.06 -14.30 -0.14
CA LEU A 70 -3.20 -14.55 -1.01
C LEU A 70 -2.90 -14.14 -2.45
N THR A 71 -1.62 -14.19 -2.82
CA THR A 71 -1.20 -13.83 -4.17
C THR A 71 -0.46 -14.99 -4.83
N CYS A 72 -1.11 -15.61 -5.82
CA CYS A 72 -0.52 -16.72 -6.54
C CYS A 72 0.68 -16.27 -7.35
N LEU A 73 1.84 -16.18 -6.70
CA LEU A 73 3.07 -15.76 -7.36
C LEU A 73 3.24 -16.47 -8.70
N GLU A 74 2.93 -17.77 -8.72
CA GLU A 74 3.05 -18.56 -9.94
C GLU A 74 2.54 -17.77 -11.15
N CYS A 75 1.27 -17.38 -11.10
CA CYS A 75 0.67 -16.64 -12.19
C CYS A 75 0.30 -15.22 -11.75
N MET A 76 1.04 -14.71 -10.76
CA MET A 76 0.79 -13.36 -10.24
C MET A 76 -0.70 -13.04 -10.25
N ARG A 77 -1.49 -13.93 -9.66
CA ARG A 77 -2.94 -13.74 -9.59
C ARG A 77 -3.43 -13.71 -8.15
N THR A 78 -3.84 -12.52 -7.70
CA THR A 78 -4.32 -12.36 -6.33
C THR A 78 -5.79 -12.78 -6.22
N PHE A 79 -6.20 -13.11 -4.99
CA PHE A 79 -7.58 -13.53 -4.75
C PHE A 79 -8.16 -12.81 -3.54
N LYS A 80 -9.38 -13.18 -3.16
CA LYS A 80 -10.05 -12.56 -2.02
C LYS A 80 -9.66 -13.27 -0.73
N SER A 81 -9.62 -14.59 -0.76
CA SER A 81 -9.27 -15.37 0.42
C SER A 81 -8.24 -16.45 0.07
N SER A 82 -7.90 -17.27 1.06
CA SER A 82 -6.92 -18.34 0.86
C SER A 82 -7.59 -19.60 0.32
N PHE A 83 -8.76 -19.92 0.88
CA PHE A 83 -9.50 -21.09 0.45
C PHE A 83 -9.85 -21.02 -1.03
N SER A 84 -10.23 -19.82 -1.48
CA SER A 84 -10.59 -19.62 -2.88
C SER A 84 -9.40 -19.87 -3.79
N ILE A 85 -8.30 -19.18 -3.54
CA ILE A 85 -7.08 -19.33 -4.33
C ILE A 85 -6.55 -20.76 -4.25
N TRP A 86 -6.55 -21.32 -3.05
CA TRP A 86 -6.06 -22.68 -2.85
C TRP A 86 -6.58 -23.61 -3.93
N ARG A 87 -7.87 -23.51 -4.23
CA ARG A 87 -8.48 -24.35 -5.25
C ARG A 87 -7.89 -24.05 -6.63
N HIS A 88 -7.53 -22.79 -6.86
CA HIS A 88 -6.95 -22.38 -8.13
C HIS A 88 -5.51 -22.87 -8.25
N GLN A 89 -4.85 -23.06 -7.12
CA GLN A 89 -3.47 -23.54 -7.10
C GLN A 89 -3.42 -25.05 -6.91
N VAL A 90 -4.53 -25.62 -6.47
CA VAL A 90 -4.61 -27.05 -6.24
C VAL A 90 -5.26 -27.77 -7.42
N GLU A 91 -6.18 -27.08 -8.09
CA GLU A 91 -6.87 -27.64 -9.25
C GLU A 91 -6.09 -27.40 -10.52
N VAL A 92 -5.41 -26.25 -10.58
CA VAL A 92 -4.62 -25.89 -11.75
C VAL A 92 -3.14 -26.21 -11.54
N HIS A 93 -2.51 -25.50 -10.62
CA HIS A 93 -1.10 -25.71 -10.31
C HIS A 93 -0.91 -27.00 -9.52
N ASN A 94 -1.95 -27.41 -8.81
CA ASN A 94 -1.88 -28.63 -8.01
C ASN A 94 -0.69 -28.59 -7.04
N GLN A 95 -0.62 -27.53 -6.26
CA GLN A 95 0.47 -27.37 -5.30
C GLN A 95 0.11 -27.99 -3.95
N ASN A 96 -1.14 -27.81 -3.55
CA ASN A 96 -1.62 -28.35 -2.29
C ASN A 96 -0.73 -27.89 -1.12
N ASN A 97 -0.30 -26.63 -1.18
CA ASN A 97 0.55 -26.07 -0.14
C ASN A 97 -0.03 -26.33 1.25
N MET A 98 0.65 -25.85 2.28
CA MET A 98 0.20 -26.03 3.65
C MET A 98 -1.00 -25.14 3.95
N ALA A 99 -2.19 -25.72 3.93
CA ALA A 99 -3.42 -24.98 4.20
C ALA A 99 -3.48 -24.54 5.66
N PRO A 100 -4.12 -23.38 5.91
CA PRO A 100 -4.26 -22.83 7.26
C PRO A 100 -5.20 -23.65 8.12
N THR A 101 -5.35 -23.24 9.38
CA THR A 101 -6.23 -23.94 10.31
C THR A 101 -7.70 -23.74 9.94
N SER A 102 -8.41 -24.84 9.75
CA SER A 102 -9.83 -24.79 9.39
C SER A 102 -10.66 -24.25 10.55
N GLY A 103 -11.76 -23.60 10.21
CA GLY A 103 -12.63 -23.04 11.23
C GLY A 103 -14.07 -22.90 10.76
N PRO A 104 -15.00 -22.80 11.72
CA PRO A 104 -16.44 -22.66 11.42
C PRO A 104 -16.77 -21.31 10.81
N SER A 105 -15.77 -20.44 10.73
CA SER A 105 -15.95 -19.11 10.17
C SER A 105 -16.88 -19.15 8.96
N SER A 106 -17.54 -18.02 8.69
CA SER A 106 -18.46 -17.94 7.56
C SER A 106 -17.70 -17.82 6.24
N GLY A 107 -18.28 -18.38 5.18
CA GLY A 107 -17.64 -18.33 3.88
C GLY A 107 -18.52 -17.66 2.84
ZN ZN B . 2.98 13.92 -2.07
ZN ZN C . 0.15 -5.09 0.11
ZN ZN D . -1.98 -19.42 -10.26
N GLY A 1 2.18 -8.78 38.84
CA GLY A 1 1.33 -8.01 37.95
C GLY A 1 1.59 -6.52 38.05
N SER A 2 1.52 -5.83 36.92
CA SER A 2 1.75 -4.38 36.89
C SER A 2 0.93 -3.73 35.79
N SER A 3 1.04 -2.41 35.70
CA SER A 3 0.30 -1.65 34.68
C SER A 3 1.26 -0.83 33.82
N GLY A 4 0.71 -0.20 32.79
CA GLY A 4 1.52 0.61 31.90
C GLY A 4 0.98 2.01 31.73
N SER A 5 1.47 2.72 30.72
CA SER A 5 1.02 4.08 30.45
C SER A 5 1.25 4.45 28.99
N SER A 6 0.67 5.56 28.57
CA SER A 6 0.81 6.03 27.19
C SER A 6 0.32 7.48 27.05
N GLY A 7 1.10 8.28 26.33
CA GLY A 7 0.73 9.68 26.13
C GLY A 7 1.37 10.27 24.89
N ALA A 8 0.95 11.49 24.54
CA ALA A 8 1.49 12.17 23.37
C ALA A 8 1.35 13.68 23.51
N SER A 9 2.49 14.38 23.48
CA SER A 9 2.50 15.83 23.61
C SER A 9 1.68 16.48 22.50
N PRO A 10 1.11 17.65 22.79
CA PRO A 10 0.29 18.39 21.83
C PRO A 10 1.11 18.97 20.69
N VAL A 11 0.44 19.59 19.72
CA VAL A 11 1.12 20.19 18.59
C VAL A 11 0.13 20.94 17.69
N GLU A 12 0.50 22.15 17.30
CA GLU A 12 -0.35 22.97 16.44
C GLU A 12 0.02 22.79 14.97
N ASN A 13 -0.79 23.37 14.08
CA ASN A 13 -0.54 23.27 12.65
C ASN A 13 -1.45 24.23 11.87
N LYS A 14 -0.85 25.01 10.99
CA LYS A 14 -1.61 25.97 10.18
C LYS A 14 -1.95 25.38 8.82
N GLU A 15 -2.70 26.13 8.02
CA GLU A 15 -3.10 25.68 6.70
C GLU A 15 -1.91 25.09 5.94
N VAL A 16 -1.96 23.77 5.73
CA VAL A 16 -0.89 23.07 5.02
C VAL A 16 -1.45 22.15 3.95
N TYR A 17 -0.67 21.94 2.89
CA TYR A 17 -1.10 21.08 1.79
C TYR A 17 -0.50 19.68 1.94
N GLN A 18 -1.26 18.78 2.56
CA GLN A 18 -0.81 17.42 2.76
C GLN A 18 -1.23 16.52 1.59
N CYS A 19 -0.41 15.51 1.30
CA CYS A 19 -0.68 14.60 0.20
C CYS A 19 -1.76 13.59 0.60
N ARG A 20 -2.74 13.40 -0.27
CA ARG A 20 -3.83 12.47 -0.01
C ARG A 20 -3.41 11.04 -0.35
N LEU A 21 -2.10 10.79 -0.35
CA LEU A 21 -1.57 9.47 -0.65
C LEU A 21 -0.69 8.97 0.48
N CYS A 22 0.17 9.84 1.00
CA CYS A 22 1.06 9.48 2.09
C CYS A 22 0.91 10.44 3.26
N ASN A 23 0.23 11.57 3.02
CA ASN A 23 0.00 12.56 4.05
C ASN A 23 1.30 13.29 4.40
N ALA A 24 2.04 13.69 3.37
CA ALA A 24 3.31 14.39 3.56
C ALA A 24 3.16 15.88 3.25
N LYS A 25 3.30 16.71 4.28
CA LYS A 25 3.17 18.16 4.11
C LYS A 25 4.01 18.64 2.93
N LEU A 26 3.39 19.43 2.06
CA LEU A 26 4.08 19.95 0.88
C LEU A 26 4.65 21.34 1.16
N SER A 27 5.35 21.90 0.19
CA SER A 27 5.96 23.22 0.32
C SER A 27 5.11 24.28 -0.35
N SER A 28 4.13 23.84 -1.14
CA SER A 28 3.24 24.75 -1.85
C SER A 28 2.14 23.99 -2.58
N LEU A 29 1.09 24.69 -2.95
CA LEU A 29 -0.04 24.09 -3.65
C LEU A 29 0.44 23.28 -4.86
N LEU A 30 1.42 23.83 -5.57
CA LEU A 30 1.97 23.16 -6.75
C LEU A 30 2.59 21.83 -6.38
N GLU A 31 3.50 21.84 -5.40
CA GLU A 31 4.16 20.63 -4.94
C GLU A 31 3.15 19.53 -4.68
N GLN A 32 1.92 19.93 -4.32
CA GLN A 32 0.87 18.97 -4.03
C GLN A 32 0.35 18.31 -5.31
N GLY A 33 0.17 19.13 -6.34
CA GLY A 33 -0.31 18.62 -7.62
C GLY A 33 0.72 17.79 -8.34
N SER A 34 2.00 18.12 -8.14
CA SER A 34 3.10 17.41 -8.78
C SER A 34 3.48 16.17 -7.98
N HIS A 35 3.70 16.36 -6.68
CA HIS A 35 4.07 15.25 -5.81
C HIS A 35 3.12 14.08 -5.97
N GLU A 36 1.90 14.36 -6.41
CA GLU A 36 0.90 13.32 -6.61
C GLU A 36 1.16 12.57 -7.91
N ARG A 37 1.82 13.22 -8.86
CA ARG A 37 2.13 12.60 -10.14
C ARG A 37 3.16 11.49 -9.98
N LEU A 38 4.13 11.72 -9.11
CA LEU A 38 5.19 10.74 -8.85
C LEU A 38 4.82 9.84 -7.69
N CYS A 39 4.02 10.37 -6.75
CA CYS A 39 3.59 9.61 -5.58
C CYS A 39 2.45 8.67 -5.94
N ARG A 40 2.24 8.48 -7.24
CA ARG A 40 1.16 7.60 -7.71
C ARG A 40 1.74 6.38 -8.42
N ASN A 41 2.81 6.59 -9.18
CA ASN A 41 3.45 5.51 -9.92
C ASN A 41 4.77 5.10 -9.24
N ALA A 42 5.48 6.09 -8.71
CA ALA A 42 6.74 5.84 -8.04
C ALA A 42 6.77 4.45 -7.42
N ALA A 43 5.83 4.20 -6.51
CA ALA A 43 5.75 2.91 -5.84
C ALA A 43 4.32 2.38 -5.82
N VAL A 44 4.02 1.46 -6.73
CA VAL A 44 2.68 0.88 -6.82
C VAL A 44 2.71 -0.62 -6.54
N CYS A 45 2.01 -1.03 -5.48
CA CYS A 45 1.96 -2.43 -5.10
C CYS A 45 1.06 -3.21 -6.06
N PRO A 46 1.67 -4.19 -6.76
CA PRO A 46 0.94 -5.04 -7.72
C PRO A 46 -0.03 -5.99 -7.04
N TYR A 47 -0.16 -5.85 -5.73
CA TYR A 47 -1.06 -6.70 -4.95
C TYR A 47 -2.36 -5.98 -4.63
N CYS A 48 -2.25 -4.87 -3.91
CA CYS A 48 -3.42 -4.09 -3.53
C CYS A 48 -3.54 -2.84 -4.40
N SER A 49 -2.53 -2.60 -5.23
CA SER A 49 -2.52 -1.44 -6.12
C SER A 49 -2.41 -0.15 -5.32
N LEU A 50 -1.49 -0.15 -4.35
CA LEU A 50 -1.27 1.03 -3.50
C LEU A 50 -0.37 2.03 -4.20
N ARG A 51 -0.07 3.13 -3.51
CA ARG A 51 0.78 4.17 -4.06
C ARG A 51 1.54 4.90 -2.95
N PHE A 52 2.85 4.65 -2.88
CA PHE A 52 3.69 5.28 -1.86
C PHE A 52 4.59 6.34 -2.47
N PHE A 53 4.97 7.32 -1.66
CA PHE A 53 5.83 8.41 -2.13
C PHE A 53 7.13 7.85 -2.72
N SER A 54 7.78 6.96 -1.98
CA SER A 54 9.03 6.37 -2.44
C SER A 54 8.85 4.87 -2.71
N PRO A 55 9.74 4.32 -3.55
CA PRO A 55 9.71 2.90 -3.91
C PRO A 55 10.08 1.99 -2.74
N GLU A 56 10.92 2.50 -1.85
CA GLU A 56 11.37 1.74 -0.69
C GLU A 56 10.21 1.50 0.27
N LEU A 57 9.37 2.52 0.45
CA LEU A 57 8.22 2.41 1.34
C LEU A 57 7.30 1.27 0.92
N LYS A 58 7.16 1.09 -0.39
CA LYS A 58 6.31 0.04 -0.92
C LYS A 58 6.89 -1.34 -0.61
N GLN A 59 8.19 -1.50 -0.82
CA GLN A 59 8.86 -2.77 -0.56
C GLN A 59 8.57 -3.26 0.85
N GLU A 60 8.45 -2.32 1.78
CA GLU A 60 8.16 -2.66 3.18
C GLU A 60 6.75 -3.19 3.32
N HIS A 61 5.78 -2.49 2.72
CA HIS A 61 4.39 -2.89 2.79
C HIS A 61 4.19 -4.27 2.17
N GLU A 62 4.67 -4.44 0.94
CA GLU A 62 4.54 -5.71 0.24
C GLU A 62 4.78 -6.88 1.18
N SER A 63 5.65 -6.68 2.16
CA SER A 63 5.96 -7.72 3.13
C SER A 63 4.78 -7.97 4.07
N LYS A 64 4.12 -6.90 4.48
CA LYS A 64 2.97 -6.99 5.36
C LYS A 64 1.67 -6.89 4.59
N CYS A 65 1.76 -6.98 3.27
CA CYS A 65 0.59 -6.90 2.41
C CYS A 65 -0.25 -8.17 2.50
N GLU A 66 -1.48 -8.04 2.98
CA GLU A 66 -2.38 -9.17 3.12
C GLU A 66 -2.78 -9.72 1.76
N TYR A 67 -2.53 -8.94 0.71
CA TYR A 67 -2.86 -9.35 -0.65
C TYR A 67 -1.72 -10.14 -1.27
N LYS A 68 -0.50 -9.85 -0.84
CA LYS A 68 0.69 -10.53 -1.35
C LYS A 68 0.44 -12.04 -1.44
N LYS A 69 0.17 -12.66 -0.30
CA LYS A 69 -0.09 -14.10 -0.25
C LYS A 69 -1.29 -14.46 -1.12
N LEU A 70 -2.35 -13.66 -1.02
CA LEU A 70 -3.57 -13.89 -1.79
C LEU A 70 -3.30 -13.76 -3.29
N THR A 71 -2.10 -13.31 -3.63
CA THR A 71 -1.72 -13.14 -5.02
C THR A 71 -0.90 -14.32 -5.52
N CYS A 72 -1.50 -15.13 -6.40
CA CYS A 72 -0.83 -16.29 -6.95
C CYS A 72 0.36 -15.89 -7.81
N LEU A 73 1.53 -15.78 -7.17
CA LEU A 73 2.75 -15.40 -7.88
C LEU A 73 2.99 -16.31 -9.08
N GLU A 74 2.55 -17.55 -8.97
CA GLU A 74 2.72 -18.52 -10.05
C GLU A 74 2.19 -17.97 -11.37
N CYS A 75 0.91 -17.64 -11.39
CA CYS A 75 0.27 -17.09 -12.59
C CYS A 75 -0.33 -15.72 -12.31
N MET A 76 0.35 -14.94 -11.47
CA MET A 76 -0.11 -13.61 -11.11
C MET A 76 -1.64 -13.55 -11.09
N ARG A 77 -2.24 -14.45 -10.32
CA ARG A 77 -3.70 -14.50 -10.20
C ARG A 77 -4.14 -14.26 -8.77
N THR A 78 -4.62 -13.05 -8.50
CA THR A 78 -5.07 -12.69 -7.15
C THR A 78 -6.51 -13.15 -6.93
N PHE A 79 -6.87 -13.36 -5.67
CA PHE A 79 -8.21 -13.78 -5.30
C PHE A 79 -8.79 -12.90 -4.21
N LYS A 80 -10.02 -13.22 -3.79
CA LYS A 80 -10.69 -12.46 -2.74
C LYS A 80 -10.43 -13.07 -1.37
N SER A 81 -10.45 -14.40 -1.31
CA SER A 81 -10.22 -15.11 -0.06
C SER A 81 -9.11 -16.14 -0.21
N SER A 82 -8.49 -16.51 0.91
CA SER A 82 -7.41 -17.49 0.90
C SER A 82 -7.93 -18.88 0.53
N PHE A 83 -9.10 -19.22 1.08
CA PHE A 83 -9.71 -20.52 0.81
C PHE A 83 -10.01 -20.68 -0.68
N SER A 84 -10.52 -19.62 -1.29
CA SER A 84 -10.87 -19.64 -2.70
C SER A 84 -9.64 -19.96 -3.56
N ILE A 85 -8.59 -19.17 -3.38
CA ILE A 85 -7.35 -19.36 -4.14
C ILE A 85 -6.70 -20.70 -3.77
N TRP A 86 -6.74 -21.05 -2.50
CA TRP A 86 -6.15 -22.30 -2.03
C TRP A 86 -6.49 -23.45 -2.98
N ARG A 87 -7.74 -23.53 -3.39
CA ARG A 87 -8.18 -24.58 -4.31
C ARG A 87 -7.53 -24.41 -5.68
N HIS A 88 -7.45 -23.16 -6.14
CA HIS A 88 -6.85 -22.86 -7.43
C HIS A 88 -5.38 -23.24 -7.45
N GLN A 89 -4.78 -23.34 -6.27
CA GLN A 89 -3.37 -23.69 -6.15
C GLN A 89 -3.21 -25.18 -5.87
N VAL A 90 -4.14 -25.74 -5.11
CA VAL A 90 -4.10 -27.15 -4.77
C VAL A 90 -4.70 -28.01 -5.88
N GLU A 91 -5.53 -27.39 -6.70
CA GLU A 91 -6.17 -28.10 -7.81
C GLU A 91 -5.36 -27.94 -9.10
N VAL A 92 -4.76 -26.77 -9.27
CA VAL A 92 -3.96 -26.48 -10.45
C VAL A 92 -2.47 -26.65 -10.16
N HIS A 93 -1.93 -25.80 -9.31
CA HIS A 93 -0.52 -25.85 -8.94
C HIS A 93 -0.28 -26.91 -7.87
N ASN A 94 -1.32 -27.69 -7.56
CA ASN A 94 -1.23 -28.74 -6.55
C ASN A 94 -0.21 -28.37 -5.48
N GLN A 95 -0.36 -27.18 -4.91
CA GLN A 95 0.53 -26.71 -3.86
C GLN A 95 -0.20 -26.51 -2.54
N ASN A 96 -0.41 -27.61 -1.82
CA ASN A 96 -1.10 -27.57 -0.54
C ASN A 96 -0.11 -27.47 0.62
N ASN A 97 0.21 -26.24 1.01
CA ASN A 97 1.15 -26.01 2.10
C ASN A 97 0.41 -25.60 3.37
N MET A 98 1.11 -25.65 4.51
CA MET A 98 0.52 -25.28 5.78
C MET A 98 -0.48 -24.14 5.61
N ALA A 99 -1.76 -24.46 5.70
CA ALA A 99 -2.81 -23.46 5.57
C ALA A 99 -3.11 -22.79 6.90
N PRO A 100 -3.33 -21.47 6.86
CA PRO A 100 -3.63 -20.68 8.06
C PRO A 100 -5.02 -20.99 8.63
N THR A 101 -5.69 -21.97 8.03
CA THR A 101 -7.02 -22.37 8.47
C THR A 101 -6.96 -23.56 9.41
N SER A 102 -6.75 -23.29 10.69
CA SER A 102 -6.68 -24.34 11.70
C SER A 102 -7.52 -24.00 12.91
N GLY A 103 -8.80 -24.36 12.86
CA GLY A 103 -9.71 -24.09 13.96
C GLY A 103 -11.12 -23.84 13.51
N PRO A 104 -12.09 -24.56 14.10
CA PRO A 104 -13.50 -24.44 13.76
C PRO A 104 -14.08 -23.10 14.23
N SER A 105 -13.25 -22.29 14.87
CA SER A 105 -13.70 -20.99 15.36
C SER A 105 -12.55 -19.98 15.35
N SER A 106 -12.88 -18.70 15.26
CA SER A 106 -11.88 -17.65 15.23
C SER A 106 -11.82 -16.92 16.58
N GLY A 107 -10.78 -17.20 17.35
CA GLY A 107 -10.63 -16.57 18.64
C GLY A 107 -9.48 -15.59 18.68
ZN ZN B . 2.35 11.39 -1.34
ZN ZN C . -0.03 -4.30 -1.35
ZN ZN D . -2.09 -19.59 -10.20
N GLY A 1 -28.41 4.99 34.52
CA GLY A 1 -27.09 5.12 35.12
C GLY A 1 -26.42 6.44 34.79
N SER A 2 -25.11 6.38 34.52
CA SER A 2 -24.36 7.58 34.19
C SER A 2 -23.27 7.27 33.17
N SER A 3 -22.97 8.25 32.32
CA SER A 3 -21.96 8.08 31.29
C SER A 3 -21.07 9.32 31.19
N GLY A 4 -19.93 9.17 30.50
CA GLY A 4 -19.01 10.28 30.35
C GLY A 4 -19.61 11.41 29.53
N SER A 5 -18.77 12.08 28.76
CA SER A 5 -19.21 13.20 27.92
C SER A 5 -18.38 13.29 26.65
N SER A 6 -18.72 14.24 25.79
CA SER A 6 -18.00 14.44 24.54
C SER A 6 -17.69 15.92 24.31
N GLY A 7 -16.42 16.23 24.12
CA GLY A 7 -16.01 17.61 23.89
C GLY A 7 -15.43 17.82 22.51
N ALA A 8 -15.00 19.04 22.24
CA ALA A 8 -14.42 19.38 20.94
C ALA A 8 -12.90 19.27 20.98
N SER A 9 -12.29 19.13 19.81
CA SER A 9 -10.84 19.02 19.71
C SER A 9 -10.24 20.25 19.03
N PRO A 10 -9.80 21.22 19.83
CA PRO A 10 -9.20 22.46 19.33
C PRO A 10 -7.83 22.24 18.71
N VAL A 11 -7.72 22.48 17.41
CA VAL A 11 -6.47 22.31 16.70
C VAL A 11 -6.15 23.53 15.84
N GLU A 12 -4.95 24.08 16.02
CA GLU A 12 -4.53 25.25 15.26
C GLU A 12 -3.61 24.84 14.11
N ASN A 13 -3.77 25.51 12.97
CA ASN A 13 -2.95 25.22 11.80
C ASN A 13 -3.24 26.21 10.67
N LYS A 14 -2.27 26.39 9.79
CA LYS A 14 -2.41 27.31 8.67
C LYS A 14 -2.79 26.56 7.39
N GLU A 15 -3.04 27.30 6.32
CA GLU A 15 -3.40 26.70 5.05
C GLU A 15 -2.17 26.12 4.35
N VAL A 16 -2.13 24.80 4.23
CA VAL A 16 -1.01 24.12 3.58
C VAL A 16 -1.50 23.09 2.57
N TYR A 17 -0.69 22.83 1.56
CA TYR A 17 -1.05 21.87 0.52
C TYR A 17 -0.37 20.52 0.78
N GLN A 18 -1.08 19.64 1.49
CA GLN A 18 -0.54 18.32 1.80
C GLN A 18 -0.97 17.30 0.76
N CYS A 19 -0.09 16.33 0.49
CA CYS A 19 -0.39 15.30 -0.49
C CYS A 19 -1.40 14.30 0.05
N ARG A 20 -2.42 14.00 -0.75
CA ARG A 20 -3.46 13.07 -0.35
C ARG A 20 -3.00 11.62 -0.55
N LEU A 21 -1.69 11.43 -0.60
CA LEU A 21 -1.11 10.11 -0.78
C LEU A 21 -0.17 9.76 0.36
N CYS A 22 0.68 10.71 0.73
CA CYS A 22 1.63 10.52 1.81
C CYS A 22 1.47 11.59 2.89
N ASN A 23 0.62 12.58 2.61
CA ASN A 23 0.39 13.67 3.54
C ASN A 23 1.64 14.53 3.72
N ALA A 24 2.34 14.76 2.62
CA ALA A 24 3.56 15.56 2.65
C ALA A 24 3.28 17.00 2.23
N LYS A 25 3.67 17.95 3.09
CA LYS A 25 3.46 19.36 2.81
C LYS A 25 4.20 19.78 1.55
N LEU A 26 3.51 20.55 0.70
CA LEU A 26 4.10 21.02 -0.55
C LEU A 26 4.57 22.47 -0.41
N SER A 27 5.23 22.97 -1.45
CA SER A 27 5.74 24.33 -1.45
C SER A 27 4.77 25.28 -2.15
N SER A 28 3.88 24.72 -2.95
CA SER A 28 2.89 25.51 -3.69
C SER A 28 1.81 24.61 -4.27
N LEU A 29 0.65 25.20 -4.55
CA LEU A 29 -0.47 24.46 -5.11
C LEU A 29 -0.02 23.59 -6.29
N LEU A 30 0.94 24.09 -7.06
CA LEU A 30 1.46 23.36 -8.20
C LEU A 30 2.14 22.07 -7.76
N GLU A 31 3.17 22.18 -6.93
CA GLU A 31 3.89 21.02 -6.44
C GLU A 31 2.92 19.92 -6.01
N GLN A 32 1.72 20.32 -5.60
CA GLN A 32 0.71 19.37 -5.17
C GLN A 32 0.16 18.58 -6.35
N GLY A 33 -0.01 19.26 -7.48
CA GLY A 33 -0.53 18.61 -8.67
C GLY A 33 0.53 17.81 -9.40
N SER A 34 1.79 18.13 -9.14
CA SER A 34 2.90 17.44 -9.79
C SER A 34 3.41 16.29 -8.92
N HIS A 35 3.66 16.59 -7.65
CA HIS A 35 4.15 15.58 -6.72
C HIS A 35 3.20 14.39 -6.66
N GLU A 36 1.95 14.61 -7.07
CA GLU A 36 0.95 13.55 -7.07
C GLU A 36 1.11 12.64 -8.28
N ARG A 37 1.80 13.15 -9.30
CA ARG A 37 2.02 12.38 -10.53
C ARG A 37 3.09 11.31 -10.31
N LEU A 38 4.15 11.67 -9.60
CA LEU A 38 5.23 10.74 -9.32
C LEU A 38 4.96 9.95 -8.05
N CYS A 39 4.18 10.52 -7.15
CA CYS A 39 3.83 9.87 -5.89
C CYS A 39 2.69 8.88 -6.09
N ARG A 40 2.43 8.53 -7.35
CA ARG A 40 1.36 7.59 -7.67
C ARG A 40 1.93 6.28 -8.22
N ASN A 41 2.98 6.40 -9.03
CA ASN A 41 3.62 5.23 -9.63
C ASN A 41 4.91 4.89 -8.91
N ALA A 42 5.57 5.92 -8.37
CA ALA A 42 6.82 5.73 -7.65
C ALA A 42 6.86 4.38 -6.94
N ALA A 43 5.89 4.17 -6.05
CA ALA A 43 5.81 2.91 -5.31
C ALA A 43 4.39 2.38 -5.29
N VAL A 44 4.07 1.50 -6.22
CA VAL A 44 2.73 0.91 -6.30
C VAL A 44 2.77 -0.59 -6.05
N CYS A 45 2.01 -1.04 -5.06
CA CYS A 45 1.96 -2.45 -4.71
C CYS A 45 1.06 -3.22 -5.67
N PRO A 46 1.65 -4.18 -6.38
CA PRO A 46 0.92 -5.01 -7.36
C PRO A 46 -0.06 -5.96 -6.68
N TYR A 47 -0.20 -5.83 -5.37
CA TYR A 47 -1.10 -6.69 -4.60
C TYR A 47 -2.39 -5.96 -4.27
N CYS A 48 -2.26 -4.78 -3.65
CA CYS A 48 -3.42 -3.97 -3.28
C CYS A 48 -3.48 -2.69 -4.11
N SER A 49 -2.45 -2.47 -4.93
CA SER A 49 -2.39 -1.28 -5.77
C SER A 49 -2.27 -0.02 -4.91
N LEU A 50 -1.41 -0.07 -3.90
CA LEU A 50 -1.20 1.07 -3.02
C LEU A 50 -0.29 2.10 -3.67
N ARG A 51 0.03 3.15 -2.91
CA ARG A 51 0.90 4.20 -3.42
C ARG A 51 1.69 4.85 -2.28
N PHE A 52 2.98 4.53 -2.20
CA PHE A 52 3.84 5.06 -1.16
C PHE A 52 4.78 6.13 -1.73
N PHE A 53 4.98 7.20 -0.97
CA PHE A 53 5.85 8.29 -1.40
C PHE A 53 7.14 7.75 -2.00
N SER A 54 7.80 6.84 -1.28
CA SER A 54 9.05 6.26 -1.76
C SER A 54 8.86 4.77 -2.06
N PRO A 55 9.75 4.24 -2.92
CA PRO A 55 9.70 2.82 -3.33
C PRO A 55 10.09 1.89 -2.18
N GLU A 56 10.94 2.38 -1.28
CA GLU A 56 11.38 1.57 -0.15
C GLU A 56 10.23 1.32 0.82
N LEU A 57 9.41 2.34 1.04
CA LEU A 57 8.27 2.23 1.94
C LEU A 57 7.31 1.14 1.48
N LYS A 58 7.19 0.98 0.16
CA LYS A 58 6.32 -0.03 -0.40
C LYS A 58 6.86 -1.43 -0.16
N GLN A 59 8.17 -1.59 -0.31
CA GLN A 59 8.81 -2.88 -0.09
C GLN A 59 8.51 -3.41 1.30
N GLU A 60 8.36 -2.50 2.26
CA GLU A 60 8.09 -2.88 3.64
C GLU A 60 6.65 -3.38 3.78
N HIS A 61 5.72 -2.69 3.12
CA HIS A 61 4.31 -3.06 3.18
C HIS A 61 4.08 -4.41 2.51
N GLU A 62 4.61 -4.56 1.29
CA GLU A 62 4.45 -5.81 0.55
C GLU A 62 4.70 -7.02 1.45
N SER A 63 5.62 -6.87 2.39
CA SER A 63 5.96 -7.94 3.31
C SER A 63 4.81 -8.20 4.29
N LYS A 64 4.10 -7.14 4.66
CA LYS A 64 2.99 -7.25 5.58
C LYS A 64 1.66 -6.99 4.86
N CYS A 65 1.69 -7.08 3.53
CA CYS A 65 0.50 -6.86 2.72
C CYS A 65 -0.47 -8.03 2.86
N GLU A 66 -1.70 -7.74 3.27
CA GLU A 66 -2.72 -8.77 3.42
C GLU A 66 -2.99 -9.48 2.11
N TYR A 67 -2.71 -8.80 1.01
CA TYR A 67 -2.93 -9.37 -0.32
C TYR A 67 -1.74 -10.23 -0.73
N LYS A 68 -0.54 -9.82 -0.31
CA LYS A 68 0.67 -10.56 -0.64
C LYS A 68 0.46 -12.06 -0.49
N LYS A 69 -0.32 -12.45 0.50
CA LYS A 69 -0.62 -13.86 0.75
C LYS A 69 -1.75 -14.35 -0.15
N LEU A 70 -2.70 -13.46 -0.43
CA LEU A 70 -3.84 -13.80 -1.27
C LEU A 70 -3.53 -13.52 -2.74
N THR A 71 -2.25 -13.59 -3.09
CA THR A 71 -1.82 -13.34 -4.46
C THR A 71 -0.99 -14.51 -4.99
N CYS A 72 -1.58 -15.27 -5.91
CA CYS A 72 -0.89 -16.41 -6.50
C CYS A 72 0.30 -15.96 -7.34
N LEU A 73 1.44 -15.77 -6.69
CA LEU A 73 2.65 -15.35 -7.38
C LEU A 73 2.90 -16.19 -8.63
N GLU A 74 2.48 -17.45 -8.58
CA GLU A 74 2.64 -18.36 -9.70
C GLU A 74 2.14 -17.72 -11.00
N CYS A 75 0.86 -17.41 -11.03
CA CYS A 75 0.24 -16.80 -12.20
C CYS A 75 -0.28 -15.40 -11.89
N MET A 76 0.29 -14.78 -10.86
CA MET A 76 -0.12 -13.44 -10.45
C MET A 76 -1.63 -13.31 -10.45
N ARG A 77 -2.30 -14.22 -9.74
CA ARG A 77 -3.75 -14.21 -9.66
C ARG A 77 -4.22 -13.99 -8.22
N THR A 78 -4.73 -12.80 -7.94
CA THR A 78 -5.21 -12.47 -6.60
C THR A 78 -6.62 -12.99 -6.38
N PHE A 79 -6.94 -13.30 -5.12
CA PHE A 79 -8.26 -13.82 -4.78
C PHE A 79 -8.86 -13.03 -3.61
N LYS A 80 -10.05 -13.44 -3.19
CA LYS A 80 -10.72 -12.78 -2.08
C LYS A 80 -10.31 -13.38 -0.74
N SER A 81 -10.21 -14.71 -0.70
CA SER A 81 -9.82 -15.40 0.52
C SER A 81 -8.69 -16.39 0.25
N SER A 82 -8.28 -17.11 1.27
CA SER A 82 -7.20 -18.09 1.15
C SER A 82 -7.75 -19.46 0.75
N PHE A 83 -8.97 -19.76 1.20
CA PHE A 83 -9.61 -21.02 0.90
C PHE A 83 -10.00 -21.10 -0.58
N SER A 84 -10.30 -19.95 -1.16
CA SER A 84 -10.68 -19.88 -2.56
C SER A 84 -9.48 -20.14 -3.47
N ILE A 85 -8.42 -19.37 -3.27
CA ILE A 85 -7.21 -19.52 -4.07
C ILE A 85 -6.60 -20.90 -3.89
N TRP A 86 -6.53 -21.35 -2.64
CA TRP A 86 -5.96 -22.66 -2.34
C TRP A 86 -6.40 -23.70 -3.36
N ARG A 87 -7.69 -23.68 -3.70
CA ARG A 87 -8.24 -24.62 -4.66
C ARG A 87 -7.63 -24.39 -6.05
N HIS A 88 -7.41 -23.14 -6.39
CA HIS A 88 -6.84 -22.78 -7.69
C HIS A 88 -5.37 -23.22 -7.77
N GLN A 89 -4.74 -23.38 -6.61
CA GLN A 89 -3.35 -23.79 -6.55
C GLN A 89 -3.24 -25.30 -6.34
N VAL A 90 -4.29 -25.89 -5.79
CA VAL A 90 -4.30 -27.33 -5.54
C VAL A 90 -4.95 -28.09 -6.69
N GLU A 91 -5.82 -27.40 -7.43
CA GLU A 91 -6.49 -28.00 -8.57
C GLU A 91 -5.72 -27.77 -9.86
N VAL A 92 -5.06 -26.62 -9.96
CA VAL A 92 -4.28 -26.28 -11.13
C VAL A 92 -2.80 -26.55 -10.90
N HIS A 93 -2.20 -25.80 -9.99
CA HIS A 93 -0.78 -25.96 -9.67
C HIS A 93 -0.55 -27.20 -8.82
N ASN A 94 -1.62 -27.70 -8.22
CA ASN A 94 -1.53 -28.89 -7.38
C ASN A 94 -0.43 -28.75 -6.33
N GLN A 95 -0.50 -27.66 -5.56
CA GLN A 95 0.50 -27.41 -4.53
C GLN A 95 -0.16 -27.36 -3.14
N ASN A 96 0.07 -28.40 -2.35
CA ASN A 96 -0.50 -28.47 -1.01
C ASN A 96 0.37 -27.72 -0.02
N ASN A 97 0.81 -26.52 -0.39
CA ASN A 97 1.64 -25.70 0.47
C ASN A 97 0.92 -25.33 1.76
N MET A 98 1.68 -24.92 2.77
CA MET A 98 1.09 -24.54 4.05
C MET A 98 -0.27 -23.88 3.85
N ALA A 99 -1.21 -24.23 4.71
CA ALA A 99 -2.56 -23.67 4.63
C ALA A 99 -3.13 -23.40 6.03
N PRO A 100 -4.11 -22.49 6.10
CA PRO A 100 -4.76 -22.14 7.37
C PRO A 100 -5.61 -23.26 7.93
N THR A 101 -5.49 -24.44 7.33
CA THR A 101 -6.25 -25.60 7.78
C THR A 101 -5.68 -26.18 9.06
N SER A 102 -5.51 -25.33 10.07
CA SER A 102 -4.96 -25.75 11.35
C SER A 102 -5.79 -25.18 12.50
N GLY A 103 -5.65 -25.79 13.67
CA GLY A 103 -6.38 -25.32 14.84
C GLY A 103 -7.11 -26.45 15.55
N PRO A 104 -8.06 -27.08 14.85
CA PRO A 104 -8.84 -28.18 15.40
C PRO A 104 -8.02 -29.45 15.59
N SER A 105 -6.75 -29.38 15.20
CA SER A 105 -5.86 -30.53 15.32
C SER A 105 -6.18 -31.34 16.57
N SER A 106 -5.97 -32.66 16.48
CA SER A 106 -6.25 -33.54 17.60
C SER A 106 -5.39 -34.80 17.51
N GLY A 107 -5.05 -35.36 18.68
CA GLY A 107 -4.24 -36.56 18.70
C GLY A 107 -3.07 -36.44 19.65
ZN ZN B . 2.73 12.07 -1.87
ZN ZN C . -0.11 -4.33 -1.00
ZN ZN D . -2.00 -19.54 -9.96
N GLY A 1 0.25 -0.32 37.83
CA GLY A 1 -0.30 0.34 36.66
C GLY A 1 0.77 0.94 35.77
N SER A 2 0.38 1.36 34.57
CA SER A 2 1.32 1.96 33.63
C SER A 2 0.87 3.36 33.22
N SER A 3 1.81 4.16 32.73
CA SER A 3 1.51 5.52 32.31
C SER A 3 1.93 5.74 30.86
N GLY A 4 1.61 6.92 30.33
CA GLY A 4 1.96 7.23 28.96
C GLY A 4 1.23 8.44 28.43
N SER A 5 1.72 9.02 27.34
CA SER A 5 1.10 10.20 26.75
C SER A 5 1.71 10.50 25.37
N SER A 6 0.91 11.10 24.50
CA SER A 6 1.35 11.44 23.16
C SER A 6 0.37 12.37 22.47
N GLY A 7 0.88 13.23 21.60
CA GLY A 7 0.03 14.17 20.88
C GLY A 7 0.78 14.91 19.79
N ALA A 8 0.46 16.18 19.62
CA ALA A 8 1.10 17.01 18.61
C ALA A 8 1.15 18.48 19.04
N SER A 9 1.93 19.28 18.31
CA SER A 9 2.06 20.69 18.62
C SER A 9 1.94 21.54 17.35
N PRO A 10 0.72 22.01 17.06
CA PRO A 10 0.45 22.83 15.89
C PRO A 10 1.07 24.23 16.00
N VAL A 11 1.80 24.62 14.97
CA VAL A 11 2.46 25.93 14.94
C VAL A 11 2.00 26.74 13.74
N GLU A 12 1.55 27.97 13.98
CA GLU A 12 1.09 28.85 12.92
C GLU A 12 2.01 28.75 11.71
N ASN A 13 1.44 28.92 10.52
CA ASN A 13 2.20 28.85 9.27
C ASN A 13 1.57 29.72 8.19
N LYS A 14 2.30 29.94 7.12
CA LYS A 14 1.82 30.75 6.01
C LYS A 14 1.26 29.87 4.89
N GLU A 15 0.26 30.37 4.17
CA GLU A 15 -0.35 29.63 3.08
C GLU A 15 0.69 28.76 2.37
N VAL A 16 0.53 27.45 2.47
CA VAL A 16 1.44 26.51 1.84
C VAL A 16 0.69 25.49 1.00
N TYR A 17 1.32 25.01 -0.06
CA TYR A 17 0.71 24.03 -0.94
C TYR A 17 1.09 22.61 -0.52
N GLN A 18 0.18 21.95 0.19
CA GLN A 18 0.43 20.59 0.66
C GLN A 18 -0.18 19.57 -0.31
N CYS A 19 0.47 18.41 -0.43
CA CYS A 19 -0.01 17.36 -1.32
C CYS A 19 -1.28 16.71 -0.76
N ARG A 20 -2.26 16.52 -1.64
CA ARG A 20 -3.53 15.92 -1.24
C ARG A 20 -3.42 14.40 -1.22
N LEU A 21 -2.20 13.90 -1.09
CA LEU A 21 -1.95 12.46 -1.06
C LEU A 21 -1.19 12.06 0.19
N CYS A 22 -0.16 12.84 0.52
CA CYS A 22 0.66 12.57 1.69
C CYS A 22 0.70 13.78 2.63
N ASN A 23 0.21 14.91 2.12
CA ASN A 23 0.19 16.14 2.91
C ASN A 23 1.60 16.69 3.09
N ALA A 24 2.38 16.70 2.02
CA ALA A 24 3.75 17.21 2.07
C ALA A 24 3.82 18.63 1.54
N LYS A 25 4.40 19.52 2.34
CA LYS A 25 4.53 20.93 1.96
C LYS A 25 5.39 21.06 0.71
N LEU A 26 4.86 21.73 -0.31
CA LEU A 26 5.58 21.93 -1.56
C LEU A 26 6.34 23.26 -1.54
N SER A 27 7.09 23.51 -2.61
CA SER A 27 7.86 24.75 -2.71
C SER A 27 7.15 25.75 -3.63
N SER A 28 6.14 25.28 -4.36
CA SER A 28 5.40 26.13 -5.27
C SER A 28 4.18 25.39 -5.84
N LEU A 29 3.24 26.15 -6.38
CA LEU A 29 2.03 25.56 -6.96
C LEU A 29 2.37 24.47 -7.96
N LEU A 30 3.41 24.71 -8.77
CA LEU A 30 3.83 23.74 -9.77
C LEU A 30 4.23 22.43 -9.11
N GLU A 31 5.15 22.51 -8.14
CA GLU A 31 5.61 21.32 -7.43
C GLU A 31 4.44 20.46 -6.97
N GLN A 32 3.31 21.12 -6.71
CA GLN A 32 2.11 20.42 -6.26
C GLN A 32 1.48 19.62 -7.40
N GLY A 33 1.14 20.31 -8.48
CA GLY A 33 0.54 19.66 -9.62
C GLY A 33 1.44 18.59 -10.22
N SER A 34 2.73 18.68 -9.95
CA SER A 34 3.69 17.72 -10.47
C SER A 34 3.91 16.58 -9.48
N HIS A 35 4.20 16.93 -8.24
CA HIS A 35 4.44 15.94 -7.19
C HIS A 35 3.28 14.95 -7.12
N GLU A 36 2.10 15.40 -7.52
CA GLU A 36 0.91 14.56 -7.49
C GLU A 36 0.99 13.47 -8.57
N ARG A 37 1.76 13.74 -9.62
CA ARG A 37 1.92 12.79 -10.70
C ARG A 37 2.81 11.62 -10.29
N LEU A 38 3.90 11.93 -9.60
CA LEU A 38 4.83 10.91 -9.14
C LEU A 38 4.33 10.27 -7.84
N CYS A 39 3.73 11.08 -6.98
CA CYS A 39 3.21 10.61 -5.71
C CYS A 39 2.05 9.64 -5.92
N ARG A 40 1.65 9.48 -7.18
CA ARG A 40 0.55 8.59 -7.52
C ARG A 40 1.06 7.21 -7.91
N ASN A 41 2.15 7.19 -8.68
CA ASN A 41 2.74 5.93 -9.13
C ASN A 41 4.15 5.77 -8.57
N ALA A 42 4.36 6.29 -7.37
CA ALA A 42 5.67 6.20 -6.72
C ALA A 42 5.89 4.81 -6.12
N ALA A 43 4.96 4.38 -5.27
CA ALA A 43 5.04 3.07 -4.64
C ALA A 43 3.72 2.33 -4.71
N VAL A 44 3.60 1.43 -5.69
CA VAL A 44 2.38 0.67 -5.87
C VAL A 44 2.64 -0.82 -5.67
N CYS A 45 1.98 -1.40 -4.66
CA CYS A 45 2.15 -2.82 -4.37
C CYS A 45 1.48 -3.69 -5.43
N PRO A 46 2.27 -4.57 -6.06
CA PRO A 46 1.77 -5.47 -7.11
C PRO A 46 0.85 -6.54 -6.55
N TYR A 47 0.48 -6.41 -5.28
CA TYR A 47 -0.39 -7.38 -4.64
C TYR A 47 -1.78 -6.76 -4.38
N CYS A 48 -1.80 -5.70 -3.58
CA CYS A 48 -3.05 -5.02 -3.26
C CYS A 48 -3.18 -3.71 -4.02
N SER A 49 -2.24 -3.47 -4.94
CA SER A 49 -2.24 -2.24 -5.72
C SER A 49 -2.37 -1.02 -4.82
N LEU A 50 -1.60 -0.99 -3.75
CA LEU A 50 -1.63 0.12 -2.81
C LEU A 50 -0.92 1.34 -3.39
N ARG A 51 -0.86 2.41 -2.61
CA ARG A 51 -0.20 3.64 -3.03
C ARG A 51 0.42 4.37 -1.84
N PHE A 52 1.73 4.30 -1.72
CA PHE A 52 2.44 4.96 -0.62
C PHE A 52 3.24 6.15 -1.14
N PHE A 53 3.51 7.10 -0.25
CA PHE A 53 4.27 8.30 -0.60
C PHE A 53 5.65 7.93 -1.12
N SER A 54 6.32 7.03 -0.42
CA SER A 54 7.66 6.60 -0.80
C SER A 54 7.68 5.10 -1.13
N PRO A 55 8.65 4.69 -1.95
CA PRO A 55 8.80 3.29 -2.36
C PRO A 55 9.24 2.39 -1.20
N GLU A 56 9.84 3.01 -0.18
CA GLU A 56 10.32 2.25 0.98
C GLU A 56 9.16 1.83 1.87
N LEU A 57 8.09 2.63 1.85
CA LEU A 57 6.90 2.33 2.65
C LEU A 57 6.21 1.08 2.16
N LYS A 58 5.97 1.00 0.86
CA LYS A 58 5.31 -0.15 0.26
C LYS A 58 6.19 -1.39 0.38
N GLN A 59 7.50 -1.20 0.30
CA GLN A 59 8.44 -2.31 0.40
C GLN A 59 8.23 -3.09 1.69
N GLU A 60 8.30 -2.38 2.82
CA GLU A 60 8.12 -3.01 4.12
C GLU A 60 6.76 -3.68 4.22
N HIS A 61 5.78 -3.09 3.55
CA HIS A 61 4.42 -3.63 3.55
C HIS A 61 4.36 -4.99 2.86
N GLU A 62 4.85 -5.03 1.62
CA GLU A 62 4.86 -6.26 0.85
C GLU A 62 5.26 -7.44 1.72
N SER A 63 6.40 -7.32 2.38
CA SER A 63 6.90 -8.39 3.25
C SER A 63 5.81 -8.89 4.17
N LYS A 64 4.92 -8.00 4.58
CA LYS A 64 3.82 -8.35 5.47
C LYS A 64 2.48 -8.01 4.84
N CYS A 65 2.43 -8.02 3.51
CA CYS A 65 1.21 -7.71 2.79
C CYS A 65 0.25 -8.90 2.79
N GLU A 66 -0.86 -8.77 3.49
CA GLU A 66 -1.85 -9.83 3.58
C GLU A 66 -2.26 -10.31 2.19
N TYR A 67 -2.34 -9.37 1.26
CA TYR A 67 -2.72 -9.69 -0.12
C TYR A 67 -1.66 -10.53 -0.81
N LYS A 68 -0.41 -10.35 -0.38
CA LYS A 68 0.71 -11.08 -0.94
C LYS A 68 0.45 -12.59 -0.91
N LYS A 69 0.17 -13.10 0.28
CA LYS A 69 -0.11 -14.52 0.46
C LYS A 69 -1.37 -14.93 -0.28
N LEU A 70 -2.24 -13.94 -0.55
CA LEU A 70 -3.49 -14.20 -1.25
C LEU A 70 -3.31 -14.05 -2.76
N THR A 71 -2.11 -13.63 -3.17
CA THR A 71 -1.82 -13.44 -4.58
C THR A 71 -1.09 -14.65 -5.15
N CYS A 72 -1.78 -15.41 -6.00
CA CYS A 72 -1.21 -16.60 -6.61
C CYS A 72 0.02 -16.23 -7.45
N LEU A 73 1.18 -16.15 -6.79
CA LEU A 73 2.42 -15.81 -7.47
C LEU A 73 2.55 -16.60 -8.78
N GLU A 74 2.05 -17.83 -8.77
CA GLU A 74 2.11 -18.68 -9.96
C GLU A 74 1.64 -17.93 -11.19
N CYS A 75 0.39 -17.48 -11.16
CA CYS A 75 -0.19 -16.75 -12.28
C CYS A 75 -0.63 -15.35 -11.85
N MET A 76 0.06 -14.79 -10.87
CA MET A 76 -0.25 -13.46 -10.37
C MET A 76 -1.77 -13.25 -10.32
N ARG A 77 -2.46 -14.15 -9.63
CA ARG A 77 -3.91 -14.06 -9.50
C ARG A 77 -4.31 -13.84 -8.04
N THR A 78 -4.85 -12.66 -7.76
CA THR A 78 -5.28 -12.32 -6.40
C THR A 78 -6.73 -12.72 -6.18
N PHE A 79 -6.99 -13.36 -5.03
CA PHE A 79 -8.34 -13.79 -4.70
C PHE A 79 -8.87 -13.03 -3.49
N LYS A 80 -10.09 -13.35 -3.07
CA LYS A 80 -10.71 -12.70 -1.93
C LYS A 80 -10.18 -13.28 -0.61
N SER A 81 -10.12 -14.60 -0.54
CA SER A 81 -9.64 -15.27 0.66
C SER A 81 -8.58 -16.32 0.30
N SER A 82 -8.01 -16.94 1.32
CA SER A 82 -6.98 -17.95 1.13
C SER A 82 -7.61 -19.31 0.80
N PHE A 83 -8.78 -19.57 1.38
CA PHE A 83 -9.49 -20.82 1.14
C PHE A 83 -9.94 -20.93 -0.31
N SER A 84 -10.31 -19.79 -0.89
CA SER A 84 -10.76 -19.76 -2.27
C SER A 84 -9.62 -20.06 -3.23
N ILE A 85 -8.60 -19.22 -3.20
CA ILE A 85 -7.43 -19.40 -4.07
C ILE A 85 -6.81 -20.78 -3.87
N TRP A 86 -6.75 -21.23 -2.63
CA TRP A 86 -6.18 -22.53 -2.30
C TRP A 86 -6.64 -23.59 -3.29
N ARG A 87 -7.94 -23.60 -3.56
CA ARG A 87 -8.52 -24.57 -4.49
C ARG A 87 -7.97 -24.35 -5.90
N HIS A 88 -7.80 -23.09 -6.28
CA HIS A 88 -7.28 -22.75 -7.60
C HIS A 88 -5.82 -23.17 -7.73
N GLN A 89 -5.14 -23.28 -6.60
CA GLN A 89 -3.73 -23.67 -6.60
C GLN A 89 -3.58 -25.17 -6.36
N VAL A 90 -4.60 -25.77 -5.76
CA VAL A 90 -4.58 -27.20 -5.47
C VAL A 90 -5.27 -27.99 -6.58
N GLU A 91 -6.18 -27.33 -7.30
CA GLU A 91 -6.92 -27.97 -8.38
C GLU A 91 -6.21 -27.75 -9.72
N VAL A 92 -5.74 -26.53 -9.94
CA VAL A 92 -5.06 -26.19 -11.19
C VAL A 92 -3.56 -26.47 -11.08
N HIS A 93 -2.88 -25.72 -10.22
CA HIS A 93 -1.45 -25.88 -10.03
C HIS A 93 -1.16 -27.14 -9.22
N ASN A 94 -2.13 -27.56 -8.41
CA ASN A 94 -1.97 -28.75 -7.59
C ASN A 94 -0.74 -28.64 -6.70
N GLN A 95 -0.66 -27.55 -5.93
CA GLN A 95 0.47 -27.32 -5.04
C GLN A 95 0.04 -27.38 -3.59
N ASN A 96 0.21 -28.54 -2.96
CA ASN A 96 -0.16 -28.72 -1.56
C ASN A 96 1.07 -28.89 -0.69
N ASN A 97 1.68 -27.78 -0.31
CA ASN A 97 2.87 -27.79 0.53
C ASN A 97 2.60 -27.10 1.87
N MET A 98 2.89 -27.80 2.96
CA MET A 98 2.68 -27.25 4.29
C MET A 98 1.42 -26.40 4.34
N ALA A 99 0.46 -26.73 3.49
CA ALA A 99 -0.81 -26.01 3.43
C ALA A 99 -1.23 -25.54 4.83
N PRO A 100 -1.92 -24.39 4.88
CA PRO A 100 -2.40 -23.82 6.14
C PRO A 100 -3.52 -24.65 6.76
N THR A 101 -3.16 -25.51 7.71
CA THR A 101 -4.13 -26.35 8.38
C THR A 101 -5.01 -25.54 9.32
N SER A 102 -4.39 -24.65 10.09
CA SER A 102 -5.11 -23.81 11.04
C SER A 102 -6.14 -22.95 10.32
N GLY A 103 -7.38 -23.02 10.79
CA GLY A 103 -8.45 -22.25 10.19
C GLY A 103 -9.79 -22.50 10.83
N PRO A 104 -10.87 -22.01 10.21
CA PRO A 104 -12.23 -22.18 10.71
C PRO A 104 -12.72 -23.61 10.60
N SER A 105 -12.15 -24.36 9.65
CA SER A 105 -12.52 -25.75 9.44
C SER A 105 -14.05 -25.91 9.47
N SER A 106 -14.74 -24.98 8.83
CA SER A 106 -16.20 -25.01 8.78
C SER A 106 -16.69 -25.01 7.34
N GLY A 107 -17.97 -25.32 7.17
CA GLY A 107 -18.55 -25.35 5.83
C GLY A 107 -19.15 -24.02 5.43
ZN ZN B . 2.29 13.34 -2.03
ZN ZN C . 0.23 -5.17 -0.82
ZN ZN D . -2.59 -19.47 -10.21
N GLY A 1 32.88 32.24 11.75
CA GLY A 1 32.12 33.21 10.98
C GLY A 1 32.51 34.64 11.30
N SER A 2 33.02 35.35 10.30
CA SER A 2 33.43 36.74 10.48
C SER A 2 32.46 37.48 11.40
N SER A 3 31.18 37.28 11.18
CA SER A 3 30.14 37.92 11.98
C SER A 3 29.12 36.91 12.48
N GLY A 4 28.68 36.04 11.58
CA GLY A 4 27.69 35.03 11.93
C GLY A 4 26.27 35.49 11.68
N SER A 5 25.33 34.54 11.70
CA SER A 5 23.93 34.86 11.47
C SER A 5 23.03 33.76 12.04
N SER A 6 22.19 34.14 12.99
CA SER A 6 21.28 33.18 13.61
C SER A 6 19.97 33.87 14.03
N GLY A 7 18.87 33.14 13.89
CA GLY A 7 17.57 33.70 14.25
C GLY A 7 16.44 32.70 14.08
N ALA A 8 15.21 33.15 14.33
CA ALA A 8 14.05 32.28 14.20
C ALA A 8 12.87 33.03 13.60
N SER A 9 11.78 32.32 13.37
CA SER A 9 10.57 32.93 12.80
C SER A 9 9.32 32.41 13.50
N PRO A 10 8.41 33.34 13.83
CA PRO A 10 7.14 33.01 14.50
C PRO A 10 6.19 32.24 13.60
N VAL A 11 5.10 31.74 14.19
CA VAL A 11 4.11 30.99 13.44
C VAL A 11 2.72 31.60 13.58
N GLU A 12 2.13 31.99 12.45
CA GLU A 12 0.81 32.60 12.45
C GLU A 12 -0.02 32.09 11.28
N ASN A 13 -1.22 32.65 11.12
CA ASN A 13 -2.11 32.25 10.04
C ASN A 13 -1.41 32.37 8.69
N LYS A 14 -1.22 31.23 8.03
CA LYS A 14 -0.56 31.21 6.73
C LYS A 14 -1.23 30.19 5.81
N GLU A 15 -0.93 30.28 4.51
CA GLU A 15 -1.50 29.36 3.53
C GLU A 15 -0.40 28.60 2.81
N VAL A 16 -0.41 27.27 2.95
CA VAL A 16 0.59 26.43 2.31
C VAL A 16 -0.08 25.31 1.50
N TYR A 17 0.59 24.87 0.45
CA TYR A 17 0.07 23.82 -0.41
C TYR A 17 0.62 22.45 0.01
N GLN A 18 -0.14 21.74 0.83
CA GLN A 18 0.28 20.42 1.30
C GLN A 18 -0.24 19.32 0.37
N CYS A 19 0.53 18.26 0.24
CA CYS A 19 0.16 17.13 -0.61
C CYS A 19 -0.93 16.30 0.04
N ARG A 20 -1.97 15.96 -0.74
CA ARG A 20 -3.07 15.17 -0.24
C ARG A 20 -2.73 13.68 -0.28
N LEU A 21 -1.44 13.38 -0.27
CA LEU A 21 -0.98 11.99 -0.31
C LEU A 21 -0.05 11.70 0.87
N CYS A 22 0.87 12.63 1.13
CA CYS A 22 1.82 12.47 2.22
C CYS A 22 1.77 13.67 3.16
N ASN A 23 1.04 14.71 2.76
CA ASN A 23 0.91 15.91 3.56
C ASN A 23 2.24 16.66 3.65
N ALA A 24 2.95 16.72 2.52
CA ALA A 24 4.24 17.39 2.48
C ALA A 24 4.12 18.78 1.86
N LYS A 25 4.44 19.81 2.64
CA LYS A 25 4.36 21.19 2.17
C LYS A 25 5.11 21.36 0.85
N LEU A 26 4.49 22.04 -0.09
CA LEU A 26 5.11 22.27 -1.39
C LEU A 26 5.73 23.66 -1.46
N SER A 27 6.42 23.95 -2.56
CA SER A 27 7.07 25.24 -2.75
C SER A 27 6.19 26.18 -3.55
N SER A 28 5.17 25.63 -4.20
CA SER A 28 4.25 26.41 -5.01
C SER A 28 3.08 25.56 -5.50
N LEU A 29 2.04 26.21 -5.99
CA LEU A 29 0.86 25.52 -6.50
C LEU A 29 1.25 24.43 -7.49
N LEU A 30 2.23 24.73 -8.34
CA LEU A 30 2.70 23.78 -9.34
C LEU A 30 3.24 22.52 -8.67
N GLU A 31 4.29 22.69 -7.87
CA GLU A 31 4.90 21.56 -7.17
C GLU A 31 3.83 20.61 -6.62
N GLN A 32 2.66 21.17 -6.32
CA GLN A 32 1.56 20.38 -5.78
C GLN A 32 0.92 19.53 -6.88
N GLY A 33 0.63 20.15 -8.01
CA GLY A 33 0.02 19.43 -9.11
C GLY A 33 0.96 18.45 -9.77
N SER A 34 2.26 18.67 -9.59
CA SER A 34 3.27 17.79 -10.17
C SER A 34 3.68 16.70 -9.17
N HIS A 35 4.02 17.12 -7.96
CA HIS A 35 4.41 16.18 -6.91
C HIS A 35 3.38 15.08 -6.74
N GLU A 36 2.13 15.38 -7.08
CA GLU A 36 1.05 14.41 -6.96
C GLU A 36 1.13 13.36 -8.06
N ARG A 37 1.79 13.72 -9.16
CA ARG A 37 1.95 12.81 -10.29
C ARG A 37 2.92 11.69 -9.96
N LEU A 38 4.05 12.06 -9.35
CA LEU A 38 5.07 11.09 -8.97
C LEU A 38 4.77 10.48 -7.61
N CYS A 39 4.06 11.23 -6.77
CA CYS A 39 3.70 10.77 -5.43
C CYS A 39 2.49 9.85 -5.50
N ARG A 40 2.11 9.44 -6.70
CA ARG A 40 0.96 8.56 -6.89
C ARG A 40 1.39 7.24 -7.53
N ASN A 41 2.42 7.30 -8.37
CA ASN A 41 2.93 6.12 -9.05
C ASN A 41 4.32 5.76 -8.56
N ALA A 42 4.75 6.41 -7.47
CA ALA A 42 6.06 6.15 -6.90
C ALA A 42 6.16 4.73 -6.36
N ALA A 43 5.19 4.35 -5.53
CA ALA A 43 5.18 3.02 -4.94
C ALA A 43 3.78 2.41 -5.02
N VAL A 44 3.57 1.53 -5.99
CA VAL A 44 2.28 0.88 -6.17
C VAL A 44 2.40 -0.64 -6.01
N CYS A 45 1.86 -1.17 -4.92
CA CYS A 45 1.91 -2.60 -4.65
C CYS A 45 1.10 -3.37 -5.68
N PRO A 46 1.78 -4.27 -6.42
CA PRO A 46 1.14 -5.09 -7.44
C PRO A 46 0.20 -6.13 -6.86
N TYR A 47 -0.01 -6.06 -5.55
CA TYR A 47 -0.89 -7.01 -4.86
C TYR A 47 -2.24 -6.37 -4.56
N CYS A 48 -2.22 -5.29 -3.79
CA CYS A 48 -3.45 -4.58 -3.42
C CYS A 48 -3.58 -3.28 -4.20
N SER A 49 -2.48 -2.87 -4.85
CA SER A 49 -2.48 -1.63 -5.63
C SER A 49 -2.45 -0.42 -4.72
N LEU A 50 -1.64 -0.49 -3.67
CA LEU A 50 -1.52 0.61 -2.71
C LEU A 50 -0.72 1.76 -3.31
N ARG A 51 -0.49 2.79 -2.51
CA ARG A 51 0.26 3.96 -2.97
C ARG A 51 1.01 4.60 -1.80
N PHE A 52 2.32 4.41 -1.77
CA PHE A 52 3.15 4.97 -0.71
C PHE A 52 4.02 6.12 -1.25
N PHE A 53 4.29 7.09 -0.38
CA PHE A 53 5.09 8.24 -0.77
C PHE A 53 6.44 7.80 -1.34
N SER A 54 7.01 6.76 -0.75
CA SER A 54 8.30 6.24 -1.19
C SER A 54 8.18 4.77 -1.59
N PRO A 55 9.11 4.31 -2.44
CA PRO A 55 9.15 2.93 -2.91
C PRO A 55 9.53 1.95 -1.81
N GLU A 56 10.19 2.44 -0.78
CA GLU A 56 10.60 1.61 0.34
C GLU A 56 9.41 1.19 1.18
N LEU A 57 8.52 2.14 1.46
CA LEU A 57 7.33 1.87 2.27
C LEU A 57 6.51 0.75 1.66
N LYS A 58 6.56 0.64 0.33
CA LYS A 58 5.83 -0.40 -0.38
C LYS A 58 6.52 -1.76 -0.24
N GLN A 59 7.84 -1.75 -0.34
CA GLN A 59 8.63 -2.98 -0.22
C GLN A 59 8.37 -3.66 1.11
N GLU A 60 8.49 -2.91 2.20
CA GLU A 60 8.28 -3.45 3.53
C GLU A 60 6.86 -3.99 3.67
N HIS A 61 5.90 -3.31 3.08
CA HIS A 61 4.50 -3.72 3.13
C HIS A 61 4.30 -5.03 2.36
N GLU A 62 4.66 -5.01 1.08
CA GLU A 62 4.51 -6.19 0.24
C GLU A 62 4.79 -7.46 1.02
N SER A 63 5.95 -7.51 1.67
CA SER A 63 6.35 -8.67 2.46
C SER A 63 5.24 -9.07 3.43
N LYS A 64 4.65 -8.08 4.10
CA LYS A 64 3.58 -8.33 5.06
C LYS A 64 2.23 -7.90 4.48
N CYS A 65 2.14 -7.89 3.15
CA CYS A 65 0.90 -7.50 2.48
C CYS A 65 -0.12 -8.62 2.53
N GLU A 66 -1.22 -8.38 3.26
CA GLU A 66 -2.27 -9.37 3.40
C GLU A 66 -2.61 -10.00 2.05
N TYR A 67 -2.60 -9.18 1.01
CA TYR A 67 -2.90 -9.65 -0.34
C TYR A 67 -1.80 -10.57 -0.86
N LYS A 68 -0.55 -10.25 -0.51
CA LYS A 68 0.59 -11.04 -0.94
C LYS A 68 0.24 -12.53 -0.99
N LYS A 69 -0.42 -13.00 0.07
CA LYS A 69 -0.81 -14.40 0.14
C LYS A 69 -1.88 -14.73 -0.91
N LEU A 70 -2.99 -14.01 -0.85
CA LEU A 70 -4.09 -14.21 -1.80
C LEU A 70 -3.59 -14.10 -3.24
N THR A 71 -2.43 -13.46 -3.40
CA THR A 71 -1.85 -13.27 -4.73
C THR A 71 -1.06 -14.50 -5.16
N CYS A 72 -1.65 -15.32 -6.01
CA CYS A 72 -0.99 -16.53 -6.50
C CYS A 72 0.18 -16.18 -7.40
N LEU A 73 1.32 -15.85 -6.78
CA LEU A 73 2.52 -15.49 -7.54
C LEU A 73 2.71 -16.43 -8.73
N GLU A 74 2.43 -17.71 -8.51
CA GLU A 74 2.58 -18.70 -9.57
C GLU A 74 2.05 -18.17 -10.90
N CYS A 75 0.81 -17.69 -10.89
CA CYS A 75 0.19 -17.15 -12.09
C CYS A 75 -0.43 -15.79 -11.81
N MET A 76 0.24 -14.98 -11.00
CA MET A 76 -0.25 -13.65 -10.66
C MET A 76 -1.77 -13.63 -10.61
N ARG A 77 -2.35 -14.52 -9.81
CA ARG A 77 -3.80 -14.60 -9.68
C ARG A 77 -4.22 -14.34 -8.23
N THR A 78 -4.77 -13.15 -8.00
CA THR A 78 -5.21 -12.78 -6.67
C THR A 78 -6.66 -13.19 -6.43
N PHE A 79 -6.95 -13.67 -5.23
CA PHE A 79 -8.29 -14.11 -4.88
C PHE A 79 -8.86 -13.27 -3.74
N LYS A 80 -10.05 -13.64 -3.27
CA LYS A 80 -10.70 -12.92 -2.19
C LYS A 80 -10.41 -13.58 -0.85
N SER A 81 -10.44 -14.91 -0.83
CA SER A 81 -10.18 -15.66 0.40
C SER A 81 -9.03 -16.65 0.21
N SER A 82 -8.20 -16.79 1.23
CA SER A 82 -7.06 -17.70 1.16
C SER A 82 -7.51 -19.12 0.86
N PHE A 83 -8.58 -19.55 1.55
CA PHE A 83 -9.11 -20.89 1.36
C PHE A 83 -9.51 -21.12 -0.10
N SER A 84 -10.10 -20.11 -0.72
CA SER A 84 -10.52 -20.21 -2.12
C SER A 84 -9.32 -20.47 -3.03
N ILE A 85 -8.35 -19.57 -2.99
CA ILE A 85 -7.15 -19.71 -3.81
C ILE A 85 -6.46 -21.05 -3.56
N TRP A 86 -6.52 -21.52 -2.33
CA TRP A 86 -5.92 -22.79 -1.95
C TRP A 86 -6.33 -23.90 -2.93
N ARG A 87 -7.60 -23.92 -3.29
CA ARG A 87 -8.11 -24.92 -4.21
C ARG A 87 -7.52 -24.73 -5.61
N HIS A 88 -7.31 -23.48 -5.98
CA HIS A 88 -6.73 -23.15 -7.29
C HIS A 88 -5.28 -23.57 -7.36
N GLN A 89 -4.63 -23.68 -6.20
CA GLN A 89 -3.23 -24.06 -6.14
C GLN A 89 -3.08 -25.56 -5.86
N VAL A 90 -4.14 -26.16 -5.35
CA VAL A 90 -4.14 -27.59 -5.03
C VAL A 90 -4.80 -28.40 -6.15
N GLU A 91 -5.71 -27.75 -6.88
CA GLU A 91 -6.40 -28.42 -7.97
C GLU A 91 -5.66 -28.23 -9.29
N VAL A 92 -5.20 -27.01 -9.53
CA VAL A 92 -4.47 -26.69 -10.76
C VAL A 92 -2.97 -26.96 -10.59
N HIS A 93 -2.33 -26.18 -9.73
CA HIS A 93 -0.90 -26.33 -9.48
C HIS A 93 -0.63 -27.60 -8.67
N ASN A 94 -1.59 -27.98 -7.84
CA ASN A 94 -1.45 -29.17 -7.00
C ASN A 94 -0.21 -29.07 -6.12
N GLN A 95 -0.07 -27.95 -5.43
CA GLN A 95 1.07 -27.74 -4.54
C GLN A 95 0.77 -28.22 -3.14
N ASN A 96 -0.19 -27.59 -2.48
CA ASN A 96 -0.57 -27.96 -1.13
C ASN A 96 0.53 -27.62 -0.14
N ASN A 97 1.13 -26.45 -0.31
CA ASN A 97 2.21 -26.00 0.56
C ASN A 97 1.67 -25.09 1.66
N MET A 98 0.99 -24.02 1.26
CA MET A 98 0.42 -23.07 2.22
C MET A 98 -1.09 -23.23 2.28
N ALA A 99 -1.60 -23.51 3.47
CA ALA A 99 -3.03 -23.68 3.69
C ALA A 99 -3.54 -22.77 4.79
N PRO A 100 -4.87 -22.59 4.86
CA PRO A 100 -5.51 -21.74 5.87
C PRO A 100 -5.42 -22.35 7.27
N THR A 101 -5.65 -21.53 8.28
CA THR A 101 -5.60 -21.97 9.67
C THR A 101 -7.00 -22.24 10.21
N SER A 102 -8.01 -21.70 9.52
CA SER A 102 -9.39 -21.86 9.94
C SER A 102 -10.24 -22.40 8.80
N GLY A 103 -11.50 -22.71 9.09
CA GLY A 103 -12.40 -23.23 8.08
C GLY A 103 -13.67 -22.41 7.94
N PRO A 104 -14.77 -23.07 7.55
CA PRO A 104 -16.07 -22.41 7.38
C PRO A 104 -16.67 -21.97 8.71
N SER A 105 -16.90 -20.67 8.84
CA SER A 105 -17.48 -20.13 10.06
C SER A 105 -18.84 -19.50 9.78
N SER A 106 -18.86 -18.49 8.92
CA SER A 106 -20.10 -17.81 8.57
C SER A 106 -21.10 -18.78 7.95
N GLY A 107 -22.38 -18.44 8.05
CA GLY A 107 -23.42 -19.30 7.49
C GLY A 107 -24.75 -18.57 7.34
ZN ZN B . 2.92 13.49 -1.62
ZN ZN C . -0.10 -4.74 -1.04
ZN ZN D . -1.95 -19.87 -9.76
N GLY A 1 32.39 68.96 -2.35
CA GLY A 1 31.42 68.77 -3.41
C GLY A 1 31.47 67.37 -3.98
N SER A 2 30.62 66.48 -3.45
CA SER A 2 30.57 65.10 -3.92
C SER A 2 29.19 64.76 -4.44
N SER A 3 29.12 63.76 -5.32
CA SER A 3 27.85 63.33 -5.90
C SER A 3 27.72 61.81 -5.85
N GLY A 4 26.50 61.34 -5.66
CA GLY A 4 26.26 59.90 -5.60
C GLY A 4 24.80 59.55 -5.86
N SER A 5 24.51 58.26 -5.88
CA SER A 5 23.15 57.79 -6.13
C SER A 5 22.93 56.42 -5.48
N SER A 6 21.66 56.09 -5.22
CA SER A 6 21.31 54.82 -4.61
C SER A 6 20.20 54.12 -5.40
N GLY A 7 20.21 52.79 -5.36
CA GLY A 7 19.20 52.03 -6.07
C GLY A 7 18.17 51.43 -5.14
N ALA A 8 17.32 50.57 -5.69
CA ALA A 8 16.28 49.91 -4.90
C ALA A 8 16.21 48.42 -5.21
N SER A 9 15.35 47.71 -4.50
CA SER A 9 15.20 46.27 -4.69
C SER A 9 13.74 45.86 -4.57
N PRO A 10 13.25 45.10 -5.56
CA PRO A 10 11.86 44.63 -5.60
C PRO A 10 11.59 43.58 -4.53
N VAL A 11 10.31 43.21 -4.39
CA VAL A 11 9.92 42.20 -3.40
C VAL A 11 8.80 41.31 -3.95
N GLU A 12 8.89 40.02 -3.64
CA GLU A 12 7.89 39.07 -4.10
C GLU A 12 6.94 38.68 -2.97
N ASN A 13 5.92 37.90 -3.30
CA ASN A 13 4.94 37.47 -2.31
C ASN A 13 5.34 36.12 -1.72
N LYS A 14 4.70 35.76 -0.60
CA LYS A 14 4.99 34.49 0.06
C LYS A 14 3.91 33.46 -0.26
N GLU A 15 4.33 32.35 -0.87
CA GLU A 15 3.39 31.29 -1.24
C GLU A 15 4.15 30.06 -1.76
N VAL A 16 3.77 28.89 -1.26
CA VAL A 16 4.42 27.65 -1.67
C VAL A 16 3.38 26.65 -2.20
N TYR A 17 3.83 25.78 -3.10
CA TYR A 17 2.94 24.79 -3.69
C TYR A 17 3.16 23.42 -3.03
N GLN A 18 2.28 23.08 -2.09
CA GLN A 18 2.37 21.81 -1.40
C GLN A 18 1.54 20.74 -2.09
N CYS A 19 1.93 19.48 -1.93
CA CYS A 19 1.22 18.37 -2.54
C CYS A 19 -0.06 18.04 -1.77
N ARG A 20 -1.15 17.86 -2.49
CA ARG A 20 -2.43 17.55 -1.87
C ARG A 20 -2.52 16.06 -1.55
N LEU A 21 -1.38 15.39 -1.49
CA LEU A 21 -1.33 13.97 -1.19
C LEU A 21 -0.50 13.69 0.05
N CYS A 22 0.67 14.32 0.11
CA CYS A 22 1.57 14.14 1.26
C CYS A 22 1.88 15.48 1.91
N ASN A 23 1.56 16.57 1.21
CA ASN A 23 1.81 17.91 1.72
C ASN A 23 3.30 18.23 1.72
N ALA A 24 3.97 17.92 0.61
CA ALA A 24 5.40 18.17 0.49
C ALA A 24 5.66 19.37 -0.41
N LYS A 25 6.23 20.43 0.16
CA LYS A 25 6.54 21.63 -0.59
C LYS A 25 7.24 21.31 -1.90
N LEU A 26 6.75 21.85 -3.00
CA LEU A 26 7.34 21.62 -4.31
C LEU A 26 8.34 22.71 -4.66
N SER A 27 8.88 22.64 -5.88
CA SER A 27 9.85 23.62 -6.34
C SER A 27 9.21 24.60 -7.32
N SER A 28 8.01 24.27 -7.78
CA SER A 28 7.29 25.12 -8.73
C SER A 28 5.90 24.56 -9.01
N LEU A 29 5.08 25.34 -9.68
CA LEU A 29 3.72 24.92 -10.03
C LEU A 29 3.73 23.65 -10.86
N LEU A 30 4.84 23.42 -11.57
CA LEU A 30 4.97 22.23 -12.40
C LEU A 30 5.18 20.98 -11.55
N GLU A 31 6.26 20.99 -10.77
CA GLU A 31 6.56 19.85 -9.89
C GLU A 31 5.32 19.39 -9.14
N GLN A 32 4.37 20.31 -8.97
CA GLN A 32 3.13 19.99 -8.26
C GLN A 32 2.22 19.12 -9.12
N GLY A 33 2.06 19.52 -10.38
CA GLY A 33 1.21 18.76 -11.29
C GLY A 33 1.81 17.43 -11.68
N SER A 34 3.13 17.32 -11.55
CA SER A 34 3.83 16.09 -11.91
C SER A 34 3.98 15.19 -10.69
N HIS A 35 4.55 15.73 -9.61
CA HIS A 35 4.75 14.97 -8.39
C HIS A 35 3.46 14.26 -7.97
N GLU A 36 2.32 14.83 -8.37
CA GLU A 36 1.02 14.25 -8.03
C GLU A 36 0.78 12.97 -8.82
N ARG A 37 1.35 12.90 -10.03
CA ARG A 37 1.19 11.73 -10.89
C ARG A 37 1.97 10.55 -10.34
N LEU A 38 3.20 10.80 -9.89
CA LEU A 38 4.05 9.76 -9.34
C LEU A 38 3.71 9.49 -7.87
N CYS A 39 3.44 10.57 -7.13
CA CYS A 39 3.10 10.45 -5.71
C CYS A 39 1.84 9.60 -5.53
N ARG A 40 1.18 9.29 -6.64
CA ARG A 40 -0.03 8.49 -6.60
C ARG A 40 0.27 7.01 -6.81
N ASN A 41 1.26 6.74 -7.67
CA ASN A 41 1.66 5.36 -7.96
C ASN A 41 3.11 5.12 -7.54
N ALA A 42 3.64 6.01 -6.71
CA ALA A 42 5.01 5.89 -6.24
C ALA A 42 5.28 4.48 -5.72
N ALA A 43 4.40 3.98 -4.87
CA ALA A 43 4.55 2.64 -4.31
C ALA A 43 3.24 1.87 -4.37
N VAL A 44 3.14 0.97 -5.34
CA VAL A 44 1.93 0.16 -5.51
C VAL A 44 2.20 -1.31 -5.19
N CYS A 45 1.73 -1.75 -4.02
CA CYS A 45 1.92 -3.13 -3.59
C CYS A 45 1.23 -4.10 -4.55
N PRO A 46 2.04 -4.97 -5.17
CA PRO A 46 1.54 -5.97 -6.13
C PRO A 46 0.71 -7.05 -5.46
N TYR A 47 0.46 -6.88 -4.17
CA TYR A 47 -0.32 -7.84 -3.40
C TYR A 47 -1.75 -7.37 -3.21
N CYS A 48 -1.90 -6.22 -2.55
CA CYS A 48 -3.23 -5.66 -2.31
C CYS A 48 -3.48 -4.46 -3.23
N SER A 49 -2.44 -4.05 -3.95
CA SER A 49 -2.56 -2.91 -4.85
C SER A 49 -2.75 -1.61 -4.08
N LEU A 50 -1.89 -1.39 -3.08
CA LEU A 50 -1.97 -0.19 -2.26
C LEU A 50 -1.33 0.99 -2.98
N ARG A 51 -1.25 2.12 -2.29
CA ARG A 51 -0.66 3.33 -2.86
C ARG A 51 -0.06 4.22 -1.77
N PHE A 52 1.27 4.24 -1.70
CA PHE A 52 1.96 5.05 -0.70
C PHE A 52 2.70 6.22 -1.36
N PHE A 53 3.09 7.20 -0.55
CA PHE A 53 3.79 8.36 -1.05
C PHE A 53 5.17 7.98 -1.60
N SER A 54 5.90 7.18 -0.83
CA SER A 54 7.22 6.73 -1.24
C SER A 54 7.29 5.22 -1.36
N PRO A 55 8.25 4.72 -2.15
CA PRO A 55 8.43 3.28 -2.37
C PRO A 55 8.94 2.57 -1.13
N GLU A 56 9.73 3.28 -0.33
CA GLU A 56 10.28 2.71 0.89
C GLU A 56 9.18 2.35 1.89
N LEU A 57 8.13 3.16 1.89
CA LEU A 57 7.00 2.94 2.80
C LEU A 57 6.30 1.62 2.47
N LYS A 58 6.03 1.40 1.19
CA LYS A 58 5.36 0.17 0.76
C LYS A 58 6.21 -1.05 1.07
N GLN A 59 7.51 -0.95 0.81
CA GLN A 59 8.42 -2.05 1.07
C GLN A 59 8.14 -2.69 2.42
N GLU A 60 8.13 -1.88 3.48
CA GLU A 60 7.87 -2.37 4.83
C GLU A 60 6.53 -3.11 4.88
N HIS A 61 5.47 -2.43 4.46
CA HIS A 61 4.14 -3.03 4.46
C HIS A 61 4.17 -4.42 3.84
N GLU A 62 4.63 -4.50 2.60
CA GLU A 62 4.71 -5.77 1.89
C GLU A 62 5.11 -6.90 2.84
N SER A 63 6.08 -6.63 3.70
CA SER A 63 6.56 -7.62 4.66
C SER A 63 5.42 -8.10 5.55
N LYS A 64 4.62 -7.16 6.03
CA LYS A 64 3.49 -7.49 6.90
C LYS A 64 2.17 -7.36 6.15
N CYS A 65 2.24 -7.48 4.82
CA CYS A 65 1.05 -7.39 3.99
C CYS A 65 0.20 -8.65 4.11
N GLU A 66 -0.91 -8.54 4.83
CA GLU A 66 -1.80 -9.67 5.03
C GLU A 66 -2.26 -10.24 3.68
N TYR A 67 -2.33 -9.39 2.68
CA TYR A 67 -2.74 -9.80 1.34
C TYR A 67 -1.64 -10.57 0.63
N LYS A 68 -0.40 -10.33 1.06
CA LYS A 68 0.75 -11.01 0.47
C LYS A 68 0.50 -12.50 0.31
N LYS A 69 0.19 -13.17 1.42
CA LYS A 69 -0.08 -14.60 1.41
C LYS A 69 -1.33 -14.90 0.58
N LEU A 70 -2.28 -13.96 0.59
CA LEU A 70 -3.52 -14.12 -0.14
C LEU A 70 -3.38 -13.62 -1.58
N THR A 71 -2.15 -13.60 -2.07
CA THR A 71 -1.87 -13.13 -3.43
C THR A 71 -1.17 -14.21 -4.25
N CYS A 72 -1.87 -14.74 -5.25
CA CYS A 72 -1.31 -15.78 -6.11
C CYS A 72 -0.15 -15.22 -6.95
N LEU A 73 1.04 -15.22 -6.37
CA LEU A 73 2.23 -14.73 -7.06
C LEU A 73 2.33 -15.33 -8.45
N GLU A 74 1.79 -16.53 -8.62
CA GLU A 74 1.82 -17.22 -9.91
C GLU A 74 1.24 -16.33 -11.01
N CYS A 75 -0.02 -15.93 -10.83
CA CYS A 75 -0.69 -15.09 -11.80
C CYS A 75 -1.27 -13.84 -11.14
N MET A 76 -0.49 -13.23 -10.26
CA MET A 76 -0.91 -12.02 -9.56
C MET A 76 -2.42 -12.02 -9.35
N ARG A 77 -2.93 -13.09 -8.75
CA ARG A 77 -4.35 -13.22 -8.48
C ARG A 77 -4.63 -13.27 -6.98
N THR A 78 -5.11 -12.16 -6.44
CA THR A 78 -5.42 -12.07 -5.02
C THR A 78 -6.82 -12.58 -4.72
N PHE A 79 -6.98 -13.23 -3.58
CA PHE A 79 -8.27 -13.78 -3.17
C PHE A 79 -8.71 -13.21 -1.83
N LYS A 80 -9.85 -13.68 -1.34
CA LYS A 80 -10.38 -13.23 -0.06
C LYS A 80 -9.82 -14.06 1.09
N SER A 81 -9.80 -15.37 0.91
CA SER A 81 -9.28 -16.27 1.93
C SER A 81 -8.05 -17.02 1.43
N SER A 82 -7.48 -17.86 2.29
CA SER A 82 -6.29 -18.64 1.94
C SER A 82 -6.68 -20.00 1.38
N PHE A 83 -7.81 -20.52 1.84
CA PHE A 83 -8.28 -21.82 1.39
C PHE A 83 -8.89 -21.73 -0.01
N SER A 84 -9.49 -20.57 -0.31
CA SER A 84 -10.10 -20.35 -1.61
C SER A 84 -9.06 -20.31 -2.72
N ILE A 85 -7.99 -19.55 -2.48
CA ILE A 85 -6.90 -19.43 -3.46
C ILE A 85 -6.09 -20.71 -3.53
N TRP A 86 -6.02 -21.42 -2.41
CA TRP A 86 -5.26 -22.68 -2.34
C TRP A 86 -5.67 -23.62 -3.46
N ARG A 87 -6.98 -23.76 -3.65
CA ARG A 87 -7.51 -24.63 -4.69
C ARG A 87 -7.19 -24.09 -6.08
N HIS A 88 -7.09 -22.76 -6.18
CA HIS A 88 -6.80 -22.10 -7.44
C HIS A 88 -5.36 -22.37 -7.88
N GLN A 89 -4.49 -22.63 -6.89
CA GLN A 89 -3.09 -22.90 -7.17
C GLN A 89 -2.82 -24.40 -7.22
N VAL A 90 -3.75 -25.18 -6.67
CA VAL A 90 -3.61 -26.63 -6.65
C VAL A 90 -4.40 -27.27 -7.78
N GLU A 91 -5.46 -26.59 -8.21
CA GLU A 91 -6.30 -27.10 -9.29
C GLU A 91 -5.82 -26.58 -10.65
N VAL A 92 -5.47 -25.30 -10.69
CA VAL A 92 -4.99 -24.67 -11.92
C VAL A 92 -3.49 -24.87 -12.09
N HIS A 93 -2.71 -24.26 -11.20
CA HIS A 93 -1.26 -24.36 -11.25
C HIS A 93 -0.80 -25.73 -10.77
N ASN A 94 -1.56 -26.32 -9.85
CA ASN A 94 -1.23 -27.63 -9.31
C ASN A 94 0.15 -27.61 -8.65
N GLN A 95 0.35 -26.67 -7.74
CA GLN A 95 1.62 -26.54 -7.05
C GLN A 95 1.52 -27.09 -5.62
N ASN A 96 0.88 -26.32 -4.75
CA ASN A 96 0.72 -26.72 -3.36
C ASN A 96 0.31 -28.20 -3.27
N ASN A 97 1.32 -29.08 -3.17
CA ASN A 97 1.07 -30.50 -3.07
C ASN A 97 0.38 -30.86 -1.76
N MET A 98 0.87 -30.27 -0.67
CA MET A 98 0.30 -30.51 0.64
C MET A 98 -0.48 -29.30 1.14
N ALA A 99 -1.29 -29.49 2.18
CA ALA A 99 -2.08 -28.41 2.74
C ALA A 99 -1.75 -28.21 4.23
N PRO A 100 -2.05 -27.00 4.73
CA PRO A 100 -1.79 -26.65 6.13
C PRO A 100 -2.72 -27.39 7.09
N THR A 101 -2.16 -28.37 7.80
CA THR A 101 -2.94 -29.16 8.75
C THR A 101 -4.01 -28.31 9.41
N SER A 102 -5.26 -28.52 9.01
CA SER A 102 -6.39 -27.77 9.57
C SER A 102 -6.81 -28.35 10.92
N GLY A 103 -7.71 -27.66 11.60
CA GLY A 103 -8.18 -28.11 12.89
C GLY A 103 -8.85 -29.47 12.82
N PRO A 104 -10.14 -29.53 13.21
CA PRO A 104 -10.92 -30.76 13.20
C PRO A 104 -11.23 -31.23 11.79
N SER A 105 -10.32 -32.02 11.22
CA SER A 105 -10.51 -32.54 9.86
C SER A 105 -11.45 -33.74 9.86
N SER A 106 -11.23 -34.66 10.79
CA SER A 106 -12.06 -35.85 10.90
C SER A 106 -13.33 -35.56 11.68
N GLY A 107 -13.18 -34.88 12.81
CA GLY A 107 -14.32 -34.56 13.65
C GLY A 107 -15.51 -34.10 12.82
ZN ZN B . 2.82 13.97 -2.67
ZN ZN C . 0.01 -5.16 0.14
ZN ZN D . -2.68 -18.21 -10.02
N GLY A 1 21.13 53.80 38.24
CA GLY A 1 21.77 53.69 36.94
C GLY A 1 21.82 52.25 36.44
N SER A 2 20.79 51.85 35.70
CA SER A 2 20.72 50.49 35.17
C SER A 2 20.06 50.49 33.79
N SER A 3 20.00 49.31 33.18
CA SER A 3 19.41 49.17 31.85
C SER A 3 19.15 47.70 31.52
N GLY A 4 18.06 47.45 30.80
CA GLY A 4 17.72 46.08 30.44
C GLY A 4 17.35 45.95 28.98
N SER A 5 16.96 44.74 28.58
CA SER A 5 16.58 44.49 27.19
C SER A 5 16.00 43.08 27.04
N SER A 6 14.89 42.98 26.31
CA SER A 6 14.23 41.70 26.09
C SER A 6 13.22 41.80 24.96
N GLY A 7 13.15 40.75 24.15
CA GLY A 7 12.22 40.73 23.03
C GLY A 7 11.55 39.38 22.85
N ALA A 8 11.40 38.97 21.60
CA ALA A 8 10.77 37.69 21.29
C ALA A 8 10.95 37.32 19.83
N SER A 9 10.83 36.04 19.52
CA SER A 9 10.97 35.56 18.14
C SER A 9 9.64 35.10 17.57
N PRO A 10 8.82 36.07 17.15
CA PRO A 10 7.49 35.80 16.58
C PRO A 10 7.58 35.14 15.20
N VAL A 11 6.46 34.61 14.73
CA VAL A 11 6.41 33.95 13.44
C VAL A 11 5.11 34.29 12.70
N GLU A 12 5.21 34.45 11.38
CA GLU A 12 4.05 34.78 10.56
C GLU A 12 3.67 33.60 9.67
N ASN A 13 2.38 33.25 9.68
CA ASN A 13 1.89 32.15 8.87
C ASN A 13 2.02 32.46 7.38
N LYS A 14 2.38 31.44 6.60
CA LYS A 14 2.54 31.60 5.16
C LYS A 14 1.70 30.58 4.41
N GLU A 15 1.47 30.85 3.12
CA GLU A 15 0.69 29.95 2.28
C GLU A 15 1.59 29.03 1.45
N VAL A 16 1.47 27.74 1.68
CA VAL A 16 2.28 26.76 0.96
C VAL A 16 1.40 25.67 0.35
N TYR A 17 1.82 25.14 -0.80
CA TYR A 17 1.07 24.10 -1.48
C TYR A 17 1.54 22.71 -1.03
N GLN A 18 0.73 22.07 -0.20
CA GLN A 18 1.05 20.74 0.31
C GLN A 18 0.41 19.66 -0.54
N CYS A 19 0.97 18.46 -0.49
CA CYS A 19 0.45 17.34 -1.27
C CYS A 19 -0.76 16.72 -0.56
N ARG A 20 -1.81 16.46 -1.34
CA ARG A 20 -3.03 15.87 -0.79
C ARG A 20 -2.83 14.38 -0.52
N LEU A 21 -1.58 13.93 -0.57
CA LEU A 21 -1.26 12.53 -0.32
C LEU A 21 -0.32 12.39 0.86
N CYS A 22 0.78 13.13 0.83
CA CYS A 22 1.76 13.10 1.91
C CYS A 22 1.88 14.47 2.58
N ASN A 23 0.91 15.33 2.33
CA ASN A 23 0.91 16.67 2.91
C ASN A 23 2.32 17.23 2.98
N ALA A 24 3.01 17.21 1.85
CA ALA A 24 4.38 17.72 1.77
C ALA A 24 4.41 19.09 1.09
N LYS A 25 5.10 20.04 1.72
CA LYS A 25 5.21 21.39 1.18
C LYS A 25 5.95 21.37 -0.16
N LEU A 26 5.28 21.85 -1.20
CA LEU A 26 5.86 21.89 -2.54
C LEU A 26 6.63 23.19 -2.75
N SER A 27 7.13 23.38 -3.97
CA SER A 27 7.87 24.59 -4.30
C SER A 27 7.04 25.53 -5.17
N SER A 28 5.93 25.02 -5.68
CA SER A 28 5.03 25.81 -6.53
C SER A 28 3.79 25.01 -6.90
N LEU A 29 2.78 25.71 -7.41
CA LEU A 29 1.53 25.07 -7.81
C LEU A 29 1.78 23.90 -8.75
N LEU A 30 2.74 24.09 -9.66
CA LEU A 30 3.09 23.06 -10.63
C LEU A 30 3.63 21.81 -9.92
N GLU A 31 4.64 22.01 -9.08
CA GLU A 31 5.24 20.90 -8.34
C GLU A 31 4.16 20.05 -7.67
N GLN A 32 3.09 20.70 -7.26
CA GLN A 32 1.99 20.00 -6.60
C GLN A 32 1.23 19.11 -7.59
N GLY A 33 0.86 19.68 -8.73
CA GLY A 33 0.14 18.93 -9.73
C GLY A 33 0.95 17.79 -10.29
N SER A 34 2.27 17.99 -10.40
CA SER A 34 3.15 16.97 -10.93
C SER A 34 3.52 15.95 -9.86
N HIS A 35 3.99 16.44 -8.71
CA HIS A 35 4.37 15.58 -7.60
C HIS A 35 3.29 14.55 -7.31
N GLU A 36 2.07 14.85 -7.74
CA GLU A 36 0.94 13.95 -7.53
C GLU A 36 1.03 12.73 -8.46
N ARG A 37 1.59 12.95 -9.65
CA ARG A 37 1.73 11.87 -10.63
C ARG A 37 2.73 10.83 -10.14
N LEU A 38 3.84 11.29 -9.58
CA LEU A 38 4.87 10.38 -9.08
C LEU A 38 4.52 9.87 -7.69
N CYS A 39 3.81 10.70 -6.92
CA CYS A 39 3.40 10.32 -5.57
C CYS A 39 2.19 9.39 -5.61
N ARG A 40 1.83 8.94 -6.80
CA ARG A 40 0.69 8.05 -6.97
C ARG A 40 1.15 6.67 -7.44
N ASN A 41 2.26 6.64 -8.17
CA ASN A 41 2.80 5.38 -8.68
C ASN A 41 4.11 5.03 -7.98
N ALA A 42 4.74 6.03 -7.36
CA ALA A 42 5.99 5.83 -6.65
C ALA A 42 6.05 4.44 -6.03
N ALA A 43 5.09 4.15 -5.16
CA ALA A 43 5.04 2.85 -4.49
C ALA A 43 3.63 2.26 -4.57
N VAL A 44 3.47 1.26 -5.43
CA VAL A 44 2.18 0.61 -5.61
C VAL A 44 2.29 -0.89 -5.38
N CYS A 45 1.93 -1.33 -4.18
CA CYS A 45 1.98 -2.74 -3.83
C CYS A 45 1.22 -3.59 -4.85
N PRO A 46 1.95 -4.48 -5.54
CA PRO A 46 1.36 -5.37 -6.55
C PRO A 46 0.46 -6.43 -5.95
N TYR A 47 0.21 -6.31 -4.65
CA TYR A 47 -0.64 -7.27 -3.94
C TYR A 47 -2.02 -6.67 -3.67
N CYS A 48 -2.03 -5.58 -2.90
CA CYS A 48 -3.28 -4.91 -2.56
C CYS A 48 -3.47 -3.65 -3.39
N SER A 49 -2.45 -3.30 -4.17
CA SER A 49 -2.50 -2.12 -5.02
C SER A 49 -2.60 -0.85 -4.17
N LEU A 50 -1.66 -0.70 -3.24
CA LEU A 50 -1.64 0.47 -2.36
C LEU A 50 -0.92 1.64 -3.03
N ARG A 51 -0.74 2.72 -2.29
CA ARG A 51 -0.06 3.91 -2.82
C ARG A 51 0.60 4.69 -1.70
N PHE A 52 1.92 4.61 -1.64
CA PHE A 52 2.69 5.31 -0.61
C PHE A 52 3.46 6.48 -1.22
N PHE A 53 3.98 7.34 -0.35
CA PHE A 53 4.74 8.51 -0.79
C PHE A 53 6.03 8.08 -1.48
N SER A 54 6.78 7.19 -0.82
CA SER A 54 8.05 6.71 -1.35
C SER A 54 7.97 5.21 -1.66
N PRO A 55 8.79 4.76 -2.62
CA PRO A 55 8.84 3.34 -3.01
C PRO A 55 9.44 2.45 -1.93
N GLU A 56 10.24 3.05 -1.05
CA GLU A 56 10.88 2.31 0.03
C GLU A 56 9.89 2.05 1.17
N LEU A 57 8.76 2.74 1.13
CA LEU A 57 7.73 2.59 2.15
C LEU A 57 6.93 1.31 1.93
N LYS A 58 6.46 1.11 0.71
CA LYS A 58 5.68 -0.07 0.37
C LYS A 58 6.52 -1.34 0.53
N GLN A 59 7.81 -1.23 0.22
CA GLN A 59 8.72 -2.36 0.33
C GLN A 59 8.54 -3.08 1.67
N GLU A 60 8.35 -2.30 2.73
CA GLU A 60 8.16 -2.87 4.07
C GLU A 60 6.78 -3.51 4.19
N HIS A 61 5.76 -2.79 3.76
CA HIS A 61 4.39 -3.28 3.83
C HIS A 61 4.27 -4.63 3.12
N GLU A 62 4.80 -4.70 1.91
CA GLU A 62 4.74 -5.94 1.13
C GLU A 62 5.06 -7.14 1.99
N SER A 63 5.86 -6.92 3.04
CA SER A 63 6.25 -8.00 3.94
C SER A 63 5.10 -8.36 4.89
N LYS A 64 4.40 -7.35 5.36
CA LYS A 64 3.27 -7.55 6.27
C LYS A 64 1.94 -7.44 5.52
N CYS A 65 2.01 -7.46 4.20
CA CYS A 65 0.82 -7.36 3.37
C CYS A 65 -0.04 -8.61 3.51
N GLU A 66 -1.34 -8.41 3.74
CA GLU A 66 -2.26 -9.52 3.89
C GLU A 66 -2.64 -10.10 2.53
N TYR A 67 -2.52 -9.28 1.49
CA TYR A 67 -2.85 -9.71 0.14
C TYR A 67 -1.66 -10.43 -0.52
N LYS A 68 -0.48 -10.20 0.03
CA LYS A 68 0.74 -10.82 -0.50
C LYS A 68 0.55 -12.33 -0.66
N LYS A 69 0.22 -12.99 0.45
CA LYS A 69 0.01 -14.44 0.44
C LYS A 69 -1.21 -14.81 -0.42
N LEU A 70 -2.30 -14.07 -0.22
CA LEU A 70 -3.53 -14.32 -0.98
C LEU A 70 -3.28 -14.16 -2.47
N THR A 71 -2.14 -13.59 -2.83
CA THR A 71 -1.79 -13.38 -4.23
C THR A 71 -1.00 -14.56 -4.78
N CYS A 72 -1.52 -15.18 -5.84
CA CYS A 72 -0.86 -16.31 -6.47
C CYS A 72 0.30 -15.87 -7.33
N LEU A 73 1.46 -15.67 -6.71
CA LEU A 73 2.65 -15.24 -7.42
C LEU A 73 2.87 -16.10 -8.67
N GLU A 74 2.45 -17.35 -8.61
CA GLU A 74 2.60 -18.27 -9.73
C GLU A 74 2.05 -17.66 -11.01
N CYS A 75 0.81 -17.19 -10.95
CA CYS A 75 0.16 -16.59 -12.10
C CYS A 75 -0.46 -15.24 -11.74
N MET A 76 0.18 -14.54 -10.81
CA MET A 76 -0.31 -13.24 -10.37
C MET A 76 -1.84 -13.23 -10.27
N ARG A 77 -2.38 -14.18 -9.52
CA ARG A 77 -3.82 -14.29 -9.34
C ARG A 77 -4.21 -14.02 -7.90
N THR A 78 -4.81 -12.85 -7.65
CA THR A 78 -5.23 -12.47 -6.31
C THR A 78 -6.66 -12.90 -6.05
N PHE A 79 -6.93 -13.41 -4.85
CA PHE A 79 -8.26 -13.85 -4.47
C PHE A 79 -8.79 -13.06 -3.28
N LYS A 80 -9.95 -13.45 -2.79
CA LYS A 80 -10.56 -12.78 -1.65
C LYS A 80 -10.30 -13.55 -0.35
N SER A 81 -9.87 -14.79 -0.50
CA SER A 81 -9.58 -15.64 0.67
C SER A 81 -8.54 -16.69 0.32
N SER A 82 -8.00 -17.35 1.35
CA SER A 82 -6.99 -18.38 1.16
C SER A 82 -7.63 -19.68 0.67
N PHE A 83 -8.75 -20.05 1.28
CA PHE A 83 -9.44 -21.27 0.91
C PHE A 83 -9.79 -21.26 -0.58
N SER A 84 -10.21 -20.10 -1.07
CA SER A 84 -10.57 -19.96 -2.48
C SER A 84 -9.38 -20.24 -3.39
N ILE A 85 -8.34 -19.42 -3.26
CA ILE A 85 -7.14 -19.58 -4.07
C ILE A 85 -6.53 -20.97 -3.88
N TRP A 86 -6.63 -21.50 -2.66
CA TRP A 86 -6.10 -22.83 -2.36
C TRP A 86 -6.50 -23.83 -3.44
N ARG A 87 -7.77 -23.82 -3.81
CA ARG A 87 -8.28 -24.74 -4.82
C ARG A 87 -7.71 -24.40 -6.20
N HIS A 88 -7.48 -23.11 -6.43
CA HIS A 88 -6.93 -22.65 -7.71
C HIS A 88 -5.49 -23.14 -7.88
N GLN A 89 -4.83 -23.42 -6.77
CA GLN A 89 -3.44 -23.89 -6.80
C GLN A 89 -3.38 -25.41 -6.72
N VAL A 90 -4.43 -26.01 -6.16
CA VAL A 90 -4.50 -27.46 -6.01
C VAL A 90 -5.22 -28.09 -7.20
N GLU A 91 -6.04 -27.29 -7.87
CA GLU A 91 -6.79 -27.79 -9.03
C GLU A 91 -6.05 -27.48 -10.33
N VAL A 92 -5.50 -26.27 -10.41
CA VAL A 92 -4.77 -25.85 -11.60
C VAL A 92 -3.29 -26.25 -11.50
N HIS A 93 -2.58 -25.63 -10.56
CA HIS A 93 -1.16 -25.91 -10.36
C HIS A 93 -0.98 -27.28 -9.70
N ASN A 94 -1.96 -27.69 -8.90
CA ASN A 94 -1.90 -28.97 -8.21
C ASN A 94 -0.74 -29.00 -7.22
N GLN A 95 -0.65 -27.97 -6.38
CA GLN A 95 0.41 -27.88 -5.39
C GLN A 95 -0.17 -27.93 -3.97
N ASN A 96 -0.10 -29.10 -3.35
CA ASN A 96 -0.61 -29.27 -1.99
C ASN A 96 0.46 -28.93 -0.95
N ASN A 97 1.13 -27.79 -1.16
CA ASN A 97 2.17 -27.36 -0.25
C ASN A 97 1.58 -26.64 0.96
N MET A 98 2.44 -26.21 1.88
CA MET A 98 1.99 -25.51 3.08
C MET A 98 0.81 -24.60 2.77
N ALA A 99 -0.15 -24.56 3.70
CA ALA A 99 -1.33 -23.72 3.53
C ALA A 99 -1.43 -22.68 4.63
N PRO A 100 -1.90 -21.47 4.27
CA PRO A 100 -2.06 -20.36 5.22
C PRO A 100 -3.18 -20.61 6.21
N THR A 101 -2.82 -20.84 7.46
CA THR A 101 -3.80 -21.09 8.51
C THR A 101 -4.43 -19.79 9.00
N SER A 102 -5.68 -19.86 9.41
CA SER A 102 -6.39 -18.69 9.90
C SER A 102 -5.70 -18.11 11.14
N GLY A 103 -5.59 -18.93 12.17
CA GLY A 103 -4.95 -18.49 13.40
C GLY A 103 -5.95 -18.01 14.43
N PRO A 104 -5.47 -17.77 15.67
CA PRO A 104 -6.31 -17.31 16.76
C PRO A 104 -6.80 -15.86 16.56
N SER A 105 -8.01 -15.59 17.02
CA SER A 105 -8.60 -14.26 16.89
C SER A 105 -7.94 -13.28 17.85
N SER A 106 -7.02 -12.47 17.33
CA SER A 106 -6.31 -11.49 18.15
C SER A 106 -6.89 -10.09 17.93
N GLY A 107 -7.89 -9.74 18.74
CA GLY A 107 -8.51 -8.43 18.62
C GLY A 107 -9.13 -8.21 17.25
ZN ZN B . 2.76 13.34 -2.06
ZN ZN C . 0.03 -4.93 -0.23
ZN ZN D . -2.01 -19.43 -9.93
N GLY A 1 -38.95 12.75 11.59
CA GLY A 1 -38.78 14.19 11.64
C GLY A 1 -37.33 14.61 11.51
N SER A 2 -37.08 15.67 10.75
CA SER A 2 -35.72 16.17 10.55
C SER A 2 -35.73 17.68 10.33
N SER A 3 -34.56 18.29 10.48
CA SER A 3 -34.43 19.73 10.31
C SER A 3 -33.07 20.08 9.70
N GLY A 4 -33.01 21.24 9.05
CA GLY A 4 -31.77 21.67 8.42
C GLY A 4 -31.48 23.14 8.66
N SER A 5 -30.23 23.54 8.48
CA SER A 5 -29.83 24.93 8.68
C SER A 5 -28.53 25.23 7.93
N SER A 6 -28.14 26.50 7.93
CA SER A 6 -26.93 26.93 7.24
C SER A 6 -26.27 28.09 7.98
N GLY A 7 -25.05 28.44 7.56
CA GLY A 7 -24.34 29.53 8.19
C GLY A 7 -22.92 29.16 8.56
N ALA A 8 -21.98 30.07 8.29
CA ALA A 8 -20.58 29.82 8.60
C ALA A 8 -19.84 31.13 8.85
N SER A 9 -18.99 31.14 9.87
CA SER A 9 -18.23 32.34 10.23
C SER A 9 -16.99 32.46 9.37
N PRO A 10 -16.81 33.63 8.75
CA PRO A 10 -15.66 33.92 7.89
C PRO A 10 -14.36 34.01 8.67
N VAL A 11 -13.31 33.36 8.16
CA VAL A 11 -12.01 33.38 8.81
C VAL A 11 -10.88 33.34 7.78
N GLU A 12 -10.23 34.48 7.59
CA GLU A 12 -9.13 34.59 6.64
C GLU A 12 -7.93 33.77 7.10
N ASN A 13 -7.36 33.00 6.19
CA ASN A 13 -6.20 32.18 6.51
C ASN A 13 -5.39 31.86 5.25
N LYS A 14 -4.08 31.69 5.43
CA LYS A 14 -3.20 31.39 4.31
C LYS A 14 -3.67 30.15 3.56
N GLU A 15 -3.29 30.05 2.29
CA GLU A 15 -3.68 28.91 1.46
C GLU A 15 -2.45 28.13 1.00
N VAL A 16 -2.56 26.81 0.97
CA VAL A 16 -1.47 25.95 0.56
C VAL A 16 -1.97 24.79 -0.30
N TYR A 17 -1.13 24.34 -1.22
CA TYR A 17 -1.49 23.22 -2.09
C TYR A 17 -1.02 21.90 -1.53
N GLN A 18 -1.92 21.21 -0.83
CA GLN A 18 -1.60 19.92 -0.22
C GLN A 18 -1.90 18.78 -1.19
N CYS A 19 -1.16 17.68 -1.06
CA CYS A 19 -1.35 16.52 -1.91
C CYS A 19 -2.59 15.73 -1.49
N ARG A 20 -3.38 15.30 -2.46
CA ARG A 20 -4.59 14.54 -2.19
C ARG A 20 -4.25 13.08 -1.92
N LEU A 21 -3.01 12.81 -1.58
CA LEU A 21 -2.56 11.45 -1.30
C LEU A 21 -1.90 11.37 0.07
N CYS A 22 -0.94 12.25 0.32
CA CYS A 22 -0.23 12.28 1.60
C CYS A 22 -0.42 13.63 2.29
N ASN A 23 -1.33 14.44 1.76
CA ASN A 23 -1.59 15.76 2.33
C ASN A 23 -0.29 16.50 2.61
N ALA A 24 0.69 16.34 1.71
CA ALA A 24 1.98 17.00 1.86
C ALA A 24 1.97 18.37 1.19
N LYS A 25 2.18 19.41 1.99
CA LYS A 25 2.20 20.77 1.48
C LYS A 25 3.21 20.92 0.33
N LEU A 26 2.75 21.46 -0.79
CA LEU A 26 3.61 21.66 -1.95
C LEU A 26 4.22 23.05 -1.95
N SER A 27 5.14 23.29 -2.87
CA SER A 27 5.80 24.58 -2.98
C SER A 27 5.12 25.47 -4.01
N SER A 28 4.24 24.85 -4.82
CA SER A 28 3.51 25.58 -5.85
C SER A 28 2.46 24.69 -6.50
N LEU A 29 1.57 25.30 -7.27
CA LEU A 29 0.51 24.56 -7.95
C LEU A 29 1.10 23.43 -8.81
N LEU A 30 2.21 23.73 -9.48
CA LEU A 30 2.86 22.75 -10.33
C LEU A 30 3.28 21.52 -9.53
N GLU A 31 4.08 21.75 -8.48
CA GLU A 31 4.55 20.66 -7.63
C GLU A 31 3.40 19.72 -7.26
N GLN A 32 2.19 20.28 -7.20
CA GLN A 32 1.02 19.49 -6.86
C GLN A 32 0.63 18.55 -8.00
N GLY A 33 0.70 19.05 -9.22
CA GLY A 33 0.36 18.25 -10.38
C GLY A 33 1.42 17.21 -10.71
N SER A 34 2.67 17.55 -10.40
CA SER A 34 3.78 16.63 -10.67
C SER A 34 3.96 15.65 -9.52
N HIS A 35 3.97 16.17 -8.29
CA HIS A 35 4.13 15.33 -7.11
C HIS A 35 3.14 14.18 -7.12
N GLU A 36 2.01 14.38 -7.78
CA GLU A 36 0.98 13.34 -7.86
C GLU A 36 1.43 12.21 -8.79
N ARG A 37 2.30 12.53 -9.73
CA ARG A 37 2.81 11.55 -10.68
C ARG A 37 3.74 10.55 -9.98
N LEU A 38 4.65 11.07 -9.17
CA LEU A 38 5.60 10.24 -8.45
C LEU A 38 4.97 9.67 -7.18
N CYS A 39 4.07 10.44 -6.57
CA CYS A 39 3.39 10.01 -5.35
C CYS A 39 2.29 9.01 -5.67
N ARG A 40 2.24 8.56 -6.92
CA ARG A 40 1.24 7.59 -7.35
C ARG A 40 1.88 6.31 -7.85
N ASN A 41 3.10 6.43 -8.38
CA ASN A 41 3.83 5.28 -8.89
C ASN A 41 5.02 4.94 -7.99
N ALA A 42 5.55 5.95 -7.31
CA ALA A 42 6.68 5.76 -6.41
C ALA A 42 6.66 4.37 -5.79
N ALA A 43 5.62 4.11 -4.99
CA ALA A 43 5.48 2.81 -4.33
C ALA A 43 4.07 2.25 -4.52
N VAL A 44 3.94 1.28 -5.42
CA VAL A 44 2.65 0.66 -5.70
C VAL A 44 2.73 -0.86 -5.55
N CYS A 45 2.23 -1.36 -4.42
CA CYS A 45 2.24 -2.79 -4.15
C CYS A 45 1.37 -3.54 -5.16
N PRO A 46 2.01 -4.44 -5.92
CA PRO A 46 1.31 -5.24 -6.94
C PRO A 46 0.38 -6.28 -6.32
N TYR A 47 0.26 -6.24 -5.00
CA TYR A 47 -0.61 -7.17 -4.29
C TYR A 47 -1.95 -6.53 -3.96
N CYS A 48 -1.91 -5.44 -3.18
CA CYS A 48 -3.12 -4.74 -2.79
C CYS A 48 -3.28 -3.43 -3.58
N SER A 49 -2.26 -3.13 -4.39
CA SER A 49 -2.28 -1.91 -5.19
C SER A 49 -2.28 -0.67 -4.30
N LEU A 50 -1.41 -0.67 -3.29
CA LEU A 50 -1.32 0.46 -2.36
C LEU A 50 -0.52 1.60 -2.98
N ARG A 51 -0.35 2.66 -2.21
CA ARG A 51 0.39 3.83 -2.68
C ARG A 51 1.07 4.55 -1.51
N PHE A 52 2.38 4.38 -1.41
CA PHE A 52 3.14 5.01 -0.34
C PHE A 52 3.96 6.19 -0.86
N PHE A 53 4.12 7.22 -0.04
CA PHE A 53 4.88 8.41 -0.42
C PHE A 53 6.19 8.01 -1.10
N SER A 54 6.94 7.14 -0.45
CA SER A 54 8.22 6.69 -0.99
C SER A 54 8.18 5.20 -1.32
N PRO A 55 9.06 4.77 -2.23
CA PRO A 55 9.15 3.37 -2.66
C PRO A 55 9.69 2.46 -1.56
N GLU A 56 10.51 3.03 -0.68
CA GLU A 56 11.09 2.26 0.42
C GLU A 56 10.02 1.86 1.43
N LEU A 57 9.13 2.80 1.73
CA LEU A 57 8.05 2.55 2.69
C LEU A 57 7.24 1.32 2.29
N LYS A 58 6.80 1.30 1.04
CA LYS A 58 6.02 0.18 0.53
C LYS A 58 6.74 -1.14 0.76
N GLN A 59 8.00 -1.20 0.33
CA GLN A 59 8.80 -2.40 0.49
C GLN A 59 8.50 -3.09 1.82
N GLU A 60 8.60 -2.33 2.91
CA GLU A 60 8.33 -2.87 4.24
C GLU A 60 6.96 -3.54 4.30
N HIS A 61 5.96 -2.85 3.75
CA HIS A 61 4.60 -3.38 3.74
C HIS A 61 4.54 -4.72 3.04
N GLU A 62 4.94 -4.75 1.78
CA GLU A 62 4.93 -5.98 0.99
C GLU A 62 5.36 -7.16 1.84
N SER A 63 6.49 -7.02 2.53
CA SER A 63 7.01 -8.09 3.37
C SER A 63 5.94 -8.59 4.33
N LYS A 64 5.13 -7.66 4.85
CA LYS A 64 4.06 -8.01 5.78
C LYS A 64 2.69 -7.67 5.18
N CYS A 65 2.60 -7.73 3.86
CA CYS A 65 1.36 -7.44 3.17
C CYS A 65 0.37 -8.61 3.28
N GLU A 66 -0.81 -8.33 3.82
CA GLU A 66 -1.83 -9.36 3.99
C GLU A 66 -2.33 -9.85 2.64
N TYR A 67 -2.25 -9.00 1.63
CA TYR A 67 -2.70 -9.34 0.29
C TYR A 67 -1.67 -10.21 -0.43
N LYS A 68 -0.41 -10.04 -0.05
CA LYS A 68 0.68 -10.81 -0.65
C LYS A 68 0.32 -12.29 -0.72
N LYS A 69 0.10 -12.90 0.44
CA LYS A 69 -0.25 -14.31 0.51
C LYS A 69 -1.47 -14.62 -0.35
N LEU A 70 -2.52 -13.82 -0.20
CA LEU A 70 -3.74 -14.00 -0.97
C LEU A 70 -3.47 -13.88 -2.46
N THR A 71 -2.34 -13.26 -2.81
CA THR A 71 -1.96 -13.07 -4.20
C THR A 71 -1.32 -14.34 -4.76
N CYS A 72 -1.87 -14.85 -5.86
CA CYS A 72 -1.36 -16.05 -6.49
C CYS A 72 -0.12 -15.73 -7.33
N LEU A 73 1.01 -15.57 -6.66
CA LEU A 73 2.27 -15.27 -7.34
C LEU A 73 2.34 -15.96 -8.70
N GLU A 74 1.95 -17.24 -8.72
CA GLU A 74 1.97 -18.01 -9.95
C GLU A 74 1.44 -17.19 -11.13
N CYS A 75 0.23 -16.65 -10.96
CA CYS A 75 -0.39 -15.84 -12.00
C CYS A 75 -0.93 -14.54 -11.42
N MET A 76 -0.16 -13.92 -10.54
CA MET A 76 -0.56 -12.66 -9.91
C MET A 76 -2.08 -12.56 -9.83
N ARG A 77 -2.70 -13.57 -9.23
CA ARG A 77 -4.15 -13.60 -9.08
C ARG A 77 -4.55 -13.54 -7.61
N THR A 78 -5.07 -12.38 -7.20
CA THR A 78 -5.49 -12.20 -5.81
C THR A 78 -6.90 -12.73 -5.58
N PHE A 79 -7.13 -13.30 -4.41
CA PHE A 79 -8.43 -13.85 -4.06
C PHE A 79 -9.00 -13.19 -2.82
N LYS A 80 -10.14 -13.68 -2.36
CA LYS A 80 -10.79 -13.13 -1.17
C LYS A 80 -10.25 -13.78 0.10
N SER A 81 -10.10 -15.10 0.06
CA SER A 81 -9.59 -15.84 1.21
C SER A 81 -8.43 -16.75 0.80
N SER A 82 -7.77 -17.33 1.79
CA SER A 82 -6.64 -18.22 1.54
C SER A 82 -7.11 -19.60 1.08
N PHE A 83 -8.20 -20.06 1.69
CA PHE A 83 -8.76 -21.38 1.34
C PHE A 83 -9.25 -21.39 -0.10
N SER A 84 -9.91 -20.31 -0.51
CA SER A 84 -10.45 -20.20 -1.86
C SER A 84 -9.33 -20.33 -2.90
N ILE A 85 -8.36 -19.43 -2.83
CA ILE A 85 -7.24 -19.44 -3.76
C ILE A 85 -6.54 -20.80 -3.75
N TRP A 86 -6.34 -21.36 -2.57
CA TRP A 86 -5.70 -22.66 -2.43
C TRP A 86 -6.23 -23.64 -3.47
N ARG A 87 -7.54 -23.65 -3.67
CA ARG A 87 -8.17 -24.54 -4.64
C ARG A 87 -7.74 -24.17 -6.07
N HIS A 88 -7.60 -22.88 -6.32
CA HIS A 88 -7.21 -22.40 -7.64
C HIS A 88 -5.75 -22.76 -7.93
N GLN A 89 -4.97 -22.96 -6.88
CA GLN A 89 -3.57 -23.31 -7.03
C GLN A 89 -3.36 -24.82 -6.92
N VAL A 90 -4.33 -25.50 -6.30
CA VAL A 90 -4.25 -26.94 -6.12
C VAL A 90 -5.01 -27.66 -7.24
N GLU A 91 -6.02 -27.00 -7.79
CA GLU A 91 -6.82 -27.58 -8.86
C GLU A 91 -6.22 -27.26 -10.22
N VAL A 92 -5.75 -26.03 -10.38
CA VAL A 92 -5.14 -25.59 -11.64
C VAL A 92 -3.63 -25.82 -11.63
N HIS A 93 -2.94 -25.08 -10.78
CA HIS A 93 -1.49 -25.19 -10.68
C HIS A 93 -1.10 -26.50 -10.01
N ASN A 94 -1.97 -27.01 -9.15
CA ASN A 94 -1.72 -28.27 -8.44
C ASN A 94 -0.47 -28.15 -7.58
N GLN A 95 -0.43 -27.13 -6.73
CA GLN A 95 0.71 -26.91 -5.85
C GLN A 95 0.27 -26.90 -4.39
N ASN A 96 0.35 -28.06 -3.75
CA ASN A 96 -0.04 -28.18 -2.34
C ASN A 96 1.15 -27.91 -1.42
N ASN A 97 1.39 -26.63 -1.14
CA ASN A 97 2.49 -26.24 -0.27
C ASN A 97 2.00 -25.97 1.14
N MET A 98 1.01 -25.09 1.26
CA MET A 98 0.45 -24.75 2.57
C MET A 98 -1.07 -24.70 2.51
N ALA A 99 -1.72 -25.19 3.56
CA ALA A 99 -3.18 -25.21 3.63
C ALA A 99 -3.67 -24.69 4.98
N PRO A 100 -4.88 -24.11 4.99
CA PRO A 100 -5.49 -23.58 6.21
C PRO A 100 -5.90 -24.67 7.19
N THR A 101 -6.46 -24.27 8.31
CA THR A 101 -6.90 -25.21 9.34
C THR A 101 -8.38 -25.57 9.16
N SER A 102 -8.63 -26.69 8.50
CA SER A 102 -10.00 -27.13 8.26
C SER A 102 -10.06 -28.65 8.08
N GLY A 103 -10.83 -29.32 8.92
CA GLY A 103 -10.95 -30.76 8.84
C GLY A 103 -11.09 -31.41 10.21
N PRO A 104 -12.14 -32.21 10.39
CA PRO A 104 -12.41 -32.90 11.66
C PRO A 104 -11.40 -34.01 11.93
N SER A 105 -10.43 -34.15 11.03
CA SER A 105 -9.40 -35.18 11.17
C SER A 105 -8.18 -34.64 11.90
N SER A 106 -8.25 -34.64 13.23
CA SER A 106 -7.15 -34.14 14.05
C SER A 106 -6.46 -35.28 14.79
N GLY A 107 -5.20 -35.52 14.46
CA GLY A 107 -4.45 -36.59 15.10
C GLY A 107 -5.23 -37.89 15.17
ZN ZN B . 1.55 12.85 -2.01
ZN ZN C . 0.27 -4.95 -0.54
ZN ZN D . -2.79 -18.73 -10.20
N GLY A 1 -19.69 -2.38 34.43
CA GLY A 1 -20.20 -1.75 33.23
C GLY A 1 -19.10 -1.16 32.37
N SER A 2 -19.46 -0.20 31.53
CA SER A 2 -18.48 0.44 30.65
C SER A 2 -19.05 1.74 30.07
N SER A 3 -18.26 2.80 30.14
CA SER A 3 -18.68 4.10 29.63
C SER A 3 -17.59 4.71 28.74
N GLY A 4 -17.99 5.69 27.92
CA GLY A 4 -17.03 6.34 27.04
C GLY A 4 -17.65 7.52 26.30
N SER A 5 -16.82 8.21 25.52
CA SER A 5 -17.29 9.36 24.76
C SER A 5 -16.19 9.89 23.85
N SER A 6 -16.59 10.47 22.72
CA SER A 6 -15.63 11.01 21.75
C SER A 6 -16.35 11.73 20.62
N GLY A 7 -15.83 12.89 20.23
CA GLY A 7 -16.44 13.64 19.15
C GLY A 7 -15.44 14.00 18.06
N ALA A 8 -15.49 15.25 17.61
CA ALA A 8 -14.59 15.72 16.56
C ALA A 8 -14.34 17.22 16.69
N SER A 9 -13.10 17.63 16.40
CA SER A 9 -12.73 19.04 16.49
C SER A 9 -12.34 19.58 15.12
N PRO A 10 -12.69 20.86 14.86
CA PRO A 10 -12.38 21.51 13.59
C PRO A 10 -10.88 21.78 13.43
N VAL A 11 -10.52 22.42 12.31
CA VAL A 11 -9.13 22.74 12.03
C VAL A 11 -9.00 24.11 11.39
N GLU A 12 -8.22 24.99 12.02
CA GLU A 12 -8.01 26.34 11.51
C GLU A 12 -6.58 26.51 11.00
N ASN A 13 -6.46 26.81 9.71
CA ASN A 13 -5.14 27.00 9.10
C ASN A 13 -5.27 27.63 7.72
N LYS A 14 -4.17 28.16 7.21
CA LYS A 14 -4.15 28.80 5.90
C LYS A 14 -4.38 27.77 4.79
N GLU A 15 -4.54 28.25 3.56
CA GLU A 15 -4.77 27.37 2.43
C GLU A 15 -3.45 26.77 1.92
N VAL A 16 -3.40 25.45 1.88
CA VAL A 16 -2.19 24.75 1.44
C VAL A 16 -2.55 23.62 0.48
N TYR A 17 -1.66 23.34 -0.47
CA TYR A 17 -1.88 22.28 -1.44
C TYR A 17 -1.22 20.98 -0.99
N GLN A 18 -2.01 20.12 -0.36
CA GLN A 18 -1.51 18.83 0.12
C GLN A 18 -1.73 17.73 -0.92
N CYS A 19 -0.84 16.76 -0.93
CA CYS A 19 -0.94 15.64 -1.87
C CYS A 19 -2.02 14.66 -1.44
N ARG A 20 -2.87 14.27 -2.38
CA ARG A 20 -3.95 13.33 -2.08
C ARG A 20 -3.44 11.89 -2.11
N LEU A 21 -2.13 11.74 -1.95
CA LEU A 21 -1.52 10.41 -1.96
C LEU A 21 -0.75 10.16 -0.66
N CYS A 22 0.01 11.16 -0.24
CA CYS A 22 0.80 11.05 0.99
C CYS A 22 0.46 12.18 1.96
N ASN A 23 -0.23 13.20 1.45
CA ASN A 23 -0.63 14.34 2.27
C ASN A 23 0.59 15.19 2.62
N ALA A 24 1.43 15.46 1.62
CA ALA A 24 2.61 16.28 1.82
C ALA A 24 2.43 17.68 1.26
N LYS A 25 2.42 18.67 2.14
CA LYS A 25 2.25 20.06 1.73
C LYS A 25 3.17 20.39 0.55
N LEU A 26 2.60 21.01 -0.48
CA LEU A 26 3.36 21.38 -1.65
C LEU A 26 3.84 22.83 -1.57
N SER A 27 4.61 23.26 -2.55
CA SER A 27 5.14 24.62 -2.58
C SER A 27 4.26 25.53 -3.45
N SER A 28 3.46 24.91 -4.31
CA SER A 28 2.57 25.64 -5.20
C SER A 28 1.60 24.71 -5.89
N LEU A 29 0.55 25.28 -6.48
CA LEU A 29 -0.46 24.50 -7.18
C LEU A 29 0.19 23.55 -8.18
N LEU A 30 1.20 24.04 -8.88
CA LEU A 30 1.90 23.23 -9.87
C LEU A 30 2.52 22.00 -9.22
N GLU A 31 3.32 22.22 -8.18
CA GLU A 31 3.97 21.11 -7.47
C GLU A 31 2.97 20.01 -7.15
N GLN A 32 1.71 20.40 -6.94
CA GLN A 32 0.67 19.44 -6.62
C GLN A 32 0.30 18.59 -7.84
N GLY A 33 0.24 19.23 -9.00
CA GLY A 33 -0.09 18.51 -10.22
C GLY A 33 1.05 17.65 -10.71
N SER A 34 2.27 18.00 -10.31
CA SER A 34 3.45 17.26 -10.73
C SER A 34 3.79 16.17 -9.71
N HIS A 35 3.97 16.57 -8.46
CA HIS A 35 4.29 15.63 -7.39
C HIS A 35 3.30 14.47 -7.36
N GLU A 36 2.09 14.73 -7.87
CA GLU A 36 1.05 13.71 -7.89
C GLU A 36 1.26 12.75 -9.06
N ARG A 37 1.99 13.20 -10.08
CA ARG A 37 2.26 12.39 -11.25
C ARG A 37 3.24 11.26 -10.92
N LEU A 38 4.31 11.62 -10.21
CA LEU A 38 5.33 10.65 -9.83
C LEU A 38 4.92 9.90 -8.57
N CYS A 39 4.28 10.61 -7.65
CA CYS A 39 3.82 10.01 -6.39
C CYS A 39 2.69 9.03 -6.63
N ARG A 40 2.29 8.89 -7.90
CA ARG A 40 1.21 7.99 -8.26
C ARG A 40 1.74 6.56 -8.45
N ASN A 41 2.85 6.43 -9.17
CA ASN A 41 3.46 5.14 -9.42
C ASN A 41 4.77 4.99 -8.65
N ALA A 42 4.84 5.62 -7.48
CA ALA A 42 6.04 5.56 -6.65
C ALA A 42 6.20 4.17 -6.05
N ALA A 43 5.27 3.78 -5.19
CA ALA A 43 5.32 2.47 -4.55
C ALA A 43 3.96 1.78 -4.58
N VAL A 44 3.73 0.99 -5.61
CA VAL A 44 2.47 0.27 -5.76
C VAL A 44 2.63 -1.22 -5.45
N CYS A 45 2.15 -1.62 -4.28
CA CYS A 45 2.24 -3.01 -3.86
C CYS A 45 1.55 -3.94 -4.87
N PRO A 46 2.32 -4.88 -5.42
CA PRO A 46 1.81 -5.85 -6.41
C PRO A 46 0.84 -6.85 -5.78
N TYR A 47 0.47 -6.61 -4.53
CA TYR A 47 -0.45 -7.49 -3.82
C TYR A 47 -1.81 -6.84 -3.64
N CYS A 48 -1.83 -5.71 -2.95
CA CYS A 48 -3.07 -4.97 -2.71
C CYS A 48 -3.13 -3.71 -3.56
N SER A 49 -2.16 -3.56 -4.46
CA SER A 49 -2.09 -2.40 -5.34
C SER A 49 -2.23 -1.11 -4.53
N LEU A 50 -1.41 -0.97 -3.49
CA LEU A 50 -1.44 0.21 -2.64
C LEU A 50 -0.73 1.38 -3.30
N ARG A 51 -0.60 2.49 -2.58
CA ARG A 51 0.07 3.67 -3.10
C ARG A 51 0.71 4.48 -1.97
N PHE A 52 2.04 4.40 -1.88
CA PHE A 52 2.77 5.11 -0.85
C PHE A 52 3.54 6.29 -1.44
N PHE A 53 4.32 6.96 -0.61
CA PHE A 53 5.11 8.10 -1.05
C PHE A 53 6.45 7.65 -1.63
N SER A 54 7.10 6.71 -0.96
CA SER A 54 8.39 6.20 -1.40
C SER A 54 8.32 4.69 -1.62
N PRO A 55 9.16 4.19 -2.54
CA PRO A 55 9.22 2.76 -2.87
C PRO A 55 9.81 1.93 -1.74
N GLU A 56 10.26 2.61 -0.68
CA GLU A 56 10.86 1.93 0.47
C GLU A 56 9.81 1.64 1.53
N LEU A 57 8.68 2.33 1.43
CA LEU A 57 7.59 2.15 2.39
C LEU A 57 6.81 0.87 2.09
N LYS A 58 6.46 0.68 0.82
CA LYS A 58 5.72 -0.50 0.40
C LYS A 58 6.48 -1.77 0.75
N GLN A 59 7.81 -1.67 0.78
CA GLN A 59 8.65 -2.82 1.10
C GLN A 59 8.32 -3.37 2.48
N GLU A 60 8.41 -2.52 3.49
CA GLU A 60 8.12 -2.94 4.86
C GLU A 60 6.69 -3.47 4.97
N HIS A 61 5.80 -2.96 4.13
CA HIS A 61 4.41 -3.38 4.13
C HIS A 61 4.26 -4.78 3.54
N GLU A 62 4.70 -4.94 2.30
CA GLU A 62 4.61 -6.23 1.61
C GLU A 62 4.87 -7.37 2.59
N SER A 63 6.01 -7.31 3.29
CA SER A 63 6.36 -8.35 4.25
C SER A 63 5.20 -8.67 5.16
N LYS A 64 4.52 -7.63 5.64
CA LYS A 64 3.37 -7.80 6.53
C LYS A 64 2.08 -7.46 5.81
N CYS A 65 2.07 -7.61 4.49
CA CYS A 65 0.90 -7.33 3.69
C CYS A 65 -0.06 -8.51 3.69
N GLU A 66 -1.19 -8.36 4.38
CA GLU A 66 -2.19 -9.42 4.47
C GLU A 66 -2.53 -9.95 3.08
N TYR A 67 -2.50 -9.06 2.09
CA TYR A 67 -2.82 -9.43 0.72
C TYR A 67 -1.71 -10.28 0.11
N LYS A 68 -0.48 -10.06 0.58
CA LYS A 68 0.68 -10.80 0.09
C LYS A 68 0.41 -12.30 0.12
N LYS A 69 0.05 -12.80 1.30
CA LYS A 69 -0.23 -14.22 1.47
C LYS A 69 -1.43 -14.64 0.62
N LEU A 70 -2.35 -13.71 0.39
CA LEU A 70 -3.54 -13.98 -0.41
C LEU A 70 -3.30 -13.65 -1.88
N THR A 71 -2.03 -13.69 -2.28
CA THR A 71 -1.67 -13.40 -3.66
C THR A 71 -0.93 -14.57 -4.30
N CYS A 72 -1.51 -15.13 -5.36
CA CYS A 72 -0.90 -16.25 -6.06
C CYS A 72 0.36 -15.82 -6.80
N LEU A 73 1.43 -15.60 -6.05
CA LEU A 73 2.70 -15.18 -6.64
C LEU A 73 2.89 -15.80 -8.03
N GLU A 74 2.59 -17.09 -8.14
CA GLU A 74 2.72 -17.79 -9.42
C GLU A 74 2.29 -16.90 -10.57
N CYS A 75 1.01 -16.57 -10.61
CA CYS A 75 0.46 -15.71 -11.67
C CYS A 75 -0.13 -14.44 -11.09
N MET A 76 0.48 -13.93 -10.02
CA MET A 76 0.02 -12.72 -9.37
C MET A 76 -1.51 -12.65 -9.39
N ARG A 77 -2.15 -13.69 -8.85
CA ARG A 77 -3.61 -13.74 -8.79
C ARG A 77 -4.10 -13.59 -7.36
N THR A 78 -4.43 -12.37 -6.98
CA THR A 78 -4.92 -12.09 -5.64
C THR A 78 -6.40 -12.44 -5.51
N PHE A 79 -6.80 -12.83 -4.30
CA PHE A 79 -8.19 -13.20 -4.04
C PHE A 79 -8.72 -12.49 -2.80
N LYS A 80 -9.95 -12.79 -2.42
CA LYS A 80 -10.58 -12.18 -1.26
C LYS A 80 -10.12 -12.88 0.02
N SER A 81 -10.08 -14.20 0.00
CA SER A 81 -9.66 -14.99 1.15
C SER A 81 -8.54 -15.95 0.78
N SER A 82 -8.09 -16.72 1.77
CA SER A 82 -7.02 -17.69 1.54
C SER A 82 -7.57 -19.03 1.09
N PHE A 83 -8.82 -19.30 1.46
CA PHE A 83 -9.48 -20.55 1.09
C PHE A 83 -9.90 -20.53 -0.37
N SER A 84 -10.13 -19.34 -0.91
CA SER A 84 -10.55 -19.20 -2.29
C SER A 84 -9.37 -19.40 -3.24
N ILE A 85 -8.34 -18.57 -3.10
CA ILE A 85 -7.16 -18.67 -3.93
C ILE A 85 -6.55 -20.06 -3.88
N TRP A 86 -6.71 -20.72 -2.73
CA TRP A 86 -6.19 -22.07 -2.56
C TRP A 86 -6.64 -22.99 -3.69
N ARG A 87 -7.93 -22.92 -4.01
CA ARG A 87 -8.49 -23.75 -5.08
C ARG A 87 -7.92 -23.36 -6.44
N HIS A 88 -7.55 -22.09 -6.58
CA HIS A 88 -6.98 -21.59 -7.83
C HIS A 88 -5.58 -22.14 -8.05
N GLN A 89 -4.90 -22.50 -6.95
CA GLN A 89 -3.55 -23.04 -7.03
C GLN A 89 -3.58 -24.57 -6.98
N VAL A 90 -4.71 -25.12 -6.52
CA VAL A 90 -4.85 -26.57 -6.43
C VAL A 90 -5.60 -27.12 -7.64
N GLU A 91 -6.46 -26.29 -8.22
CA GLU A 91 -7.24 -26.69 -9.39
C GLU A 91 -6.49 -26.38 -10.68
N VAL A 92 -5.85 -25.22 -10.72
CA VAL A 92 -5.09 -24.80 -11.89
C VAL A 92 -3.65 -25.27 -11.82
N HIS A 93 -2.91 -24.76 -10.84
CA HIS A 93 -1.51 -25.14 -10.65
C HIS A 93 -1.40 -26.53 -10.03
N ASN A 94 -2.35 -26.86 -9.17
CA ASN A 94 -2.35 -28.16 -8.52
C ASN A 94 -1.17 -28.30 -7.57
N GLN A 95 -0.98 -27.31 -6.70
CA GLN A 95 0.12 -27.32 -5.75
C GLN A 95 -0.40 -27.46 -4.33
N ASN A 96 -0.31 -28.67 -3.79
CA ASN A 96 -0.78 -28.95 -2.43
C ASN A 96 0.39 -29.32 -1.52
N ASN A 97 1.50 -28.60 -1.67
CA ASN A 97 2.68 -28.85 -0.87
C ASN A 97 2.63 -28.08 0.45
N MET A 98 2.59 -26.75 0.34
CA MET A 98 2.53 -25.89 1.53
C MET A 98 1.13 -25.33 1.71
N ALA A 99 0.51 -25.64 2.85
CA ALA A 99 -0.83 -25.17 3.14
C ALA A 99 -0.88 -24.50 4.52
N PRO A 100 -1.82 -23.55 4.69
CA PRO A 100 -1.99 -22.82 5.94
C PRO A 100 -2.54 -23.71 7.06
N THR A 101 -2.67 -25.00 6.78
CA THR A 101 -3.17 -25.95 7.75
C THR A 101 -2.07 -26.43 8.69
N SER A 102 -2.32 -26.34 9.98
CA SER A 102 -1.34 -26.77 10.98
C SER A 102 -1.93 -26.68 12.39
N GLY A 103 -2.11 -27.83 13.02
CA GLY A 103 -2.66 -27.86 14.36
C GLY A 103 -1.66 -27.38 15.41
N PRO A 104 -1.96 -26.24 16.04
CA PRO A 104 -1.10 -25.65 17.06
C PRO A 104 -1.10 -26.47 18.35
N SER A 105 0.05 -26.52 19.00
CA SER A 105 0.19 -27.27 20.25
C SER A 105 -0.47 -26.53 21.41
N SER A 106 -1.33 -27.23 22.14
CA SER A 106 -2.03 -26.64 23.26
C SER A 106 -2.17 -27.65 24.41
N GLY A 107 -1.89 -27.19 25.63
CA GLY A 107 -1.99 -28.06 26.79
C GLY A 107 -0.80 -27.92 27.72
ZN ZN B . 2.37 12.41 -2.59
ZN ZN C . 0.11 -4.97 -0.20
ZN ZN D . -1.86 -18.72 -10.05
N GLY A 1 -3.67 23.52 38.83
CA GLY A 1 -2.57 23.77 37.93
C GLY A 1 -2.72 25.09 37.19
N SER A 2 -2.11 25.18 36.01
CA SER A 2 -2.17 26.41 35.22
C SER A 2 -1.92 26.10 33.75
N SER A 3 -2.09 27.10 32.90
CA SER A 3 -1.89 26.95 31.46
C SER A 3 -1.04 28.10 30.90
N GLY A 4 -0.35 27.82 29.80
CA GLY A 4 0.49 28.84 29.19
C GLY A 4 -0.12 29.39 27.91
N SER A 5 0.66 30.22 27.21
CA SER A 5 0.19 30.82 25.96
C SER A 5 1.28 30.82 24.91
N SER A 6 0.92 31.17 23.68
CA SER A 6 1.87 31.20 22.58
C SER A 6 2.08 32.62 22.08
N GLY A 7 3.33 32.97 21.78
CA GLY A 7 3.63 34.30 21.30
C GLY A 7 2.98 34.60 19.97
N ALA A 8 3.32 35.74 19.38
CA ALA A 8 2.76 36.14 18.09
C ALA A 8 3.84 36.70 17.18
N SER A 9 3.61 36.64 15.87
CA SER A 9 4.55 37.14 14.89
C SER A 9 3.84 37.67 13.66
N PRO A 10 4.31 38.83 13.15
CA PRO A 10 3.73 39.47 11.97
C PRO A 10 3.99 38.69 10.69
N VAL A 11 2.92 38.20 10.07
CA VAL A 11 3.02 37.43 8.84
C VAL A 11 1.92 37.81 7.86
N GLU A 12 2.30 38.03 6.60
CA GLU A 12 1.34 38.40 5.57
C GLU A 12 0.65 37.16 5.01
N ASN A 13 -0.66 37.26 4.79
CA ASN A 13 -1.43 36.14 4.26
C ASN A 13 -0.69 35.48 3.10
N LYS A 14 -1.00 34.21 2.87
CA LYS A 14 -0.36 33.44 1.80
C LYS A 14 -0.99 32.06 1.67
N GLU A 15 -0.88 31.48 0.47
CA GLU A 15 -1.43 30.15 0.22
C GLU A 15 -0.43 29.27 -0.51
N VAL A 16 -0.22 28.06 0.01
CA VAL A 16 0.72 27.12 -0.58
C VAL A 16 0.01 25.85 -1.02
N TYR A 17 0.50 25.25 -2.10
CA TYR A 17 -0.09 24.01 -2.62
C TYR A 17 0.63 22.79 -2.05
N GLN A 18 -0.02 22.13 -1.10
CA GLN A 18 0.55 20.94 -0.47
C GLN A 18 -0.02 19.66 -1.10
N CYS A 19 0.80 18.61 -1.13
CA CYS A 19 0.37 17.34 -1.69
C CYS A 19 -0.61 16.62 -0.76
N ARG A 20 -1.67 16.07 -1.34
CA ARG A 20 -2.68 15.36 -0.55
C ARG A 20 -2.24 13.92 -0.29
N LEU A 21 -0.93 13.67 -0.38
CA LEU A 21 -0.39 12.34 -0.15
C LEU A 21 0.67 12.37 0.93
N CYS A 22 1.59 13.33 0.84
CA CYS A 22 2.67 13.47 1.82
C CYS A 22 2.63 14.85 2.48
N ASN A 23 1.75 15.71 1.98
CA ASN A 23 1.62 17.06 2.52
C ASN A 23 2.91 17.85 2.33
N ALA A 24 3.45 17.79 1.12
CA ALA A 24 4.68 18.51 0.80
C ALA A 24 4.39 19.80 0.03
N LYS A 25 4.90 20.91 0.53
CA LYS A 25 4.70 22.20 -0.11
C LYS A 25 5.29 22.21 -1.52
N LEU A 26 4.45 22.51 -2.51
CA LEU A 26 4.88 22.55 -3.89
C LEU A 26 5.41 23.93 -4.26
N SER A 27 5.75 24.12 -5.53
CA SER A 27 6.26 25.40 -6.00
C SER A 27 5.24 26.10 -6.88
N SER A 28 4.21 25.37 -7.30
CA SER A 28 3.17 25.92 -8.16
C SER A 28 2.06 24.89 -8.40
N LEU A 29 0.91 25.37 -8.85
CA LEU A 29 -0.23 24.50 -9.12
C LEU A 29 0.20 23.29 -9.94
N LEU A 30 1.02 23.53 -10.97
CA LEU A 30 1.50 22.47 -11.83
C LEU A 30 2.23 21.40 -11.02
N GLU A 31 3.30 21.81 -10.33
CA GLU A 31 4.08 20.89 -9.52
C GLU A 31 3.18 19.98 -8.70
N GLN A 32 2.00 20.49 -8.34
CA GLN A 32 1.04 19.72 -7.55
C GLN A 32 0.40 18.63 -8.39
N GLY A 33 -0.20 19.02 -9.52
CA GLY A 33 -0.84 18.07 -10.39
C GLY A 33 0.12 17.06 -10.97
N SER A 34 1.41 17.40 -10.96
CA SER A 34 2.45 16.52 -11.48
C SER A 34 3.02 15.64 -10.38
N HIS A 35 3.54 16.28 -9.34
CA HIS A 35 4.12 15.55 -8.21
C HIS A 35 3.21 14.41 -7.76
N GLU A 36 1.92 14.54 -8.06
CA GLU A 36 0.95 13.52 -7.69
C GLU A 36 1.15 12.25 -8.51
N ARG A 37 1.56 12.43 -9.76
CA ARG A 37 1.78 11.30 -10.65
C ARG A 37 2.93 10.42 -10.15
N LEU A 38 4.00 11.08 -9.69
CA LEU A 38 5.17 10.37 -9.19
C LEU A 38 4.96 9.93 -7.73
N CYS A 39 4.23 10.75 -6.98
CA CYS A 39 3.96 10.45 -5.58
C CYS A 39 2.78 9.49 -5.45
N ARG A 40 2.27 9.03 -6.59
CA ARG A 40 1.15 8.10 -6.61
C ARG A 40 1.60 6.71 -7.04
N ASN A 41 2.53 6.66 -8.00
CA ASN A 41 3.04 5.40 -8.51
C ASN A 41 4.36 5.03 -7.82
N ALA A 42 4.93 6.00 -7.11
CA ALA A 42 6.19 5.78 -6.41
C ALA A 42 6.27 4.37 -5.84
N ALA A 43 5.29 4.02 -5.00
CA ALA A 43 5.25 2.71 -4.38
C ALA A 43 3.83 2.14 -4.41
N VAL A 44 3.59 1.17 -5.29
CA VAL A 44 2.28 0.55 -5.41
C VAL A 44 2.36 -0.95 -5.17
N CYS A 45 1.98 -1.38 -3.97
CA CYS A 45 2.02 -2.80 -3.61
C CYS A 45 1.21 -3.62 -4.61
N PRO A 46 1.90 -4.54 -5.31
CA PRO A 46 1.26 -5.41 -6.31
C PRO A 46 0.35 -6.45 -5.67
N TYR A 47 0.18 -6.36 -4.35
CA TYR A 47 -0.66 -7.29 -3.62
C TYR A 47 -2.02 -6.68 -3.31
N CYS A 48 -2.00 -5.57 -2.57
CA CYS A 48 -3.24 -4.88 -2.21
C CYS A 48 -3.43 -3.63 -3.07
N SER A 49 -2.46 -3.34 -3.91
CA SER A 49 -2.52 -2.18 -4.79
C SER A 49 -2.57 -0.89 -3.97
N LEU A 50 -1.60 -0.73 -3.07
CA LEU A 50 -1.53 0.47 -2.23
C LEU A 50 -0.79 1.60 -2.95
N ARG A 51 -0.57 2.69 -2.24
CA ARG A 51 0.12 3.84 -2.80
C ARG A 51 0.80 4.66 -1.71
N PHE A 52 2.13 4.57 -1.65
CA PHE A 52 2.91 5.30 -0.65
C PHE A 52 3.71 6.42 -1.30
N PHE A 53 4.25 7.30 -0.47
CA PHE A 53 5.04 8.43 -0.96
C PHE A 53 6.34 7.93 -1.58
N SER A 54 7.04 7.05 -0.86
CA SER A 54 8.31 6.51 -1.34
C SER A 54 8.23 5.00 -1.49
N PRO A 55 9.13 4.44 -2.31
CA PRO A 55 9.18 2.99 -2.56
C PRO A 55 9.66 2.21 -1.33
N GLU A 56 10.49 2.86 -0.53
CA GLU A 56 11.02 2.23 0.68
C GLU A 56 9.92 1.94 1.69
N LEU A 57 8.95 2.85 1.76
CA LEU A 57 7.83 2.70 2.68
C LEU A 57 7.00 1.46 2.35
N LYS A 58 6.70 1.28 1.07
CA LYS A 58 5.93 0.13 0.61
C LYS A 58 6.68 -1.17 0.87
N GLN A 59 7.96 -1.19 0.50
CA GLN A 59 8.79 -2.38 0.69
C GLN A 59 8.50 -3.02 2.04
N GLU A 60 8.51 -2.22 3.09
CA GLU A 60 8.27 -2.72 4.45
C GLU A 60 6.87 -3.35 4.54
N HIS A 61 5.85 -2.56 4.21
CA HIS A 61 4.47 -3.04 4.26
C HIS A 61 4.35 -4.41 3.59
N GLU A 62 4.84 -4.51 2.36
CA GLU A 62 4.79 -5.76 1.62
C GLU A 62 5.12 -6.95 2.53
N SER A 63 5.89 -6.68 3.57
CA SER A 63 6.28 -7.73 4.51
C SER A 63 5.13 -8.08 5.45
N LYS A 64 4.39 -7.06 5.88
CA LYS A 64 3.27 -7.26 6.78
C LYS A 64 1.94 -7.21 6.01
N CYS A 65 2.03 -7.28 4.69
CA CYS A 65 0.84 -7.25 3.84
C CYS A 65 0.08 -8.56 3.94
N GLU A 66 -1.21 -8.45 4.29
CA GLU A 66 -2.06 -9.64 4.41
C GLU A 66 -2.54 -10.11 3.05
N TYR A 67 -2.28 -9.31 2.02
CA TYR A 67 -2.68 -9.65 0.66
C TYR A 67 -1.55 -10.35 -0.08
N LYS A 68 -0.35 -10.28 0.46
CA LYS A 68 0.82 -10.91 -0.14
C LYS A 68 0.59 -12.41 -0.31
N LYS A 69 0.32 -13.09 0.80
CA LYS A 69 0.08 -14.53 0.78
C LYS A 69 -1.10 -14.87 -0.11
N LEU A 70 -2.17 -14.08 0.00
CA LEU A 70 -3.37 -14.30 -0.80
C LEU A 70 -3.11 -14.05 -2.28
N THR A 71 -1.89 -13.60 -2.58
CA THR A 71 -1.50 -13.33 -3.96
C THR A 71 -0.68 -14.47 -4.54
N CYS A 72 -1.22 -15.16 -5.54
CA CYS A 72 -0.54 -16.27 -6.17
C CYS A 72 0.67 -15.79 -6.97
N LEU A 73 1.78 -15.59 -6.26
CA LEU A 73 3.01 -15.12 -6.90
C LEU A 73 3.26 -15.87 -8.20
N GLU A 74 2.86 -17.14 -8.24
CA GLU A 74 3.05 -17.96 -9.43
C GLU A 74 2.50 -17.26 -10.67
N CYS A 75 1.24 -16.87 -10.61
CA CYS A 75 0.58 -16.19 -11.72
C CYS A 75 -0.01 -14.86 -11.27
N MET A 76 0.60 -14.26 -10.26
CA MET A 76 0.12 -12.98 -9.73
C MET A 76 -1.40 -12.91 -9.75
N ARG A 77 -2.04 -13.90 -9.15
CA ARG A 77 -3.49 -13.95 -9.09
C ARG A 77 -4.00 -13.82 -7.66
N THR A 78 -4.40 -12.61 -7.28
CA THR A 78 -4.90 -12.35 -5.94
C THR A 78 -6.36 -12.74 -5.81
N PHE A 79 -6.74 -13.18 -4.62
CA PHE A 79 -8.12 -13.60 -4.37
C PHE A 79 -8.70 -12.85 -3.16
N LYS A 80 -9.93 -13.20 -2.80
CA LYS A 80 -10.60 -12.56 -1.67
C LYS A 80 -10.22 -13.26 -0.36
N SER A 81 -10.07 -14.57 -0.41
CA SER A 81 -9.72 -15.35 0.77
C SER A 81 -8.66 -16.39 0.44
N SER A 82 -8.22 -17.13 1.46
CA SER A 82 -7.21 -18.16 1.27
C SER A 82 -7.81 -19.41 0.64
N PHE A 83 -8.90 -19.90 1.25
CA PHE A 83 -9.57 -21.10 0.75
C PHE A 83 -9.93 -20.95 -0.72
N SER A 84 -10.33 -19.74 -1.11
CA SER A 84 -10.70 -19.48 -2.49
C SER A 84 -9.53 -19.73 -3.43
N ILE A 85 -8.43 -19.01 -3.21
CA ILE A 85 -7.25 -19.15 -4.04
C ILE A 85 -6.71 -20.58 -3.99
N TRP A 86 -6.79 -21.19 -2.82
CA TRP A 86 -6.31 -22.56 -2.64
C TRP A 86 -6.77 -23.45 -3.79
N ARG A 87 -8.06 -23.40 -4.10
CA ARG A 87 -8.62 -24.19 -5.18
C ARG A 87 -7.96 -23.85 -6.51
N HIS A 88 -7.61 -22.58 -6.68
CA HIS A 88 -6.97 -22.11 -7.90
C HIS A 88 -5.55 -22.66 -8.02
N GLN A 89 -4.95 -22.98 -6.87
CA GLN A 89 -3.60 -23.51 -6.85
C GLN A 89 -3.60 -25.03 -6.78
N VAL A 90 -4.73 -25.59 -6.33
CA VAL A 90 -4.87 -27.04 -6.23
C VAL A 90 -5.53 -27.62 -7.47
N GLU A 91 -6.28 -26.78 -8.17
CA GLU A 91 -6.97 -27.21 -9.39
C GLU A 91 -6.15 -26.89 -10.63
N VAL A 92 -5.54 -25.71 -10.65
CA VAL A 92 -4.72 -25.28 -11.77
C VAL A 92 -3.27 -25.71 -11.59
N HIS A 93 -2.63 -25.17 -10.55
CA HIS A 93 -1.23 -25.50 -10.27
C HIS A 93 -1.13 -26.85 -9.58
N ASN A 94 -2.24 -27.31 -8.99
CA ASN A 94 -2.26 -28.59 -8.30
C ASN A 94 -1.10 -28.72 -7.32
N GLN A 95 -0.99 -27.74 -6.42
CA GLN A 95 0.07 -27.73 -5.42
C GLN A 95 -0.50 -27.89 -4.02
N ASN A 96 -1.44 -28.83 -3.87
CA ASN A 96 -2.06 -29.08 -2.58
C ASN A 96 -1.01 -29.17 -1.47
N ASN A 97 0.04 -29.93 -1.73
CA ASN A 97 1.12 -30.10 -0.75
C ASN A 97 1.40 -28.79 -0.03
N MET A 98 1.56 -27.71 -0.79
CA MET A 98 1.83 -26.40 -0.22
C MET A 98 0.53 -25.70 0.20
N ALA A 99 0.40 -25.42 1.48
CA ALA A 99 -0.79 -24.76 2.00
C ALA A 99 -0.53 -24.19 3.40
N PRO A 100 -1.12 -23.01 3.67
CA PRO A 100 -0.97 -22.33 4.96
C PRO A 100 -1.68 -23.07 6.09
N THR A 101 -1.56 -22.55 7.31
CA THR A 101 -2.19 -23.15 8.47
C THR A 101 -3.71 -23.08 8.37
N SER A 102 -4.36 -24.22 8.50
CA SER A 102 -5.82 -24.28 8.43
C SER A 102 -6.45 -23.81 9.73
N GLY A 103 -7.20 -22.71 9.65
CA GLY A 103 -7.86 -22.17 10.83
C GLY A 103 -9.20 -21.57 10.52
N PRO A 104 -10.23 -21.97 11.28
CA PRO A 104 -11.60 -21.48 11.09
C PRO A 104 -11.74 -20.01 11.52
N SER A 105 -10.68 -19.46 12.09
CA SER A 105 -10.70 -18.07 12.53
C SER A 105 -11.48 -17.20 11.56
N SER A 106 -12.61 -16.67 12.02
CA SER A 106 -13.45 -15.82 11.19
C SER A 106 -13.99 -14.64 12.00
N GLY A 107 -13.57 -13.44 11.63
CA GLY A 107 -14.01 -12.24 12.32
C GLY A 107 -15.49 -11.99 12.14
ZN ZN B . 3.23 13.68 -2.25
ZN ZN C . 0.10 -4.76 0.16
ZN ZN D . -1.80 -19.06 -9.80
N GLY A 1 25.50 23.48 44.85
CA GLY A 1 25.02 24.53 43.96
C GLY A 1 24.06 24.01 42.92
N SER A 2 23.28 24.91 42.33
CA SER A 2 22.30 24.53 41.32
C SER A 2 21.93 25.74 40.46
N SER A 3 21.22 25.48 39.36
CA SER A 3 20.79 26.54 38.45
C SER A 3 19.54 26.14 37.70
N GLY A 4 18.93 27.10 37.01
CA GLY A 4 17.72 26.83 36.25
C GLY A 4 17.21 28.05 35.51
N SER A 5 17.46 28.08 34.20
CA SER A 5 17.03 29.21 33.38
C SER A 5 15.99 28.76 32.36
N SER A 6 15.41 29.73 31.65
CA SER A 6 14.39 29.44 30.65
C SER A 6 14.51 30.41 29.47
N GLY A 7 13.84 30.06 28.36
CA GLY A 7 13.88 30.91 27.19
C GLY A 7 13.40 30.18 25.95
N ALA A 8 12.22 30.57 25.46
CA ALA A 8 11.65 29.95 24.27
C ALA A 8 11.14 31.00 23.29
N SER A 9 10.77 30.57 22.09
CA SER A 9 10.28 31.48 21.07
C SER A 9 8.90 31.04 20.58
N PRO A 10 8.10 32.02 20.11
CA PRO A 10 6.74 31.76 19.61
C PRO A 10 6.76 31.00 18.29
N VAL A 11 5.57 30.78 17.73
CA VAL A 11 5.44 30.07 16.47
C VAL A 11 4.24 30.56 15.68
N GLU A 12 4.40 30.67 14.36
CA GLU A 12 3.32 31.13 13.49
C GLU A 12 2.95 30.06 12.46
N ASN A 13 1.94 30.35 11.67
CA ASN A 13 1.48 29.42 10.64
C ASN A 13 1.33 30.11 9.29
N LYS A 14 1.69 29.41 8.22
CA LYS A 14 1.59 29.97 6.88
C LYS A 14 0.82 29.03 5.96
N GLU A 15 0.55 29.48 4.74
CA GLU A 15 -0.18 28.68 3.77
C GLU A 15 0.79 27.89 2.88
N VAL A 16 0.80 26.57 3.06
CA VAL A 16 1.68 25.70 2.29
C VAL A 16 0.88 24.62 1.56
N TYR A 17 1.41 24.17 0.43
CA TYR A 17 0.74 23.14 -0.36
C TYR A 17 1.31 21.76 -0.06
N GLN A 18 0.56 20.97 0.70
CA GLN A 18 1.00 19.62 1.06
C GLN A 18 0.30 18.57 0.20
N CYS A 19 0.97 17.45 -0.02
CA CYS A 19 0.42 16.37 -0.83
C CYS A 19 -0.63 15.59 -0.04
N ARG A 20 -1.76 15.32 -0.69
CA ARG A 20 -2.85 14.58 -0.05
C ARG A 20 -2.59 13.09 -0.10
N LEU A 21 -1.33 12.72 -0.28
CA LEU A 21 -0.95 11.31 -0.34
C LEU A 21 0.09 10.96 0.72
N CYS A 22 1.08 11.85 0.88
CA CYS A 22 2.13 11.64 1.86
C CYS A 22 2.27 12.86 2.77
N ASN A 23 1.53 13.92 2.45
CA ASN A 23 1.55 15.13 3.25
C ASN A 23 2.93 15.79 3.19
N ALA A 24 3.49 15.89 1.98
CA ALA A 24 4.80 16.50 1.80
C ALA A 24 4.67 17.93 1.30
N LYS A 25 5.26 18.86 2.04
CA LYS A 25 5.22 20.27 1.67
C LYS A 25 5.82 20.50 0.28
N LEU A 26 5.07 21.17 -0.58
CA LEU A 26 5.53 21.45 -1.94
C LEU A 26 6.12 22.85 -2.03
N SER A 27 6.66 23.19 -3.20
CA SER A 27 7.25 24.51 -3.42
C SER A 27 6.30 25.40 -4.19
N SER A 28 5.28 24.81 -4.79
CA SER A 28 4.29 25.55 -5.57
C SER A 28 3.06 24.71 -5.85
N LEU A 29 1.96 25.37 -6.19
CA LEU A 29 0.71 24.67 -6.49
C LEU A 29 0.92 23.62 -7.57
N LEU A 30 1.73 23.94 -8.56
CA LEU A 30 2.02 23.02 -9.65
C LEU A 30 2.67 21.75 -9.14
N GLU A 31 3.73 21.90 -8.35
CA GLU A 31 4.44 20.76 -7.79
C GLU A 31 3.48 19.83 -7.06
N GLN A 32 2.39 20.39 -6.55
CA GLN A 32 1.40 19.60 -5.83
C GLN A 32 0.55 18.77 -6.79
N GLY A 33 -0.08 19.45 -7.75
CA GLY A 33 -0.90 18.76 -8.71
C GLY A 33 -0.12 17.79 -9.57
N SER A 34 1.20 17.98 -9.63
CA SER A 34 2.07 17.12 -10.41
C SER A 34 2.65 16.00 -9.56
N HIS A 35 3.19 16.36 -8.40
CA HIS A 35 3.78 15.39 -7.48
C HIS A 35 2.78 14.28 -7.17
N GLU A 36 1.50 14.61 -7.23
CA GLU A 36 0.45 13.63 -6.95
C GLU A 36 0.37 12.58 -8.06
N ARG A 37 0.86 12.94 -9.24
CA ARG A 37 0.84 12.04 -10.38
C ARG A 37 1.95 10.99 -10.27
N LEU A 38 3.12 11.42 -9.83
CA LEU A 38 4.26 10.53 -9.67
C LEU A 38 4.26 9.88 -8.29
N CYS A 39 3.63 10.56 -7.33
CA CYS A 39 3.56 10.05 -5.96
C CYS A 39 2.58 8.87 -5.87
N ARG A 40 1.86 8.63 -6.96
CA ARG A 40 0.89 7.53 -7.01
C ARG A 40 1.50 6.29 -7.64
N ASN A 41 2.32 6.51 -8.67
CA ASN A 41 2.97 5.40 -9.38
C ASN A 41 4.31 5.06 -8.74
N ALA A 42 4.96 6.07 -8.17
CA ALA A 42 6.25 5.87 -7.53
C ALA A 42 6.34 4.49 -6.89
N ALA A 43 5.48 4.24 -5.90
CA ALA A 43 5.46 2.96 -5.21
C ALA A 43 4.05 2.36 -5.21
N VAL A 44 3.82 1.42 -6.12
CA VAL A 44 2.51 0.78 -6.22
C VAL A 44 2.61 -0.70 -5.86
N CYS A 45 2.03 -1.07 -4.72
CA CYS A 45 2.05 -2.46 -4.27
C CYS A 45 1.36 -3.37 -5.26
N PRO A 46 2.14 -4.26 -5.90
CA PRO A 46 1.62 -5.20 -6.90
C PRO A 46 0.75 -6.28 -6.27
N TYR A 47 0.49 -6.13 -4.97
CA TYR A 47 -0.33 -7.10 -4.25
C TYR A 47 -1.75 -6.56 -4.02
N CYS A 48 -1.82 -5.39 -3.38
CA CYS A 48 -3.10 -4.77 -3.10
C CYS A 48 -3.30 -3.52 -3.97
N SER A 49 -2.25 -3.13 -4.69
CA SER A 49 -2.32 -1.96 -5.55
C SER A 49 -2.39 -0.68 -4.72
N LEU A 50 -1.43 -0.51 -3.83
CA LEU A 50 -1.37 0.67 -2.97
C LEU A 50 -0.61 1.81 -3.65
N ARG A 51 -0.45 2.91 -2.93
CA ARG A 51 0.26 4.07 -3.46
C ARG A 51 0.96 4.85 -2.34
N PHE A 52 2.27 4.74 -2.29
CA PHE A 52 3.06 5.43 -1.27
C PHE A 52 3.87 6.56 -1.88
N PHE A 53 4.69 7.21 -1.06
CA PHE A 53 5.52 8.32 -1.52
C PHE A 53 6.72 7.82 -2.31
N SER A 54 7.46 6.90 -1.70
CA SER A 54 8.65 6.33 -2.35
C SER A 54 8.51 4.82 -2.51
N PRO A 55 9.29 4.25 -3.44
CA PRO A 55 9.27 2.81 -3.71
C PRO A 55 9.87 2.00 -2.57
N GLU A 56 10.41 2.69 -1.58
CA GLU A 56 11.03 2.03 -0.43
C GLU A 56 9.99 1.82 0.69
N LEU A 57 9.04 2.74 0.78
CA LEU A 57 7.99 2.67 1.80
C LEU A 57 7.15 1.42 1.61
N LYS A 58 6.77 1.15 0.37
CA LYS A 58 5.95 -0.02 0.06
C LYS A 58 6.64 -1.30 0.51
N GLN A 59 7.92 -1.43 0.18
CA GLN A 59 8.69 -2.62 0.57
C GLN A 59 8.32 -3.07 1.97
N GLU A 60 8.43 -2.16 2.93
CA GLU A 60 8.12 -2.48 4.32
C GLU A 60 6.72 -3.05 4.44
N HIS A 61 5.78 -2.51 3.66
CA HIS A 61 4.40 -2.98 3.67
C HIS A 61 4.28 -4.34 3.02
N GLU A 62 4.77 -4.46 1.79
CA GLU A 62 4.71 -5.71 1.04
C GLU A 62 5.02 -6.90 1.97
N SER A 63 6.10 -6.78 2.73
CA SER A 63 6.50 -7.85 3.64
C SER A 63 5.37 -8.21 4.60
N LYS A 64 4.61 -7.19 4.99
CA LYS A 64 3.48 -7.39 5.91
C LYS A 64 2.16 -7.09 5.21
N CYS A 65 2.16 -7.17 3.88
CA CYS A 65 0.96 -6.91 3.09
C CYS A 65 -0.03 -8.05 3.23
N GLU A 66 -1.17 -7.78 3.86
CA GLU A 66 -2.20 -8.79 4.04
C GLU A 66 -2.64 -9.38 2.71
N TYR A 67 -2.50 -8.60 1.65
CA TYR A 67 -2.88 -9.05 0.31
C TYR A 67 -1.82 -9.97 -0.27
N LYS A 68 -0.60 -9.83 0.20
CA LYS A 68 0.52 -10.65 -0.27
C LYS A 68 0.17 -12.13 -0.19
N LYS A 69 -0.17 -12.59 1.02
CA LYS A 69 -0.52 -13.98 1.23
C LYS A 69 -1.64 -14.42 0.29
N LEU A 70 -2.51 -13.47 -0.05
CA LEU A 70 -3.63 -13.76 -0.96
C LEU A 70 -3.23 -13.53 -2.41
N THR A 71 -1.92 -13.53 -2.67
CA THR A 71 -1.40 -13.33 -4.01
C THR A 71 -0.66 -14.56 -4.52
N CYS A 72 -1.17 -15.14 -5.60
CA CYS A 72 -0.56 -16.33 -6.18
C CYS A 72 0.70 -15.97 -6.95
N LEU A 73 1.79 -15.73 -6.22
CA LEU A 73 3.07 -15.37 -6.84
C LEU A 73 3.31 -16.20 -8.09
N GLU A 74 2.92 -17.47 -8.05
CA GLU A 74 3.11 -18.36 -9.19
C GLU A 74 2.73 -17.66 -10.49
N CYS A 75 1.49 -17.19 -10.57
CA CYS A 75 1.01 -16.50 -11.76
C CYS A 75 0.46 -15.12 -11.41
N MET A 76 1.01 -14.52 -10.37
CA MET A 76 0.57 -13.20 -9.93
C MET A 76 -0.95 -13.09 -9.96
N ARG A 77 -1.62 -14.02 -9.29
CA ARG A 77 -3.08 -14.03 -9.25
C ARG A 77 -3.59 -13.75 -7.84
N THR A 78 -4.01 -12.52 -7.60
CA THR A 78 -4.52 -12.13 -6.28
C THR A 78 -6.01 -12.43 -6.15
N PHE A 79 -6.42 -12.91 -4.99
CA PHE A 79 -7.82 -13.23 -4.75
C PHE A 79 -8.35 -12.44 -3.57
N LYS A 80 -9.60 -12.73 -3.18
CA LYS A 80 -10.23 -12.05 -2.06
C LYS A 80 -10.01 -12.82 -0.76
N SER A 81 -10.13 -14.14 -0.83
CA SER A 81 -9.95 -14.99 0.35
C SER A 81 -8.85 -16.02 0.11
N SER A 82 -8.36 -16.61 1.18
CA SER A 82 -7.31 -17.61 1.09
C SER A 82 -7.86 -18.95 0.58
N PHE A 83 -9.02 -19.32 1.09
CA PHE A 83 -9.66 -20.58 0.70
C PHE A 83 -9.94 -20.60 -0.80
N SER A 84 -10.37 -19.46 -1.32
CA SER A 84 -10.68 -19.34 -2.75
C SER A 84 -9.44 -19.64 -3.59
N ILE A 85 -8.39 -18.84 -3.39
CA ILE A 85 -7.15 -19.01 -4.14
C ILE A 85 -6.61 -20.43 -3.97
N TRP A 86 -6.83 -21.01 -2.81
CA TRP A 86 -6.36 -22.37 -2.53
C TRP A 86 -6.77 -23.32 -3.66
N ARG A 87 -8.01 -23.21 -4.11
CA ARG A 87 -8.53 -24.05 -5.18
C ARG A 87 -7.79 -23.77 -6.49
N HIS A 88 -7.42 -22.51 -6.70
CA HIS A 88 -6.72 -22.12 -7.91
C HIS A 88 -5.30 -22.70 -7.93
N GLN A 89 -4.77 -22.96 -6.75
CA GLN A 89 -3.42 -23.52 -6.63
C GLN A 89 -3.47 -25.03 -6.49
N VAL A 90 -4.63 -25.54 -6.08
CA VAL A 90 -4.80 -26.98 -5.89
C VAL A 90 -5.43 -27.62 -7.13
N GLU A 91 -6.16 -26.81 -7.89
CA GLU A 91 -6.81 -27.30 -9.10
C GLU A 91 -5.93 -27.09 -10.33
N VAL A 92 -5.31 -25.92 -10.39
CA VAL A 92 -4.43 -25.58 -11.51
C VAL A 92 -3.01 -26.05 -11.25
N HIS A 93 -2.37 -25.47 -10.25
CA HIS A 93 -0.99 -25.83 -9.91
C HIS A 93 -0.96 -27.17 -9.17
N ASN A 94 -2.03 -27.48 -8.45
CA ASN A 94 -2.13 -28.72 -7.71
C ASN A 94 -1.01 -28.81 -6.67
N GLN A 95 -0.87 -27.76 -5.86
CA GLN A 95 0.16 -27.72 -4.83
C GLN A 95 -0.46 -27.97 -3.45
N ASN A 96 -0.64 -29.23 -3.10
CA ASN A 96 -1.23 -29.60 -1.82
C ASN A 96 -0.13 -29.91 -0.80
N ASN A 97 0.93 -29.11 -0.81
CA ASN A 97 2.04 -29.30 0.11
C ASN A 97 1.64 -28.95 1.53
N MET A 98 0.92 -27.83 1.69
CA MET A 98 0.46 -27.40 3.00
C MET A 98 -0.79 -26.52 2.88
N ALA A 99 -1.47 -26.33 4.00
CA ALA A 99 -2.69 -25.52 4.02
C ALA A 99 -2.94 -24.95 5.40
N PRO A 100 -3.48 -23.72 5.45
CA PRO A 100 -3.79 -23.04 6.71
C PRO A 100 -4.95 -23.68 7.45
N THR A 101 -4.72 -24.03 8.71
CA THR A 101 -5.75 -24.64 9.53
C THR A 101 -7.12 -24.04 9.25
N SER A 102 -8.08 -24.89 8.90
CA SER A 102 -9.43 -24.44 8.60
C SER A 102 -10.44 -25.57 8.78
N GLY A 103 -11.71 -25.21 8.88
CA GLY A 103 -12.76 -26.20 9.05
C GLY A 103 -13.31 -26.71 7.73
N PRO A 104 -13.29 -28.04 7.54
CA PRO A 104 -13.79 -28.67 6.32
C PRO A 104 -15.29 -28.57 6.19
N SER A 105 -15.77 -27.49 5.57
CA SER A 105 -17.20 -27.27 5.38
C SER A 105 -17.75 -28.20 4.31
N SER A 106 -18.36 -29.30 4.73
CA SER A 106 -18.93 -30.27 3.80
C SER A 106 -20.30 -30.72 4.27
N GLY A 107 -20.99 -31.47 3.41
CA GLY A 107 -22.32 -31.97 3.75
C GLY A 107 -23.33 -31.68 2.66
ZN ZN B . 2.86 12.58 -2.10
ZN ZN C . 0.04 -4.47 -0.61
ZN ZN D . -1.39 -19.28 -9.83
N GLY A 1 -15.22 15.65 42.95
CA GLY A 1 -15.04 16.55 41.83
C GLY A 1 -15.10 15.83 40.50
N SER A 2 -14.73 16.53 39.44
CA SER A 2 -14.74 15.96 38.10
C SER A 2 -13.92 16.80 37.14
N SER A 3 -13.01 16.16 36.41
CA SER A 3 -12.17 16.86 35.45
C SER A 3 -12.46 16.40 34.03
N GLY A 4 -12.23 17.28 33.06
CA GLY A 4 -12.48 16.96 31.67
C GLY A 4 -11.24 17.08 30.82
N SER A 5 -11.42 17.38 29.53
CA SER A 5 -10.31 17.52 28.61
C SER A 5 -10.20 18.95 28.09
N SER A 6 -9.00 19.32 27.65
CA SER A 6 -8.76 20.66 27.14
C SER A 6 -9.89 21.10 26.21
N GLY A 7 -10.01 22.41 26.01
CA GLY A 7 -11.05 22.93 25.14
C GLY A 7 -10.82 22.60 23.68
N ALA A 8 -10.39 23.60 22.92
CA ALA A 8 -10.12 23.41 21.49
C ALA A 8 -9.27 24.55 20.94
N SER A 9 -8.06 24.22 20.50
CA SER A 9 -7.15 25.23 19.95
C SER A 9 -7.01 25.06 18.44
N PRO A 10 -7.49 26.06 17.68
CA PRO A 10 -7.44 26.06 16.22
C PRO A 10 -6.01 26.21 15.70
N VAL A 11 -5.88 26.34 14.39
CA VAL A 11 -4.57 26.51 13.76
C VAL A 11 -4.57 27.67 12.77
N GLU A 12 -3.64 28.61 12.96
CA GLU A 12 -3.54 29.77 12.09
C GLU A 12 -2.38 29.62 11.12
N ASN A 13 -2.66 29.07 9.94
CA ASN A 13 -1.64 28.87 8.92
C ASN A 13 -2.02 29.56 7.61
N LYS A 14 -1.10 29.56 6.66
CA LYS A 14 -1.35 30.18 5.36
C LYS A 14 -1.65 29.13 4.30
N GLU A 15 -2.65 29.40 3.47
CA GLU A 15 -3.04 28.47 2.42
C GLU A 15 -1.82 27.74 1.86
N VAL A 16 -1.81 26.42 2.01
CA VAL A 16 -0.70 25.60 1.52
C VAL A 16 -1.21 24.41 0.72
N TYR A 17 -0.46 24.01 -0.30
CA TYR A 17 -0.82 22.88 -1.14
C TYR A 17 -0.17 21.60 -0.65
N GLN A 18 -0.94 20.75 0.01
CA GLN A 18 -0.43 19.49 0.52
C GLN A 18 -0.76 18.34 -0.43
N CYS A 19 0.05 17.29 -0.39
CA CYS A 19 -0.16 16.14 -1.25
C CYS A 19 -1.29 15.26 -0.70
N ARG A 20 -2.11 14.73 -1.60
CA ARG A 20 -3.23 13.88 -1.21
C ARG A 20 -2.76 12.44 -1.00
N LEU A 21 -1.46 12.27 -0.76
CA LEU A 21 -0.89 10.95 -0.54
C LEU A 21 -0.05 10.92 0.74
N CYS A 22 0.85 11.88 0.87
CA CYS A 22 1.71 11.97 2.04
C CYS A 22 1.48 13.29 2.78
N ASN A 23 0.48 14.03 2.35
CA ASN A 23 0.15 15.31 2.97
C ASN A 23 1.41 16.15 3.19
N ALA A 24 2.30 16.14 2.20
CA ALA A 24 3.54 16.89 2.29
C ALA A 24 3.41 18.25 1.61
N LYS A 25 3.56 19.31 2.38
CA LYS A 25 3.45 20.67 1.84
C LYS A 25 4.33 20.83 0.61
N LEU A 26 3.76 21.43 -0.44
CA LEU A 26 4.48 21.65 -1.68
C LEU A 26 5.00 23.08 -1.76
N SER A 27 5.60 23.43 -2.89
CA SER A 27 6.15 24.76 -3.10
C SER A 27 5.27 25.57 -4.05
N SER A 28 4.34 24.88 -4.71
CA SER A 28 3.44 25.54 -5.65
C SER A 28 2.37 24.56 -6.14
N LEU A 29 1.29 25.11 -6.70
CA LEU A 29 0.19 24.29 -7.21
C LEU A 29 0.71 23.22 -8.16
N LEU A 30 1.69 23.58 -8.99
CA LEU A 30 2.28 22.65 -9.95
C LEU A 30 2.95 21.50 -9.23
N GLU A 31 3.85 21.82 -8.31
CA GLU A 31 4.57 20.80 -7.55
C GLU A 31 3.61 19.78 -6.96
N GLN A 32 2.36 20.19 -6.79
CA GLN A 32 1.33 19.31 -6.24
C GLN A 32 0.83 18.32 -7.28
N GLY A 33 0.34 18.85 -8.40
CA GLY A 33 -0.17 18.01 -9.46
C GLY A 33 0.91 17.13 -10.07
N SER A 34 2.17 17.48 -9.82
CA SER A 34 3.29 16.71 -10.34
C SER A 34 3.80 15.71 -9.32
N HIS A 35 3.94 16.18 -8.08
CA HIS A 35 4.42 15.32 -7.00
C HIS A 35 3.47 14.16 -6.76
N GLU A 36 2.20 14.35 -7.11
CA GLU A 36 1.19 13.31 -6.94
C GLU A 36 1.29 12.27 -8.05
N ARG A 37 2.04 12.60 -9.10
CA ARG A 37 2.21 11.69 -10.23
C ARG A 37 3.27 10.64 -9.93
N LEU A 38 4.35 11.06 -9.29
CA LEU A 38 5.44 10.16 -8.94
C LEU A 38 5.25 9.59 -7.54
N CYS A 39 4.55 10.33 -6.69
CA CYS A 39 4.29 9.90 -5.33
C CYS A 39 3.20 8.83 -5.29
N ARG A 40 2.44 8.73 -6.38
CA ARG A 40 1.37 7.75 -6.49
C ARG A 40 1.86 6.47 -7.15
N ASN A 41 2.83 6.61 -8.03
CA ASN A 41 3.39 5.46 -8.74
C ASN A 41 4.67 4.97 -8.07
N ALA A 42 5.37 5.89 -7.41
CA ALA A 42 6.61 5.54 -6.72
C ALA A 42 6.55 4.13 -6.15
N ALA A 43 5.55 3.88 -5.31
CA ALA A 43 5.38 2.58 -4.69
C ALA A 43 3.92 2.12 -4.76
N VAL A 44 3.58 1.39 -5.81
CA VAL A 44 2.22 0.90 -6.00
C VAL A 44 2.16 -0.61 -5.85
N CYS A 45 1.65 -1.08 -4.71
CA CYS A 45 1.54 -2.52 -4.44
C CYS A 45 0.60 -3.17 -5.44
N PRO A 46 1.15 -4.09 -6.26
CA PRO A 46 0.38 -4.81 -7.28
C PRO A 46 -0.60 -5.81 -6.66
N TYR A 47 -0.66 -5.83 -5.33
CA TYR A 47 -1.54 -6.73 -4.61
C TYR A 47 -2.85 -6.04 -4.24
N CYS A 48 -2.74 -4.91 -3.55
CA CYS A 48 -3.91 -4.15 -3.14
C CYS A 48 -4.01 -2.83 -3.92
N SER A 49 -2.93 -2.48 -4.60
CA SER A 49 -2.90 -1.25 -5.38
C SER A 49 -2.80 -0.03 -4.46
N LEU A 50 -1.81 -0.04 -3.57
CA LEU A 50 -1.60 1.05 -2.63
C LEU A 50 -0.72 2.14 -3.25
N ARG A 51 -0.39 3.15 -2.47
CA ARG A 51 0.44 4.25 -2.93
C ARG A 51 1.21 4.88 -1.78
N PHE A 52 2.51 4.59 -1.71
CA PHE A 52 3.36 5.12 -0.65
C PHE A 52 4.28 6.21 -1.19
N PHE A 53 4.73 7.09 -0.30
CA PHE A 53 5.62 8.19 -0.68
C PHE A 53 6.85 7.66 -1.40
N SER A 54 7.50 6.68 -0.78
CA SER A 54 8.71 6.08 -1.36
C SER A 54 8.49 4.60 -1.66
N PRO A 55 9.32 4.06 -2.57
CA PRO A 55 9.24 2.65 -2.96
C PRO A 55 9.69 1.71 -1.84
N GLU A 56 10.62 2.18 -1.01
CA GLU A 56 11.13 1.39 0.10
C GLU A 56 10.03 1.10 1.12
N LEU A 57 9.18 2.10 1.37
CA LEU A 57 8.09 1.96 2.32
C LEU A 57 7.16 0.83 1.91
N LYS A 58 6.67 0.88 0.68
CA LYS A 58 5.77 -0.14 0.16
C LYS A 58 6.30 -1.54 0.45
N GLN A 59 7.57 -1.77 0.11
CA GLN A 59 8.21 -3.05 0.33
C GLN A 59 7.85 -3.61 1.71
N GLU A 60 7.93 -2.74 2.72
CA GLU A 60 7.62 -3.14 4.10
C GLU A 60 6.19 -3.64 4.21
N HIS A 61 5.30 -3.02 3.43
CA HIS A 61 3.89 -3.40 3.44
C HIS A 61 3.68 -4.73 2.74
N GLU A 62 4.08 -4.80 1.48
CA GLU A 62 3.95 -6.02 0.69
C GLU A 62 4.24 -7.25 1.55
N SER A 63 5.37 -7.23 2.23
CA SER A 63 5.79 -8.34 3.08
C SER A 63 4.68 -8.70 4.07
N LYS A 64 3.98 -7.69 4.56
CA LYS A 64 2.90 -7.90 5.51
C LYS A 64 1.54 -7.58 4.88
N CYS A 65 1.52 -7.53 3.55
CA CYS A 65 0.29 -7.24 2.83
C CYS A 65 -0.65 -8.44 2.84
N GLU A 66 -1.87 -8.22 3.29
CA GLU A 66 -2.87 -9.29 3.36
C GLU A 66 -3.14 -9.85 1.98
N TYR A 67 -2.90 -9.05 0.95
CA TYR A 67 -3.12 -9.47 -0.43
C TYR A 67 -1.90 -10.20 -0.98
N LYS A 68 -0.78 -10.09 -0.28
CA LYS A 68 0.46 -10.74 -0.69
C LYS A 68 0.26 -12.24 -0.83
N LYS A 69 -0.24 -12.88 0.23
CA LYS A 69 -0.48 -14.31 0.22
C LYS A 69 -1.70 -14.66 -0.62
N LEU A 70 -2.63 -13.71 -0.70
CA LEU A 70 -3.86 -13.92 -1.47
C LEU A 70 -3.60 -13.74 -2.96
N THR A 71 -2.41 -13.24 -3.30
CA THR A 71 -2.04 -13.03 -4.70
C THR A 71 -1.19 -14.19 -5.22
N CYS A 72 -1.75 -14.93 -6.17
CA CYS A 72 -1.05 -16.06 -6.75
C CYS A 72 0.11 -15.59 -7.63
N LEU A 73 1.20 -15.21 -7.00
CA LEU A 73 2.38 -14.74 -7.71
C LEU A 73 2.60 -15.54 -9.00
N GLU A 74 2.14 -16.78 -8.99
CA GLU A 74 2.28 -17.65 -10.15
C GLU A 74 1.66 -17.01 -11.38
N CYS A 75 0.34 -16.93 -11.41
CA CYS A 75 -0.37 -16.35 -12.53
C CYS A 75 -1.00 -15.01 -12.14
N MET A 76 -0.35 -14.30 -11.21
CA MET A 76 -0.84 -13.01 -10.75
C MET A 76 -2.36 -13.01 -10.66
N ARG A 77 -2.90 -13.97 -9.90
CA ARG A 77 -4.35 -14.09 -9.73
C ARG A 77 -4.73 -13.86 -8.27
N THR A 78 -5.24 -12.67 -7.97
CA THR A 78 -5.64 -12.33 -6.61
C THR A 78 -7.02 -12.89 -6.30
N PHE A 79 -7.22 -13.30 -5.05
CA PHE A 79 -8.50 -13.85 -4.62
C PHE A 79 -9.05 -13.09 -3.43
N LYS A 80 -10.17 -13.55 -2.89
CA LYS A 80 -10.80 -12.92 -1.74
C LYS A 80 -10.24 -13.47 -0.44
N SER A 81 -10.06 -14.78 -0.37
CA SER A 81 -9.54 -15.43 0.82
C SER A 81 -8.39 -16.38 0.46
N SER A 82 -7.70 -16.88 1.48
CA SER A 82 -6.58 -17.78 1.28
C SER A 82 -7.07 -19.18 0.90
N PHE A 83 -8.09 -19.65 1.61
CA PHE A 83 -8.65 -20.98 1.36
C PHE A 83 -9.16 -21.08 -0.08
N SER A 84 -9.79 -20.01 -0.55
CA SER A 84 -10.32 -19.98 -1.92
C SER A 84 -9.21 -20.15 -2.95
N ILE A 85 -8.20 -19.30 -2.85
CA ILE A 85 -7.07 -19.35 -3.78
C ILE A 85 -6.34 -20.69 -3.66
N TRP A 86 -6.18 -21.18 -2.44
CA TRP A 86 -5.49 -22.44 -2.20
C TRP A 86 -5.95 -23.50 -3.20
N ARG A 87 -7.26 -23.59 -3.39
CA ARG A 87 -7.83 -24.57 -4.32
C ARG A 87 -7.39 -24.28 -5.75
N HIS A 88 -7.23 -23.00 -6.07
CA HIS A 88 -6.81 -22.60 -7.40
C HIS A 88 -5.35 -22.99 -7.67
N GLN A 89 -4.58 -23.08 -6.59
CA GLN A 89 -3.17 -23.45 -6.70
C GLN A 89 -2.98 -24.94 -6.44
N VAL A 90 -3.98 -25.57 -5.81
CA VAL A 90 -3.92 -26.99 -5.51
C VAL A 90 -4.63 -27.81 -6.57
N GLU A 91 -5.59 -27.18 -7.25
CA GLU A 91 -6.34 -27.86 -8.31
C GLU A 91 -5.70 -27.63 -9.67
N VAL A 92 -5.26 -26.40 -9.91
CA VAL A 92 -4.63 -26.05 -11.18
C VAL A 92 -3.13 -26.29 -11.13
N HIS A 93 -2.44 -25.52 -10.28
CA HIS A 93 -0.99 -25.64 -10.13
C HIS A 93 -0.63 -26.91 -9.36
N ASN A 94 -1.54 -27.33 -8.48
CA ASN A 94 -1.31 -28.52 -7.67
C ASN A 94 -0.07 -28.37 -6.80
N GLN A 95 0.00 -27.28 -6.05
CA GLN A 95 1.14 -27.01 -5.18
C GLN A 95 0.72 -27.01 -3.71
N ASN A 96 0.64 -28.20 -3.13
CA ASN A 96 0.25 -28.34 -1.73
C ASN A 96 1.32 -27.79 -0.81
N ASN A 97 1.42 -26.46 -0.74
CA ASN A 97 2.41 -25.81 0.10
C ASN A 97 1.80 -25.41 1.43
N MET A 98 2.63 -24.82 2.31
CA MET A 98 2.17 -24.39 3.62
C MET A 98 0.78 -23.75 3.53
N ALA A 99 -0.19 -24.35 4.20
CA ALA A 99 -1.55 -23.85 4.20
C ALA A 99 -1.86 -23.10 5.50
N PRO A 100 -2.75 -22.10 5.40
CA PRO A 100 -3.15 -21.28 6.55
C PRO A 100 -3.99 -22.07 7.55
N THR A 101 -3.89 -23.39 7.50
CA THR A 101 -4.64 -24.26 8.40
C THR A 101 -4.03 -24.26 9.80
N SER A 102 -3.87 -23.07 10.37
CA SER A 102 -3.29 -22.94 11.70
C SER A 102 -4.12 -21.97 12.56
N GLY A 103 -5.12 -22.52 13.25
CA GLY A 103 -5.96 -21.69 14.10
C GLY A 103 -6.99 -20.90 13.31
N PRO A 104 -8.26 -21.01 13.70
CA PRO A 104 -9.36 -20.31 13.03
C PRO A 104 -9.32 -18.81 13.27
N SER A 105 -9.67 -18.04 12.23
CA SER A 105 -9.67 -16.59 12.33
C SER A 105 -11.09 -16.05 12.34
N SER A 106 -11.56 -15.65 13.52
CA SER A 106 -12.91 -15.11 13.66
C SER A 106 -12.97 -13.65 13.22
N GLY A 107 -14.17 -13.17 12.94
CA GLY A 107 -14.34 -11.79 12.51
C GLY A 107 -14.87 -10.90 13.62
ZN ZN B . 3.00 12.72 -1.77
ZN ZN C . -0.54 -4.53 -0.83
ZN ZN D . -2.29 -19.22 -10.21
N GLY A 1 26.52 2.38 24.15
CA GLY A 1 25.30 2.82 24.81
C GLY A 1 24.77 4.11 24.24
N SER A 2 23.84 4.74 24.96
CA SER A 2 23.24 5.99 24.51
C SER A 2 22.98 6.92 25.68
N SER A 3 22.72 8.19 25.39
CA SER A 3 22.45 9.18 26.43
C SER A 3 21.99 10.50 25.81
N GLY A 4 21.18 11.24 26.55
CA GLY A 4 20.68 12.52 26.07
C GLY A 4 19.26 12.42 25.53
N SER A 5 19.03 13.03 24.38
CA SER A 5 17.70 13.01 23.77
C SER A 5 17.72 13.67 22.39
N SER A 6 16.79 13.29 21.54
CA SER A 6 16.70 13.84 20.19
C SER A 6 15.34 13.55 19.57
N GLY A 7 14.57 14.60 19.33
CA GLY A 7 13.25 14.44 18.74
C GLY A 7 12.71 15.73 18.15
N ALA A 8 11.67 15.61 17.34
CA ALA A 8 11.06 16.78 16.72
C ALA A 8 9.59 16.53 16.39
N SER A 9 8.73 17.46 16.80
CA SER A 9 7.30 17.33 16.55
C SER A 9 6.84 18.34 15.51
N PRO A 10 5.68 18.06 14.88
CA PRO A 10 5.11 18.93 13.85
C PRO A 10 4.58 20.23 14.43
N VAL A 11 4.52 21.27 13.59
CA VAL A 11 4.04 22.57 14.02
C VAL A 11 3.20 23.23 12.93
N GLU A 12 2.11 23.87 13.34
CA GLU A 12 1.22 24.55 12.39
C GLU A 12 1.93 25.74 11.75
N ASN A 13 1.76 25.87 10.43
CA ASN A 13 2.39 26.96 9.69
C ASN A 13 1.38 27.61 8.74
N LYS A 14 1.70 28.81 8.28
CA LYS A 14 0.83 29.55 7.37
C LYS A 14 0.25 28.61 6.31
N GLU A 15 -0.87 29.00 5.73
CA GLU A 15 -1.52 28.21 4.69
C GLU A 15 -0.49 27.51 3.82
N VAL A 16 -0.44 26.20 3.92
CA VAL A 16 0.51 25.40 3.14
C VAL A 16 -0.20 24.30 2.35
N TYR A 17 0.37 23.92 1.22
CA TYR A 17 -0.22 22.89 0.38
C TYR A 17 0.42 21.53 0.67
N GLN A 18 -0.25 20.75 1.51
CA GLN A 18 0.25 19.42 1.88
C GLN A 18 -0.32 18.36 0.95
N CYS A 19 0.44 17.29 0.75
CA CYS A 19 0.01 16.19 -0.12
C CYS A 19 -1.00 15.30 0.59
N ARG A 20 -2.08 14.98 -0.10
CA ARG A 20 -3.13 14.13 0.46
C ARG A 20 -2.76 12.66 0.36
N LEU A 21 -1.47 12.40 0.18
CA LEU A 21 -0.98 11.02 0.05
C LEU A 21 0.04 10.72 1.14
N CYS A 22 0.97 11.65 1.36
CA CYS A 22 2.00 11.48 2.37
C CYS A 22 2.00 12.64 3.36
N ASN A 23 1.28 13.71 3.00
CA ASN A 23 1.20 14.89 3.85
C ASN A 23 2.53 15.63 3.89
N ALA A 24 3.12 15.82 2.72
CA ALA A 24 4.39 16.52 2.61
C ALA A 24 4.20 17.94 2.08
N LYS A 25 4.50 18.92 2.91
CA LYS A 25 4.35 20.33 2.53
C LYS A 25 5.01 20.58 1.18
N LEU A 26 4.26 21.22 0.27
CA LEU A 26 4.76 21.52 -1.06
C LEU A 26 5.38 22.92 -1.10
N SER A 27 5.83 23.32 -2.28
CA SER A 27 6.44 24.64 -2.45
C SER A 27 5.50 25.59 -3.18
N SER A 28 4.44 25.03 -3.75
CA SER A 28 3.45 25.83 -4.49
C SER A 28 2.28 24.97 -4.94
N LEU A 29 1.16 25.62 -5.24
CA LEU A 29 -0.03 24.90 -5.68
C LEU A 29 0.30 23.89 -6.78
N LEU A 30 1.14 24.30 -7.72
CA LEU A 30 1.55 23.44 -8.82
C LEU A 30 2.24 22.18 -8.29
N GLU A 31 3.25 22.37 -7.44
CA GLU A 31 3.98 21.25 -6.85
C GLU A 31 3.03 20.23 -6.25
N GLN A 32 1.85 20.69 -5.84
CA GLN A 32 0.85 19.82 -5.24
C GLN A 32 0.17 18.95 -6.31
N GLY A 33 -0.19 19.58 -7.42
CA GLY A 33 -0.85 18.85 -8.50
C GLY A 33 0.11 17.93 -9.23
N SER A 34 1.38 18.29 -9.25
CA SER A 34 2.39 17.48 -9.93
C SER A 34 2.92 16.39 -9.01
N HIS A 35 3.25 16.77 -7.78
CA HIS A 35 3.77 15.81 -6.81
C HIS A 35 2.82 14.64 -6.63
N GLU A 36 1.55 14.85 -6.97
CA GLU A 36 0.54 13.80 -6.85
C GLU A 36 0.67 12.79 -7.98
N ARG A 37 1.29 13.22 -9.08
CA ARG A 37 1.49 12.36 -10.24
C ARG A 37 2.57 11.32 -9.97
N LEU A 38 3.65 11.76 -9.34
CA LEU A 38 4.76 10.86 -9.02
C LEU A 38 4.52 10.15 -7.69
N CYS A 39 3.79 10.80 -6.79
CA CYS A 39 3.50 10.23 -5.48
C CYS A 39 2.34 9.23 -5.58
N ARG A 40 1.99 8.85 -6.81
CA ARG A 40 0.91 7.91 -7.03
C ARG A 40 1.42 6.63 -7.68
N ASN A 41 2.46 6.76 -8.51
CA ASN A 41 3.04 5.62 -9.20
C ASN A 41 4.37 5.23 -8.54
N ALA A 42 5.05 6.21 -7.96
CA ALA A 42 6.33 5.97 -7.31
C ALA A 42 6.38 4.58 -6.69
N ALA A 43 5.49 4.32 -5.75
CA ALA A 43 5.43 3.03 -5.08
C ALA A 43 4.03 2.44 -5.15
N VAL A 44 3.84 1.48 -6.05
CA VAL A 44 2.53 0.84 -6.20
C VAL A 44 2.64 -0.67 -6.01
N CYS A 45 2.09 -1.17 -4.90
CA CYS A 45 2.12 -2.59 -4.60
C CYS A 45 1.30 -3.38 -5.61
N PRO A 46 1.98 -4.28 -6.34
CA PRO A 46 1.33 -5.12 -7.37
C PRO A 46 0.41 -6.16 -6.75
N TYR A 47 0.22 -6.08 -5.43
CA TYR A 47 -0.64 -7.02 -4.73
C TYR A 47 -1.99 -6.40 -4.39
N CYS A 48 -1.94 -5.30 -3.64
CA CYS A 48 -3.16 -4.60 -3.25
C CYS A 48 -3.32 -3.31 -4.06
N SER A 49 -2.29 -2.94 -4.80
CA SER A 49 -2.32 -1.73 -5.61
C SER A 49 -2.32 -0.48 -4.73
N LEU A 50 -1.40 -0.45 -3.77
CA LEU A 50 -1.29 0.69 -2.86
C LEU A 50 -0.52 1.83 -3.51
N ARG A 51 -0.31 2.90 -2.76
CA ARG A 51 0.42 4.06 -3.26
C ARG A 51 1.16 4.76 -2.13
N PHE A 52 2.47 4.59 -2.09
CA PHE A 52 3.30 5.21 -1.06
C PHE A 52 4.19 6.30 -1.66
N PHE A 53 4.67 7.20 -0.80
CA PHE A 53 5.53 8.29 -1.24
C PHE A 53 6.83 7.75 -1.85
N SER A 54 7.45 6.83 -1.13
CA SER A 54 8.71 6.24 -1.59
C SER A 54 8.55 4.75 -1.85
N PRO A 55 9.40 4.20 -2.74
CA PRO A 55 9.37 2.77 -3.09
C PRO A 55 9.82 1.89 -1.94
N GLU A 56 10.62 2.44 -1.04
CA GLU A 56 11.13 1.69 0.11
C GLU A 56 9.99 1.36 1.08
N LEU A 57 9.03 2.27 1.19
CA LEU A 57 7.89 2.07 2.08
C LEU A 57 7.02 0.92 1.61
N LYS A 58 6.88 0.78 0.30
CA LYS A 58 6.07 -0.28 -0.29
C LYS A 58 6.80 -1.62 -0.21
N GLN A 59 8.10 -1.60 -0.54
CA GLN A 59 8.91 -2.81 -0.50
C GLN A 59 8.75 -3.53 0.82
N GLU A 60 8.78 -2.77 1.91
CA GLU A 60 8.64 -3.35 3.25
C GLU A 60 7.23 -3.90 3.46
N HIS A 61 6.24 -3.20 2.93
CA HIS A 61 4.85 -3.63 3.06
C HIS A 61 4.61 -4.94 2.31
N GLU A 62 4.95 -4.95 1.02
CA GLU A 62 4.78 -6.13 0.19
C GLU A 62 5.06 -7.40 0.99
N SER A 63 6.12 -7.36 1.79
CA SER A 63 6.51 -8.51 2.61
C SER A 63 5.36 -8.92 3.53
N LYS A 64 4.78 -7.94 4.21
CA LYS A 64 3.68 -8.20 5.14
C LYS A 64 2.35 -7.79 4.53
N CYS A 65 2.28 -7.81 3.19
CA CYS A 65 1.07 -7.44 2.48
C CYS A 65 0.02 -8.54 2.59
N GLU A 66 -1.22 -8.14 2.88
CA GLU A 66 -2.32 -9.09 3.00
C GLU A 66 -2.62 -9.76 1.66
N TYR A 67 -2.63 -8.95 0.60
CA TYR A 67 -2.91 -9.46 -0.73
C TYR A 67 -1.82 -10.42 -1.20
N LYS A 68 -0.59 -10.11 -0.82
CA LYS A 68 0.56 -10.95 -1.20
C LYS A 68 0.18 -12.43 -1.17
N LYS A 69 -0.31 -12.88 -0.02
CA LYS A 69 -0.71 -14.28 0.14
C LYS A 69 -1.70 -14.68 -0.95
N LEU A 70 -2.74 -13.88 -1.12
CA LEU A 70 -3.77 -14.14 -2.12
C LEU A 70 -3.19 -14.05 -3.53
N THR A 71 -2.03 -13.42 -3.64
CA THR A 71 -1.36 -13.26 -4.94
C THR A 71 -0.54 -14.49 -5.29
N CYS A 72 -1.03 -15.28 -6.23
CA CYS A 72 -0.35 -16.49 -6.67
C CYS A 72 0.87 -16.15 -7.53
N LEU A 73 2.02 -15.99 -6.89
CA LEU A 73 3.25 -15.67 -7.59
C LEU A 73 3.46 -16.60 -8.78
N GLU A 74 3.16 -17.89 -8.58
CA GLU A 74 3.33 -18.87 -9.64
C GLU A 74 2.86 -18.33 -10.97
N CYS A 75 1.57 -18.03 -11.07
CA CYS A 75 0.99 -17.49 -12.30
C CYS A 75 0.36 -16.12 -12.06
N MET A 76 0.97 -15.35 -11.16
CA MET A 76 0.47 -14.02 -10.84
C MET A 76 -1.06 -13.99 -10.88
N ARG A 77 -1.68 -14.88 -10.13
CA ARG A 77 -3.14 -14.95 -10.09
C ARG A 77 -3.65 -14.59 -8.70
N THR A 78 -4.02 -13.32 -8.52
CA THR A 78 -4.53 -12.85 -7.23
C THR A 78 -6.01 -13.18 -7.08
N PHE A 79 -6.44 -13.31 -5.83
CA PHE A 79 -7.84 -13.64 -5.54
C PHE A 79 -8.41 -12.69 -4.48
N LYS A 80 -9.67 -12.91 -4.11
CA LYS A 80 -10.32 -12.09 -3.11
C LYS A 80 -10.10 -12.64 -1.71
N SER A 81 -10.14 -13.96 -1.59
CA SER A 81 -9.95 -14.61 -0.30
C SER A 81 -8.89 -15.71 -0.40
N SER A 82 -8.32 -16.08 0.74
CA SER A 82 -7.29 -17.12 0.77
C SER A 82 -7.90 -18.49 0.45
N PHE A 83 -9.08 -18.74 1.00
CA PHE A 83 -9.77 -20.01 0.77
C PHE A 83 -10.02 -20.23 -0.71
N SER A 84 -10.39 -19.16 -1.41
CA SER A 84 -10.68 -19.24 -2.84
C SER A 84 -9.44 -19.70 -3.62
N ILE A 85 -8.39 -18.89 -3.57
CA ILE A 85 -7.16 -19.21 -4.28
C ILE A 85 -6.64 -20.59 -3.89
N TRP A 86 -6.86 -20.96 -2.62
CA TRP A 86 -6.42 -22.26 -2.12
C TRP A 86 -6.76 -23.37 -3.11
N ARG A 87 -8.01 -23.39 -3.56
CA ARG A 87 -8.47 -24.39 -4.51
C ARG A 87 -7.74 -24.25 -5.85
N HIS A 88 -7.47 -23.01 -6.24
CA HIS A 88 -6.78 -22.73 -7.50
C HIS A 88 -5.35 -23.26 -7.45
N GLN A 89 -4.84 -23.46 -6.24
CA GLN A 89 -3.48 -23.96 -6.07
C GLN A 89 -3.48 -25.47 -5.86
N VAL A 90 -4.54 -25.98 -5.26
CA VAL A 90 -4.66 -27.41 -5.00
C VAL A 90 -5.29 -28.13 -6.18
N GLU A 91 -6.02 -27.38 -7.00
CA GLU A 91 -6.68 -27.96 -8.18
C GLU A 91 -5.80 -27.82 -9.41
N VAL A 92 -5.09 -26.70 -9.50
CA VAL A 92 -4.21 -26.44 -10.64
C VAL A 92 -2.76 -26.80 -10.30
N HIS A 93 -2.19 -26.07 -9.35
CA HIS A 93 -0.81 -26.31 -8.93
C HIS A 93 -0.73 -27.48 -7.96
N ASN A 94 -1.89 -28.06 -7.64
CA ASN A 94 -1.95 -29.19 -6.73
C ASN A 94 -0.88 -29.07 -5.64
N GLN A 95 -0.83 -27.91 -4.99
CA GLN A 95 0.15 -27.67 -3.93
C GLN A 95 -0.54 -27.43 -2.59
N ASN A 96 -0.37 -28.37 -1.67
CA ASN A 96 -0.98 -28.26 -0.35
C ASN A 96 -0.07 -27.49 0.61
N ASN A 97 0.44 -26.36 0.15
CA ASN A 97 1.32 -25.52 0.96
C ASN A 97 0.62 -25.08 2.24
N MET A 98 1.31 -24.27 3.03
CA MET A 98 0.75 -23.77 4.29
C MET A 98 -0.64 -23.18 4.06
N ALA A 99 -1.66 -23.94 4.40
CA ALA A 99 -3.04 -23.50 4.24
C ALA A 99 -3.55 -22.83 5.51
N PRO A 100 -4.58 -21.99 5.37
CA PRO A 100 -5.18 -21.28 6.49
C PRO A 100 -5.96 -22.20 7.42
N THR A 101 -5.24 -22.89 8.30
CA THR A 101 -5.87 -23.81 9.24
C THR A 101 -7.01 -24.58 8.59
N SER A 102 -6.78 -25.02 7.35
CA SER A 102 -7.79 -25.76 6.61
C SER A 102 -8.43 -26.83 7.49
N GLY A 103 -9.72 -26.68 7.75
CA GLY A 103 -10.43 -27.64 8.58
C GLY A 103 -11.43 -28.47 7.79
N PRO A 104 -12.24 -29.26 8.50
CA PRO A 104 -13.25 -30.11 7.87
C PRO A 104 -14.41 -29.31 7.27
N SER A 105 -14.99 -29.83 6.20
CA SER A 105 -16.09 -29.17 5.53
C SER A 105 -16.83 -30.12 4.61
N SER A 106 -18.17 -30.05 4.62
CA SER A 106 -18.99 -30.92 3.78
C SER A 106 -18.59 -30.80 2.31
N GLY A 107 -18.94 -31.82 1.54
CA GLY A 107 -18.61 -31.81 0.12
C GLY A 107 -19.47 -30.85 -0.67
ZN ZN B . 2.80 12.68 -1.49
ZN ZN C . 0.25 -4.73 -0.91
ZN ZN D . -1.57 -19.78 -9.98
N GLY A 1 24.35 38.96 42.02
CA GLY A 1 23.56 39.87 41.20
C GLY A 1 22.08 39.52 41.21
N SER A 2 21.24 40.50 40.90
CA SER A 2 19.80 40.29 40.88
C SER A 2 19.18 40.93 39.63
N SER A 3 19.11 40.14 38.56
CA SER A 3 18.55 40.62 37.30
C SER A 3 17.96 39.46 36.49
N GLY A 4 17.18 39.80 35.48
CA GLY A 4 16.57 38.78 34.65
C GLY A 4 15.62 39.36 33.61
N SER A 5 15.88 39.05 32.34
CA SER A 5 15.05 39.55 31.25
C SER A 5 14.53 38.40 30.39
N SER A 6 13.45 38.66 29.66
CA SER A 6 12.85 37.65 28.80
C SER A 6 12.26 38.29 27.54
N GLY A 7 12.45 37.62 26.41
CA GLY A 7 11.93 38.14 25.15
C GLY A 7 12.48 37.40 23.94
N ALA A 8 11.59 36.87 23.12
CA ALA A 8 12.00 36.13 21.94
C ALA A 8 10.99 36.33 20.80
N SER A 9 11.39 35.93 19.59
CA SER A 9 10.53 36.08 18.42
C SER A 9 10.16 34.70 17.86
N PRO A 10 8.87 34.54 17.52
CA PRO A 10 8.35 33.28 16.97
C PRO A 10 8.87 33.02 15.55
N VAL A 11 8.47 31.88 14.99
CA VAL A 11 8.89 31.51 13.64
C VAL A 11 7.75 30.86 12.88
N GLU A 12 7.44 31.41 11.70
CA GLU A 12 6.37 30.87 10.87
C GLU A 12 6.81 30.75 9.42
N ASN A 13 5.93 30.24 8.58
CA ASN A 13 6.24 30.06 7.17
C ASN A 13 5.23 30.80 6.29
N LYS A 14 5.71 31.39 5.21
CA LYS A 14 4.85 32.13 4.29
C LYS A 14 4.06 31.17 3.40
N GLU A 15 3.05 31.71 2.70
CA GLU A 15 2.22 30.91 1.81
C GLU A 15 3.06 29.86 1.09
N VAL A 16 2.77 28.59 1.36
CA VAL A 16 3.50 27.49 0.74
C VAL A 16 2.53 26.49 0.09
N TYR A 17 2.99 25.86 -0.99
CA TYR A 17 2.17 24.88 -1.69
C TYR A 17 2.42 23.48 -1.17
N GLN A 18 1.48 22.97 -0.38
CA GLN A 18 1.59 21.62 0.18
C GLN A 18 0.90 20.60 -0.70
N CYS A 19 1.34 19.35 -0.60
CA CYS A 19 0.75 18.27 -1.40
C CYS A 19 -0.55 17.77 -0.77
N ARG A 20 -1.53 17.46 -1.60
CA ARG A 20 -2.82 16.98 -1.13
C ARG A 20 -2.77 15.48 -0.83
N LEU A 21 -1.55 14.96 -0.61
CA LEU A 21 -1.37 13.55 -0.33
C LEU A 21 -0.48 13.35 0.90
N CYS A 22 0.68 14.00 0.89
CA CYS A 22 1.62 13.89 2.00
C CYS A 22 1.81 15.25 2.67
N ASN A 23 0.99 16.22 2.28
CA ASN A 23 1.07 17.57 2.84
C ASN A 23 2.53 18.02 2.97
N ALA A 24 3.33 17.67 1.96
CA ALA A 24 4.74 18.04 1.96
C ALA A 24 4.96 19.36 1.21
N LYS A 25 5.45 20.36 1.92
CA LYS A 25 5.70 21.67 1.32
C LYS A 25 6.52 21.54 0.05
N LEU A 26 6.02 22.10 -1.04
CA LEU A 26 6.70 22.05 -2.32
C LEU A 26 7.61 23.26 -2.51
N SER A 27 8.23 23.36 -3.68
CA SER A 27 9.13 24.47 -3.98
C SER A 27 8.46 25.47 -4.91
N SER A 28 7.36 25.06 -5.54
CA SER A 28 6.63 25.91 -6.46
C SER A 28 5.32 25.26 -6.89
N LEU A 29 4.46 26.03 -7.53
CA LEU A 29 3.17 25.53 -8.00
C LEU A 29 3.35 24.32 -8.90
N LEU A 30 4.40 24.35 -9.71
CA LEU A 30 4.67 23.24 -10.63
C LEU A 30 4.99 21.97 -9.86
N GLU A 31 5.97 22.04 -8.96
CA GLU A 31 6.36 20.89 -8.16
C GLU A 31 5.14 20.22 -7.54
N GLN A 32 4.10 21.01 -7.29
CA GLN A 32 2.87 20.49 -6.70
C GLN A 32 2.08 19.67 -7.71
N GLY A 33 2.01 20.17 -8.94
CA GLY A 33 1.28 19.47 -9.98
C GLY A 33 1.99 18.22 -10.45
N SER A 34 3.32 18.25 -10.40
CA SER A 34 4.12 17.10 -10.82
C SER A 34 4.30 16.11 -9.68
N HIS A 35 4.64 16.62 -8.50
CA HIS A 35 4.83 15.78 -7.33
C HIS A 35 3.63 14.88 -7.09
N GLU A 36 2.47 15.32 -7.58
CA GLU A 36 1.24 14.56 -7.42
C GLU A 36 1.22 13.35 -8.35
N ARG A 37 1.98 13.44 -9.44
CA ARG A 37 2.05 12.36 -10.42
C ARG A 37 2.83 11.18 -9.85
N LEU A 38 3.97 11.46 -9.23
CA LEU A 38 4.81 10.43 -8.65
C LEU A 38 4.31 10.04 -7.26
N CYS A 39 3.72 10.99 -6.56
CA CYS A 39 3.20 10.75 -5.22
C CYS A 39 1.90 9.95 -5.28
N ARG A 40 1.54 9.51 -6.48
CA ARG A 40 0.31 8.74 -6.66
C ARG A 40 0.64 7.33 -7.17
N ASN A 41 1.73 7.22 -7.92
CA ASN A 41 2.15 5.93 -8.46
C ASN A 41 3.55 5.56 -7.98
N ALA A 42 4.00 6.23 -6.92
CA ALA A 42 5.31 5.98 -6.35
C ALA A 42 5.45 4.52 -5.91
N ALA A 43 4.59 4.11 -4.99
CA ALA A 43 4.61 2.75 -4.48
C ALA A 43 3.24 2.10 -4.60
N VAL A 44 3.07 1.26 -5.63
CA VAL A 44 1.81 0.58 -5.85
C VAL A 44 1.96 -0.94 -5.72
N CYS A 45 1.56 -1.47 -4.57
CA CYS A 45 1.66 -2.90 -4.31
C CYS A 45 0.89 -3.70 -5.36
N PRO A 46 1.60 -4.58 -6.08
CA PRO A 46 1.00 -5.42 -7.12
C PRO A 46 0.09 -6.49 -6.54
N TYR A 47 -0.15 -6.42 -5.24
CA TYR A 47 -1.00 -7.39 -4.57
C TYR A 47 -2.38 -6.80 -4.29
N CYS A 48 -2.41 -5.74 -3.48
CA CYS A 48 -3.65 -5.08 -3.13
C CYS A 48 -3.84 -3.81 -3.95
N SER A 49 -2.76 -3.34 -4.57
CA SER A 49 -2.80 -2.14 -5.39
C SER A 49 -2.86 -0.90 -4.51
N LEU A 50 -2.09 -0.90 -3.41
CA LEU A 50 -2.06 0.22 -2.49
C LEU A 50 -1.31 1.40 -3.09
N ARG A 51 -1.12 2.44 -2.29
CA ARG A 51 -0.41 3.64 -2.75
C ARG A 51 0.29 4.32 -1.59
N PHE A 52 1.62 4.19 -1.53
CA PHE A 52 2.41 4.79 -0.48
C PHE A 52 3.21 5.99 -1.00
N PHE A 53 3.35 7.01 -0.17
CA PHE A 53 4.08 8.20 -0.55
C PHE A 53 5.45 7.85 -1.12
N SER A 54 6.13 6.90 -0.47
CA SER A 54 7.45 6.47 -0.90
C SER A 54 7.44 5.00 -1.29
N PRO A 55 8.33 4.62 -2.23
CA PRO A 55 8.44 3.25 -2.70
C PRO A 55 9.02 2.31 -1.64
N GLU A 56 9.66 2.88 -0.64
CA GLU A 56 10.25 2.10 0.44
C GLU A 56 9.19 1.66 1.44
N LEU A 57 8.24 2.55 1.71
CA LEU A 57 7.16 2.25 2.65
C LEU A 57 6.37 1.04 2.20
N LYS A 58 6.05 0.98 0.92
CA LYS A 58 5.30 -0.13 0.36
C LYS A 58 6.03 -1.46 0.57
N GLN A 59 7.33 -1.47 0.24
CA GLN A 59 8.15 -2.67 0.40
C GLN A 59 7.81 -3.38 1.70
N GLU A 60 7.96 -2.66 2.82
CA GLU A 60 7.68 -3.24 4.13
C GLU A 60 6.30 -3.89 4.16
N HIS A 61 5.30 -3.17 3.66
CA HIS A 61 3.94 -3.68 3.62
C HIS A 61 3.87 -5.02 2.91
N GLU A 62 4.35 -5.06 1.67
CA GLU A 62 4.34 -6.29 0.88
C GLU A 62 4.77 -7.47 1.73
N SER A 63 5.86 -7.30 2.48
CA SER A 63 6.37 -8.38 3.33
C SER A 63 5.27 -8.90 4.26
N LYS A 64 4.40 -8.00 4.70
CA LYS A 64 3.32 -8.37 5.60
C LYS A 64 1.97 -8.07 4.95
N CYS A 65 1.93 -8.08 3.63
CA CYS A 65 0.69 -7.80 2.90
C CYS A 65 -0.24 -9.00 2.92
N GLU A 66 -1.36 -8.87 3.61
CA GLU A 66 -2.33 -9.95 3.72
C GLU A 66 -2.78 -10.42 2.34
N TYR A 67 -2.80 -9.48 1.39
CA TYR A 67 -3.21 -9.80 0.02
C TYR A 67 -2.13 -10.62 -0.70
N LYS A 68 -0.89 -10.41 -0.28
CA LYS A 68 0.24 -11.13 -0.88
C LYS A 68 -0.04 -12.62 -0.97
N LYS A 69 -0.25 -13.25 0.19
CA LYS A 69 -0.54 -14.67 0.24
C LYS A 69 -1.74 -15.03 -0.63
N LEU A 70 -2.71 -14.12 -0.70
CA LEU A 70 -3.91 -14.32 -1.49
C LEU A 70 -3.61 -14.16 -2.98
N THR A 71 -2.48 -13.53 -3.29
CA THR A 71 -2.07 -13.33 -4.67
C THR A 71 -1.24 -14.49 -5.19
N CYS A 72 -1.82 -15.26 -6.11
CA CYS A 72 -1.13 -16.41 -6.69
C CYS A 72 0.11 -15.96 -7.46
N LEU A 73 1.16 -15.58 -6.72
CA LEU A 73 2.40 -15.14 -7.33
C LEU A 73 2.73 -15.98 -8.57
N GLU A 74 2.25 -17.22 -8.58
CA GLU A 74 2.49 -18.12 -9.70
C GLU A 74 1.87 -17.57 -10.99
N CYS A 75 0.60 -17.22 -10.91
CA CYS A 75 -0.11 -16.68 -12.07
C CYS A 75 -0.76 -15.34 -11.73
N MET A 76 -0.08 -14.54 -10.93
CA MET A 76 -0.58 -13.23 -10.52
C MET A 76 -2.11 -13.23 -10.49
N ARG A 77 -2.67 -14.16 -9.73
CA ARG A 77 -4.12 -14.27 -9.59
C ARG A 77 -4.55 -14.08 -8.14
N THR A 78 -5.13 -12.93 -7.85
CA THR A 78 -5.58 -12.62 -6.51
C THR A 78 -6.96 -13.21 -6.24
N PHE A 79 -7.23 -13.55 -4.99
CA PHE A 79 -8.52 -14.12 -4.61
C PHE A 79 -9.12 -13.38 -3.41
N LYS A 80 -10.24 -13.89 -2.91
CA LYS A 80 -10.91 -13.27 -1.77
C LYS A 80 -10.28 -13.75 -0.46
N SER A 81 -10.15 -15.06 -0.31
CA SER A 81 -9.57 -15.63 0.90
C SER A 81 -8.47 -16.63 0.55
N SER A 82 -7.73 -17.08 1.57
CA SER A 82 -6.65 -18.03 1.37
C SER A 82 -7.20 -19.42 1.04
N PHE A 83 -8.26 -19.80 1.73
CA PHE A 83 -8.88 -21.11 1.51
C PHE A 83 -9.40 -21.23 0.09
N SER A 84 -9.79 -20.11 -0.50
CA SER A 84 -10.32 -20.09 -1.85
C SER A 84 -9.20 -20.34 -2.87
N ILE A 85 -8.21 -19.46 -2.87
CA ILE A 85 -7.08 -19.59 -3.79
C ILE A 85 -6.36 -20.92 -3.59
N TRP A 86 -6.40 -21.44 -2.37
CA TRP A 86 -5.77 -22.71 -2.05
C TRP A 86 -6.20 -23.80 -3.02
N ARG A 87 -7.51 -23.87 -3.29
CA ARG A 87 -8.04 -24.86 -4.20
C ARG A 87 -7.60 -24.60 -5.64
N HIS A 88 -7.45 -23.31 -5.97
CA HIS A 88 -7.03 -22.91 -7.30
C HIS A 88 -5.60 -23.34 -7.58
N GLN A 89 -4.82 -23.50 -6.50
CA GLN A 89 -3.43 -23.91 -6.63
C GLN A 89 -3.27 -25.41 -6.43
N VAL A 90 -4.27 -26.02 -5.78
CA VAL A 90 -4.24 -27.45 -5.52
C VAL A 90 -5.03 -28.21 -6.58
N GLU A 91 -5.95 -27.52 -7.24
CA GLU A 91 -6.76 -28.14 -8.29
C GLU A 91 -6.16 -27.87 -9.67
N VAL A 92 -5.71 -26.64 -9.88
CA VAL A 92 -5.12 -26.25 -11.17
C VAL A 92 -3.63 -26.57 -11.19
N HIS A 93 -2.87 -25.92 -10.31
CA HIS A 93 -1.43 -26.13 -10.24
C HIS A 93 -1.11 -27.42 -9.50
N ASN A 94 -2.01 -27.83 -8.62
CA ASN A 94 -1.82 -29.04 -7.84
C ASN A 94 -0.55 -28.96 -6.99
N GLN A 95 -0.43 -27.90 -6.21
CA GLN A 95 0.73 -27.70 -5.36
C GLN A 95 0.33 -27.65 -3.89
N ASN A 96 0.94 -28.51 -3.08
CA ASN A 96 0.64 -28.57 -1.65
C ASN A 96 1.86 -28.19 -0.83
N ASN A 97 2.57 -27.16 -1.27
CA ASN A 97 3.77 -26.70 -0.57
C ASN A 97 3.39 -25.77 0.58
N MET A 98 4.10 -25.92 1.70
CA MET A 98 3.84 -25.10 2.88
C MET A 98 2.38 -24.67 2.94
N ALA A 99 1.47 -25.63 2.73
CA ALA A 99 0.05 -25.34 2.76
C ALA A 99 -0.33 -24.56 4.00
N PRO A 100 -1.49 -23.90 3.96
CA PRO A 100 -2.00 -23.10 5.08
C PRO A 100 -2.43 -23.96 6.26
N THR A 101 -1.54 -24.07 7.25
CA THR A 101 -1.82 -24.87 8.44
C THR A 101 -3.26 -24.68 8.90
N SER A 102 -3.65 -23.42 9.09
CA SER A 102 -5.00 -23.09 9.53
C SER A 102 -6.04 -23.90 8.75
N GLY A 103 -6.96 -24.53 9.49
CA GLY A 103 -8.00 -25.33 8.85
C GLY A 103 -9.17 -24.49 8.40
N PRO A 104 -10.29 -25.16 8.06
CA PRO A 104 -11.51 -24.51 7.62
C PRO A 104 -12.20 -23.73 8.73
N SER A 105 -12.58 -22.49 8.45
CA SER A 105 -13.25 -21.66 9.43
C SER A 105 -14.55 -21.09 8.87
N SER A 106 -15.55 -20.92 9.75
CA SER A 106 -16.84 -20.39 9.34
C SER A 106 -17.30 -19.29 10.28
N GLY A 107 -17.12 -19.51 11.58
CA GLY A 107 -17.52 -18.51 12.57
C GLY A 107 -18.84 -18.84 13.22
ZN ZN B . 2.69 14.04 -1.93
ZN ZN C . -0.31 -5.18 -0.77
ZN ZN D . -2.47 -19.72 -10.00
N GLY A 1 15.91 -7.45 26.90
CA GLY A 1 14.70 -6.68 27.08
C GLY A 1 14.14 -6.17 25.76
N SER A 2 13.65 -4.94 25.77
CA SER A 2 13.08 -4.33 24.57
C SER A 2 13.11 -2.80 24.67
N SER A 3 12.73 -2.14 23.58
CA SER A 3 12.72 -0.69 23.54
C SER A 3 11.94 -0.18 22.32
N GLY A 4 11.51 1.08 22.38
CA GLY A 4 10.75 1.65 21.30
C GLY A 4 10.20 3.02 21.63
N SER A 5 9.86 3.80 20.60
CA SER A 5 9.32 5.14 20.80
C SER A 5 8.50 5.57 19.60
N SER A 6 7.43 6.32 19.85
CA SER A 6 6.56 6.80 18.78
C SER A 6 5.62 7.89 19.30
N GLY A 7 5.43 8.93 18.49
CA GLY A 7 4.56 10.02 18.88
C GLY A 7 4.79 11.27 18.08
N ALA A 8 3.71 11.88 17.60
CA ALA A 8 3.80 13.10 16.81
C ALA A 8 2.59 13.99 17.02
N SER A 9 2.64 15.20 16.47
CA SER A 9 1.54 16.16 16.61
C SER A 9 1.64 17.25 15.55
N PRO A 10 0.49 17.59 14.97
CA PRO A 10 0.41 18.63 13.93
C PRO A 10 0.66 20.03 14.49
N VAL A 11 0.65 21.02 13.60
CA VAL A 11 0.88 22.40 14.01
C VAL A 11 0.27 23.38 13.00
N GLU A 12 -0.41 24.41 13.51
CA GLU A 12 -1.04 25.40 12.67
C GLU A 12 -0.04 25.99 11.66
N ASN A 13 -0.55 26.52 10.56
CA ASN A 13 0.30 27.10 9.53
C ASN A 13 -0.55 27.77 8.44
N LYS A 14 0.05 28.72 7.74
CA LYS A 14 -0.65 29.43 6.67
C LYS A 14 -1.14 28.46 5.61
N GLU A 15 -2.02 28.94 4.73
CA GLU A 15 -2.57 28.11 3.67
C GLU A 15 -1.46 27.42 2.88
N VAL A 16 -1.40 26.10 2.99
CA VAL A 16 -0.38 25.32 2.29
C VAL A 16 -1.01 24.17 1.52
N TYR A 17 -0.39 23.81 0.40
CA TYR A 17 -0.89 22.73 -0.44
C TYR A 17 -0.21 21.40 -0.07
N GLN A 18 -0.94 20.56 0.66
CA GLN A 18 -0.41 19.26 1.07
C GLN A 18 -0.87 18.15 0.12
N CYS A 19 -0.03 17.14 -0.04
CA CYS A 19 -0.35 16.02 -0.91
C CYS A 19 -1.43 15.13 -0.29
N ARG A 20 -2.39 14.72 -1.11
CA ARG A 20 -3.47 13.85 -0.64
C ARG A 20 -3.04 12.39 -0.63
N LEU A 21 -1.74 12.16 -0.59
CA LEU A 21 -1.21 10.80 -0.59
C LEU A 21 -0.28 10.59 0.61
N CYS A 22 0.60 11.55 0.85
CA CYS A 22 1.55 11.48 1.96
C CYS A 22 1.38 12.68 2.89
N ASN A 23 0.59 13.65 2.47
CA ASN A 23 0.35 14.85 3.26
C ASN A 23 1.63 15.66 3.42
N ALA A 24 2.33 15.88 2.30
CA ALA A 24 3.56 16.64 2.32
C ALA A 24 3.35 18.04 1.76
N LYS A 25 3.76 19.05 2.53
CA LYS A 25 3.61 20.44 2.11
C LYS A 25 4.36 20.70 0.82
N LEU A 26 3.64 21.21 -0.19
CA LEU A 26 4.24 21.51 -1.49
C LEU A 26 4.75 22.94 -1.54
N SER A 27 5.25 23.34 -2.69
CA SER A 27 5.78 24.70 -2.87
C SER A 27 4.80 25.54 -3.67
N SER A 28 3.85 24.89 -4.35
CA SER A 28 2.86 25.59 -5.15
C SER A 28 1.79 24.63 -5.65
N LEU A 29 0.68 25.17 -6.11
CA LEU A 29 -0.43 24.36 -6.61
C LEU A 29 0.07 23.35 -7.64
N LEU A 30 0.97 23.80 -8.52
CA LEU A 30 1.53 22.92 -9.54
C LEU A 30 2.24 21.72 -8.92
N GLU A 31 3.25 22.00 -8.11
CA GLU A 31 4.01 20.95 -7.44
C GLU A 31 3.08 19.88 -6.89
N GLN A 32 1.86 20.27 -6.55
CA GLN A 32 0.88 19.35 -6.00
C GLN A 32 0.34 18.43 -7.09
N GLY A 33 -0.17 19.02 -8.16
CA GLY A 33 -0.70 18.24 -9.26
C GLY A 33 0.34 17.36 -9.92
N SER A 34 1.60 17.76 -9.81
CA SER A 34 2.70 17.01 -10.39
C SER A 34 3.23 15.96 -9.42
N HIS A 35 3.55 16.39 -8.21
CA HIS A 35 4.07 15.49 -7.19
C HIS A 35 3.16 14.27 -7.05
N GLU A 36 1.91 14.40 -7.47
CA GLU A 36 0.95 13.32 -7.38
C GLU A 36 1.25 12.24 -8.44
N ARG A 37 1.81 12.67 -9.56
CA ARG A 37 2.14 11.75 -10.64
C ARG A 37 3.25 10.79 -10.22
N LEU A 38 4.25 11.31 -9.51
CA LEU A 38 5.36 10.49 -9.05
C LEU A 38 5.03 9.81 -7.72
N CYS A 39 4.24 10.49 -6.90
CA CYS A 39 3.85 9.95 -5.61
C CYS A 39 2.75 8.90 -5.77
N ARG A 40 2.47 8.53 -7.01
CA ARG A 40 1.44 7.55 -7.30
C ARG A 40 2.07 6.27 -7.87
N ASN A 41 3.15 6.43 -8.62
CA ASN A 41 3.84 5.29 -9.22
C ASN A 41 5.08 4.92 -8.41
N ALA A 42 5.68 5.91 -7.76
CA ALA A 42 6.87 5.69 -6.95
C ALA A 42 6.82 4.33 -6.27
N ALA A 43 5.80 4.13 -5.44
CA ALA A 43 5.63 2.86 -4.73
C ALA A 43 4.26 2.26 -4.98
N VAL A 44 4.19 1.31 -5.89
CA VAL A 44 2.93 0.65 -6.23
C VAL A 44 3.01 -0.86 -5.98
N CYS A 45 2.42 -1.31 -4.89
CA CYS A 45 2.42 -2.72 -4.54
C CYS A 45 1.68 -3.54 -5.59
N PRO A 46 2.40 -4.46 -6.24
CA PRO A 46 1.84 -5.33 -7.28
C PRO A 46 0.86 -6.36 -6.71
N TYR A 47 0.57 -6.24 -5.42
CA TYR A 47 -0.35 -7.14 -4.76
C TYR A 47 -1.72 -6.50 -4.58
N CYS A 48 -1.77 -5.41 -3.82
CA CYS A 48 -3.01 -4.69 -3.58
C CYS A 48 -3.11 -3.45 -4.44
N SER A 49 -2.00 -3.10 -5.09
CA SER A 49 -1.97 -1.93 -5.96
C SER A 49 -2.05 -0.64 -5.14
N LEU A 50 -1.24 -0.57 -4.08
CA LEU A 50 -1.23 0.60 -3.21
C LEU A 50 -0.41 1.73 -3.83
N ARG A 51 -0.24 2.81 -3.08
CA ARG A 51 0.53 3.95 -3.56
C ARG A 51 1.20 4.69 -2.39
N PHE A 52 2.50 4.50 -2.26
CA PHE A 52 3.26 5.14 -1.19
C PHE A 52 4.11 6.27 -1.74
N PHE A 53 4.66 7.07 -0.83
CA PHE A 53 5.50 8.20 -1.22
C PHE A 53 6.88 7.73 -1.67
N SER A 54 7.45 6.78 -0.93
CA SER A 54 8.77 6.24 -1.26
C SER A 54 8.69 4.74 -1.51
N PRO A 55 9.65 4.21 -2.27
CA PRO A 55 9.71 2.79 -2.60
C PRO A 55 10.08 1.93 -1.40
N GLU A 56 10.72 2.56 -0.41
CA GLU A 56 11.13 1.86 0.81
C GLU A 56 9.91 1.48 1.66
N LEU A 57 8.96 2.42 1.75
CA LEU A 57 7.75 2.18 2.53
C LEU A 57 6.98 0.99 2.01
N LYS A 58 6.88 0.88 0.69
CA LYS A 58 6.17 -0.22 0.05
C LYS A 58 6.81 -1.56 0.41
N GLN A 59 8.12 -1.67 0.15
CA GLN A 59 8.84 -2.90 0.45
C GLN A 59 8.42 -3.48 1.80
N GLU A 60 8.40 -2.62 2.82
CA GLU A 60 8.01 -3.05 4.16
C GLU A 60 6.59 -3.60 4.16
N HIS A 61 5.67 -2.86 3.55
CA HIS A 61 4.28 -3.28 3.49
C HIS A 61 4.14 -4.64 2.81
N GLU A 62 4.63 -4.72 1.57
CA GLU A 62 4.55 -5.97 0.81
C GLU A 62 4.75 -7.18 1.74
N SER A 63 5.84 -7.17 2.50
CA SER A 63 6.14 -8.25 3.41
C SER A 63 4.95 -8.56 4.31
N LYS A 64 4.29 -7.50 4.78
CA LYS A 64 3.14 -7.64 5.65
C LYS A 64 1.84 -7.31 4.91
N CYS A 65 1.87 -7.46 3.60
CA CYS A 65 0.71 -7.17 2.77
C CYS A 65 -0.32 -8.30 2.85
N GLU A 66 -1.44 -8.03 3.49
CA GLU A 66 -2.49 -9.03 3.65
C GLU A 66 -2.85 -9.65 2.30
N TYR A 67 -2.84 -8.83 1.26
CA TYR A 67 -3.16 -9.30 -0.08
C TYR A 67 -2.09 -10.26 -0.60
N LYS A 68 -0.88 -10.09 -0.10
CA LYS A 68 0.24 -10.95 -0.50
C LYS A 68 -0.19 -12.41 -0.57
N LYS A 69 -0.67 -12.93 0.56
CA LYS A 69 -1.11 -14.32 0.64
C LYS A 69 -2.30 -14.56 -0.29
N LEU A 70 -3.10 -13.52 -0.49
CA LEU A 70 -4.27 -13.61 -1.36
C LEU A 70 -3.88 -13.46 -2.82
N THR A 71 -2.65 -13.02 -3.06
CA THR A 71 -2.15 -12.82 -4.42
C THR A 71 -1.36 -14.03 -4.89
N CYS A 72 -1.96 -14.80 -5.79
CA CYS A 72 -1.31 -16.00 -6.33
C CYS A 72 0.01 -15.64 -7.01
N LEU A 73 1.07 -15.55 -6.22
CA LEU A 73 2.39 -15.21 -6.75
C LEU A 73 2.69 -16.02 -8.00
N GLU A 74 1.99 -17.13 -8.17
CA GLU A 74 2.19 -18.00 -9.33
C GLU A 74 1.86 -17.25 -10.62
N CYS A 75 0.64 -16.73 -10.70
CA CYS A 75 0.20 -15.99 -11.88
C CYS A 75 -0.53 -14.71 -11.48
N MET A 76 0.09 -13.94 -10.59
CA MET A 76 -0.50 -12.70 -10.12
C MET A 76 -2.02 -12.77 -10.13
N ARG A 77 -2.55 -13.78 -9.44
CA ARG A 77 -4.00 -13.97 -9.35
C ARG A 77 -4.49 -13.74 -7.92
N THR A 78 -5.06 -12.57 -7.69
CA THR A 78 -5.58 -12.22 -6.37
C THR A 78 -6.97 -12.79 -6.15
N PHE A 79 -7.29 -13.10 -4.90
CA PHE A 79 -8.60 -13.66 -4.56
C PHE A 79 -9.23 -12.90 -3.40
N LYS A 80 -10.42 -13.34 -2.99
CA LYS A 80 -11.13 -12.69 -1.89
C LYS A 80 -10.78 -13.34 -0.56
N SER A 81 -10.18 -14.52 -0.62
CA SER A 81 -9.79 -15.25 0.59
C SER A 81 -8.68 -16.25 0.27
N SER A 82 -7.96 -16.66 1.31
CA SER A 82 -6.87 -17.61 1.16
C SER A 82 -7.40 -19.01 0.82
N PHE A 83 -8.46 -19.40 1.50
CA PHE A 83 -9.07 -20.71 1.27
C PHE A 83 -9.55 -20.85 -0.17
N SER A 84 -10.12 -19.77 -0.71
CA SER A 84 -10.61 -19.76 -2.07
C SER A 84 -9.47 -20.00 -3.07
N ILE A 85 -8.48 -19.12 -3.04
CA ILE A 85 -7.33 -19.22 -3.93
C ILE A 85 -6.65 -20.57 -3.79
N TRP A 86 -6.50 -21.04 -2.55
CA TRP A 86 -5.88 -22.32 -2.28
C TRP A 86 -6.32 -23.37 -3.29
N ARG A 87 -7.61 -23.36 -3.61
CA ARG A 87 -8.16 -24.31 -4.57
C ARG A 87 -7.64 -24.03 -5.98
N HIS A 88 -7.43 -22.75 -6.29
CA HIS A 88 -6.94 -22.36 -7.60
C HIS A 88 -5.49 -22.79 -7.78
N GLN A 89 -4.78 -22.98 -6.67
CA GLN A 89 -3.38 -23.39 -6.72
C GLN A 89 -3.25 -24.89 -6.55
N VAL A 90 -4.27 -25.51 -5.95
CA VAL A 90 -4.27 -26.95 -5.72
C VAL A 90 -5.00 -27.68 -6.84
N GLU A 91 -5.93 -26.99 -7.49
CA GLU A 91 -6.70 -27.57 -8.57
C GLU A 91 -6.04 -27.29 -9.93
N VAL A 92 -5.55 -26.06 -10.10
CA VAL A 92 -4.90 -25.66 -11.34
C VAL A 92 -3.40 -25.93 -11.27
N HIS A 93 -2.71 -25.23 -10.38
CA HIS A 93 -1.27 -25.38 -10.21
C HIS A 93 -0.95 -26.70 -9.50
N ASN A 94 -1.89 -27.17 -8.69
CA ASN A 94 -1.71 -28.41 -7.94
C ASN A 94 -0.45 -28.34 -7.08
N GLN A 95 -0.38 -27.30 -6.25
CA GLN A 95 0.77 -27.12 -5.36
C GLN A 95 0.36 -27.21 -3.90
N ASN A 96 0.25 -28.43 -3.39
CA ASN A 96 -0.14 -28.65 -2.01
C ASN A 96 1.02 -28.37 -1.06
N ASN A 97 1.15 -27.11 -0.65
CA ASN A 97 2.22 -26.70 0.26
C ASN A 97 1.65 -26.19 1.58
N MET A 98 2.53 -25.83 2.50
CA MET A 98 2.12 -25.32 3.80
C MET A 98 0.87 -24.44 3.67
N ALA A 99 -0.21 -24.85 4.33
CA ALA A 99 -1.45 -24.11 4.29
C ALA A 99 -1.79 -23.53 5.66
N PRO A 100 -2.31 -22.30 5.67
CA PRO A 100 -2.68 -21.60 6.91
C PRO A 100 -3.91 -22.22 7.57
N THR A 101 -4.07 -21.97 8.87
CA THR A 101 -5.19 -22.50 9.62
C THR A 101 -6.19 -21.40 9.97
N SER A 102 -7.46 -21.64 9.66
CA SER A 102 -8.51 -20.66 9.96
C SER A 102 -9.25 -21.03 11.22
N GLY A 103 -9.64 -22.30 11.34
CA GLY A 103 -10.35 -22.76 12.51
C GLY A 103 -11.68 -23.41 12.17
N PRO A 104 -11.97 -24.56 12.81
CA PRO A 104 -13.21 -25.31 12.57
C PRO A 104 -14.43 -24.58 13.12
N SER A 105 -15.43 -24.40 12.26
CA SER A 105 -16.66 -23.71 12.65
C SER A 105 -17.73 -23.87 11.59
N SER A 106 -18.99 -23.66 11.98
CA SER A 106 -20.11 -23.79 11.05
C SER A 106 -21.33 -23.03 11.57
N GLY A 107 -21.98 -22.28 10.69
CA GLY A 107 -23.15 -21.53 11.08
C GLY A 107 -22.85 -20.05 11.31
ZN ZN B . 2.61 12.53 -1.89
ZN ZN C . 0.11 -4.68 -1.00
ZN ZN D . -2.27 -18.77 -10.18
N GLY A 1 6.74 -4.37 12.32
CA GLY A 1 5.80 -5.14 13.12
C GLY A 1 4.63 -4.29 13.60
N SER A 2 4.51 -4.16 14.91
CA SER A 2 3.42 -3.38 15.50
C SER A 2 3.87 -1.95 15.76
N SER A 3 3.57 -1.05 14.83
CA SER A 3 3.94 0.35 14.96
C SER A 3 2.87 1.26 14.34
N GLY A 4 2.95 2.55 14.66
CA GLY A 4 2.00 3.50 14.12
C GLY A 4 1.76 4.67 15.06
N SER A 5 2.37 5.81 14.75
CA SER A 5 2.23 7.01 15.56
C SER A 5 2.39 8.27 14.73
N SER A 6 1.36 9.09 14.69
CA SER A 6 1.39 10.33 13.93
C SER A 6 1.53 11.54 14.84
N GLY A 7 1.85 12.68 14.25
CA GLY A 7 2.01 13.90 15.03
C GLY A 7 1.46 15.12 14.32
N ALA A 8 0.21 15.03 13.88
CA ALA A 8 -0.43 16.14 13.18
C ALA A 8 -1.15 17.06 14.16
N SER A 9 -1.51 18.25 13.69
CA SER A 9 -2.21 19.23 14.53
C SER A 9 -2.64 20.44 13.71
N PRO A 10 -3.89 20.87 13.90
CA PRO A 10 -4.45 22.03 13.19
C PRO A 10 -3.83 23.34 13.63
N VAL A 11 -3.39 24.14 12.67
CA VAL A 11 -2.78 25.43 12.96
C VAL A 11 -2.72 26.30 11.72
N GLU A 12 -3.28 27.50 11.82
CA GLU A 12 -3.30 28.44 10.69
C GLU A 12 -1.89 28.64 10.13
N ASN A 13 -1.80 28.79 8.82
CA ASN A 13 -0.51 28.99 8.16
C ASN A 13 -0.71 29.50 6.74
N LYS A 14 0.31 30.18 6.21
CA LYS A 14 0.25 30.71 4.85
C LYS A 14 -0.28 29.67 3.88
N GLU A 15 -1.05 30.12 2.90
CA GLU A 15 -1.63 29.23 1.90
C GLU A 15 -0.55 28.38 1.25
N VAL A 16 -0.57 27.08 1.53
CA VAL A 16 0.41 26.16 0.97
C VAL A 16 -0.28 24.95 0.31
N TYR A 17 0.34 24.43 -0.73
CA TYR A 17 -0.20 23.28 -1.45
C TYR A 17 0.47 21.99 -1.00
N GLN A 18 -0.20 21.26 -0.11
CA GLN A 18 0.33 20.00 0.40
C GLN A 18 -0.24 18.82 -0.38
N CYS A 19 0.56 17.76 -0.51
CA CYS A 19 0.13 16.57 -1.23
C CYS A 19 -0.90 15.78 -0.41
N ARG A 20 -1.97 15.36 -1.07
CA ARG A 20 -3.02 14.61 -0.41
C ARG A 20 -2.66 13.13 -0.30
N LEU A 21 -1.36 12.85 -0.35
CA LEU A 21 -0.87 11.48 -0.26
C LEU A 21 0.17 11.35 0.86
N CYS A 22 1.12 12.28 0.90
CA CYS A 22 2.16 12.27 1.91
C CYS A 22 2.16 13.58 2.71
N ASN A 23 1.31 14.52 2.31
CA ASN A 23 1.21 15.80 2.97
C ASN A 23 2.52 16.57 2.88
N ALA A 24 3.10 16.58 1.69
CA ALA A 24 4.36 17.28 1.46
C ALA A 24 4.13 18.62 0.75
N LYS A 25 4.61 19.69 1.38
CA LYS A 25 4.45 21.03 0.82
C LYS A 25 5.05 21.11 -0.59
N LEU A 26 4.29 21.65 -1.52
CA LEU A 26 4.75 21.79 -2.91
C LEU A 26 5.35 23.16 -3.14
N SER A 27 5.80 23.40 -4.37
CA SER A 27 6.40 24.68 -4.73
C SER A 27 5.41 25.57 -5.45
N SER A 28 4.33 24.96 -5.94
CA SER A 28 3.30 25.70 -6.66
C SER A 28 2.09 24.80 -6.96
N LEU A 29 1.01 25.41 -7.42
CA LEU A 29 -0.21 24.67 -7.74
C LEU A 29 0.07 23.60 -8.79
N LEU A 30 1.11 23.82 -9.60
CA LEU A 30 1.49 22.88 -10.64
C LEU A 30 2.17 21.65 -10.05
N GLU A 31 3.15 21.89 -9.19
CA GLU A 31 3.88 20.79 -8.55
C GLU A 31 2.93 19.84 -7.85
N GLN A 32 1.75 20.34 -7.49
CA GLN A 32 0.75 19.53 -6.81
C GLN A 32 0.09 18.55 -7.77
N GLY A 33 -0.54 19.08 -8.82
CA GLY A 33 -1.19 18.24 -9.80
C GLY A 33 -0.24 17.26 -10.45
N SER A 34 1.05 17.57 -10.40
CA SER A 34 2.08 16.72 -11.00
C SER A 34 2.64 15.74 -9.97
N HIS A 35 3.05 16.27 -8.82
CA HIS A 35 3.61 15.44 -7.76
C HIS A 35 2.65 14.31 -7.40
N GLU A 36 1.36 14.52 -7.64
CA GLU A 36 0.35 13.51 -7.34
C GLU A 36 0.41 12.37 -8.35
N ARG A 37 0.97 12.64 -9.53
CA ARG A 37 1.08 11.65 -10.57
C ARG A 37 2.22 10.66 -10.26
N LEU A 38 3.36 11.20 -9.84
CA LEU A 38 4.52 10.38 -9.52
C LEU A 38 4.40 9.79 -8.12
N CYS A 39 3.71 10.52 -7.24
CA CYS A 39 3.52 10.08 -5.87
C CYS A 39 2.40 9.05 -5.77
N ARG A 40 1.99 8.52 -6.92
CA ARG A 40 0.94 7.53 -6.97
C ARG A 40 1.47 6.18 -7.45
N ASN A 41 2.38 6.23 -8.41
CA ASN A 41 2.97 5.01 -8.97
C ASN A 41 4.31 4.70 -8.29
N ALA A 42 4.98 5.74 -7.82
CA ALA A 42 6.26 5.59 -7.14
C ALA A 42 6.31 4.29 -6.35
N ALA A 43 5.36 4.12 -5.44
CA ALA A 43 5.29 2.92 -4.61
C ALA A 43 3.90 2.29 -4.67
N VAL A 44 3.75 1.27 -5.51
CA VAL A 44 2.48 0.58 -5.66
C VAL A 44 2.61 -0.90 -5.36
N CYS A 45 2.07 -1.33 -4.23
CA CYS A 45 2.13 -2.73 -3.83
C CYS A 45 1.25 -3.59 -4.72
N PRO A 46 1.88 -4.54 -5.42
CA PRO A 46 1.18 -5.46 -6.33
C PRO A 46 0.29 -6.45 -5.59
N TYR A 47 0.20 -6.28 -4.27
CA TYR A 47 -0.61 -7.17 -3.44
C TYR A 47 -1.94 -6.50 -3.07
N CYS A 48 -1.86 -5.35 -2.41
CA CYS A 48 -3.04 -4.62 -2.00
C CYS A 48 -3.23 -3.38 -2.86
N SER A 49 -2.34 -3.17 -3.82
CA SER A 49 -2.41 -2.02 -4.70
C SER A 49 -2.40 -0.72 -3.91
N LEU A 50 -1.38 -0.56 -3.06
CA LEU A 50 -1.26 0.64 -2.23
C LEU A 50 -0.54 1.75 -3.00
N ARG A 51 -0.32 2.87 -2.33
CA ARG A 51 0.36 4.01 -2.94
C ARG A 51 1.13 4.81 -1.90
N PHE A 52 2.45 4.66 -1.91
CA PHE A 52 3.31 5.37 -0.96
C PHE A 52 4.11 6.47 -1.66
N PHE A 53 4.72 7.33 -0.87
CA PHE A 53 5.51 8.43 -1.42
C PHE A 53 6.83 7.92 -2.00
N SER A 54 7.47 7.00 -1.28
CA SER A 54 8.74 6.43 -1.72
C SER A 54 8.62 4.92 -1.90
N PRO A 55 9.51 4.35 -2.72
CA PRO A 55 9.53 2.91 -3.00
C PRO A 55 9.98 2.10 -1.80
N GLU A 56 10.65 2.75 -0.86
CA GLU A 56 11.14 2.08 0.34
C GLU A 56 9.99 1.79 1.30
N LEU A 57 9.09 2.75 1.45
CA LEU A 57 7.94 2.59 2.33
C LEU A 57 7.09 1.40 1.93
N LYS A 58 7.23 0.99 0.67
CA LYS A 58 6.48 -0.15 0.15
C LYS A 58 7.20 -1.46 0.43
N GLN A 59 8.49 -1.51 0.09
CA GLN A 59 9.30 -2.70 0.31
C GLN A 59 9.09 -3.24 1.71
N GLU A 60 9.04 -2.34 2.69
CA GLU A 60 8.85 -2.73 4.08
C GLU A 60 7.45 -3.32 4.30
N HIS A 61 6.45 -2.63 3.78
CA HIS A 61 5.06 -3.09 3.90
C HIS A 61 4.88 -4.45 3.26
N GLU A 62 5.31 -4.58 2.01
CA GLU A 62 5.18 -5.84 1.29
C GLU A 62 5.56 -7.02 2.18
N SER A 63 6.48 -6.79 3.12
CA SER A 63 6.93 -7.83 4.03
C SER A 63 5.85 -8.16 5.05
N LYS A 64 5.11 -7.14 5.48
CA LYS A 64 4.05 -7.32 6.46
C LYS A 64 2.67 -7.21 5.79
N CYS A 65 2.67 -7.25 4.46
CA CYS A 65 1.43 -7.15 3.71
C CYS A 65 0.52 -8.35 3.98
N GLU A 66 -0.78 -8.13 3.94
CA GLU A 66 -1.75 -9.19 4.17
C GLU A 66 -2.20 -9.83 2.86
N TYR A 67 -2.21 -9.03 1.80
CA TYR A 67 -2.62 -9.51 0.49
C TYR A 67 -1.50 -10.30 -0.18
N LYS A 68 -0.27 -10.05 0.25
CA LYS A 68 0.90 -10.74 -0.30
C LYS A 68 0.63 -12.24 -0.42
N LYS A 69 0.36 -12.88 0.70
CA LYS A 69 0.08 -14.31 0.72
C LYS A 69 -1.11 -14.64 -0.19
N LEU A 70 -2.14 -13.82 -0.14
CA LEU A 70 -3.33 -14.03 -0.96
C LEU A 70 -3.01 -13.84 -2.44
N THR A 71 -1.82 -13.33 -2.72
CA THR A 71 -1.39 -13.09 -4.10
C THR A 71 -0.61 -14.28 -4.64
N CYS A 72 -1.14 -14.90 -5.70
CA CYS A 72 -0.49 -16.05 -6.31
C CYS A 72 0.76 -15.62 -7.07
N LEU A 73 1.91 -15.76 -6.43
CA LEU A 73 3.19 -15.40 -7.04
C LEU A 73 3.42 -16.18 -8.32
N GLU A 74 2.86 -17.38 -8.38
CA GLU A 74 3.00 -18.23 -9.56
C GLU A 74 2.60 -17.49 -10.82
N CYS A 75 1.33 -17.08 -10.90
CA CYS A 75 0.83 -16.35 -12.05
C CYS A 75 0.35 -14.96 -11.66
N MET A 76 1.03 -14.36 -10.68
CA MET A 76 0.67 -13.03 -10.21
C MET A 76 -0.84 -12.83 -10.24
N ARG A 77 -1.57 -13.74 -9.60
CA ARG A 77 -3.03 -13.65 -9.57
C ARG A 77 -3.52 -13.48 -8.13
N THR A 78 -3.98 -12.28 -7.81
CA THR A 78 -4.48 -11.99 -6.47
C THR A 78 -5.96 -12.32 -6.35
N PHE A 79 -6.36 -12.87 -5.20
CA PHE A 79 -7.74 -13.23 -4.97
C PHE A 79 -8.33 -12.43 -3.81
N LYS A 80 -9.56 -12.75 -3.44
CA LYS A 80 -10.25 -12.04 -2.35
C LYS A 80 -10.70 -13.03 -1.28
N SER A 81 -10.01 -14.16 -1.19
CA SER A 81 -10.34 -15.18 -0.21
C SER A 81 -9.31 -16.32 -0.22
N SER A 82 -8.68 -16.55 0.93
CA SER A 82 -7.68 -17.59 1.04
C SER A 82 -8.17 -18.90 0.43
N PHE A 83 -9.46 -19.14 0.53
CA PHE A 83 -10.06 -20.35 -0.03
C PHE A 83 -10.22 -20.24 -1.54
N SER A 84 -10.59 -19.04 -1.99
CA SER A 84 -10.79 -18.80 -3.42
C SER A 84 -9.53 -19.14 -4.21
N ILE A 85 -8.41 -18.56 -3.79
CA ILE A 85 -7.13 -18.80 -4.46
C ILE A 85 -6.67 -20.24 -4.25
N TRP A 86 -6.86 -20.75 -3.04
CA TRP A 86 -6.46 -22.11 -2.71
C TRP A 86 -6.85 -23.07 -3.83
N ARG A 87 -8.11 -23.01 -4.24
CA ARG A 87 -8.61 -23.88 -5.31
C ARG A 87 -7.88 -23.60 -6.62
N HIS A 88 -7.53 -22.34 -6.85
CA HIS A 88 -6.84 -21.94 -8.06
C HIS A 88 -5.42 -22.49 -8.09
N GLN A 89 -4.87 -22.76 -6.90
CA GLN A 89 -3.52 -23.29 -6.78
C GLN A 89 -3.55 -24.81 -6.63
N VAL A 90 -4.69 -25.34 -6.19
CA VAL A 90 -4.85 -26.77 -6.01
C VAL A 90 -5.48 -27.42 -7.23
N GLU A 91 -6.22 -26.63 -7.99
CA GLU A 91 -6.89 -27.13 -9.19
C GLU A 91 -6.02 -26.90 -10.43
N VAL A 92 -5.39 -25.73 -10.50
CA VAL A 92 -4.54 -25.39 -11.63
C VAL A 92 -3.09 -25.82 -11.37
N HIS A 93 -2.47 -25.20 -10.38
CA HIS A 93 -1.09 -25.52 -10.02
C HIS A 93 -1.01 -26.84 -9.27
N ASN A 94 -2.12 -27.23 -8.63
CA ASN A 94 -2.17 -28.47 -7.88
C ASN A 94 -1.05 -28.53 -6.84
N GLN A 95 -0.97 -27.50 -6.00
CA GLN A 95 0.05 -27.44 -4.96
C GLN A 95 -0.58 -27.49 -3.58
N ASN A 96 -1.14 -28.64 -3.22
CA ASN A 96 -1.78 -28.81 -1.91
C ASN A 96 -0.78 -29.32 -0.89
N ASN A 97 0.44 -28.78 -0.94
CA ASN A 97 1.49 -29.19 -0.01
C ASN A 97 1.16 -28.75 1.41
N MET A 98 0.97 -27.45 1.60
CA MET A 98 0.64 -26.90 2.91
C MET A 98 -0.84 -26.55 3.00
N ALA A 99 -1.35 -26.44 4.23
CA ALA A 99 -2.75 -26.11 4.45
C ALA A 99 -3.04 -25.93 5.93
N PRO A 100 -3.87 -24.92 6.25
CA PRO A 100 -4.25 -24.62 7.64
C PRO A 100 -5.15 -25.69 8.23
N THR A 101 -5.36 -26.77 7.48
CA THR A 101 -6.21 -27.86 7.94
C THR A 101 -5.37 -29.08 8.33
N SER A 102 -5.88 -29.86 9.27
CA SER A 102 -5.17 -31.05 9.74
C SER A 102 -6.15 -32.06 10.34
N GLY A 103 -6.17 -33.26 9.76
CA GLY A 103 -7.05 -34.30 10.24
C GLY A 103 -8.31 -34.43 9.40
N PRO A 104 -8.58 -35.65 8.91
CA PRO A 104 -9.75 -35.94 8.08
C PRO A 104 -11.05 -35.86 8.86
N SER A 105 -11.00 -36.30 10.12
CA SER A 105 -12.19 -36.28 10.98
C SER A 105 -11.97 -35.36 12.17
N SER A 106 -12.93 -34.47 12.41
CA SER A 106 -12.85 -33.53 13.52
C SER A 106 -14.24 -33.16 14.02
N GLY A 107 -14.48 -33.40 15.31
CA GLY A 107 -15.77 -33.08 15.89
C GLY A 107 -15.69 -32.86 17.39
ZN ZN B . 2.88 12.89 -2.09
ZN ZN C . 0.48 -4.69 0.10
ZN ZN D . -1.63 -18.95 -10.01
N GLY A 1 -41.96 17.96 18.98
CA GLY A 1 -40.96 18.99 19.14
C GLY A 1 -39.65 18.64 18.46
N SER A 2 -38.89 19.66 18.10
CA SER A 2 -37.60 19.45 17.42
C SER A 2 -36.61 20.56 17.79
N SER A 3 -35.38 20.41 17.32
CA SER A 3 -34.34 21.40 17.60
C SER A 3 -33.21 21.29 16.58
N GLY A 4 -32.57 22.43 16.30
CA GLY A 4 -31.48 22.45 15.34
C GLY A 4 -30.42 23.47 15.69
N SER A 5 -29.22 23.27 15.16
CA SER A 5 -28.11 24.19 15.43
C SER A 5 -26.95 23.93 14.46
N SER A 6 -26.33 25.02 14.00
CA SER A 6 -25.22 24.92 13.06
C SER A 6 -24.30 26.13 13.19
N GLY A 7 -23.03 25.93 12.83
CA GLY A 7 -22.07 27.01 12.91
C GLY A 7 -20.93 26.85 11.92
N ALA A 8 -20.18 27.93 11.71
CA ALA A 8 -19.05 27.90 10.78
C ALA A 8 -18.10 29.06 11.04
N SER A 9 -16.81 28.75 11.14
CA SER A 9 -15.80 29.78 11.39
C SER A 9 -14.74 29.76 10.30
N PRO A 10 -14.96 30.57 9.25
CA PRO A 10 -14.03 30.68 8.12
C PRO A 10 -12.72 31.36 8.51
N VAL A 11 -11.69 30.56 8.75
CA VAL A 11 -10.38 31.09 9.13
C VAL A 11 -9.65 31.63 7.90
N GLU A 12 -9.76 32.93 7.68
CA GLU A 12 -9.10 33.57 6.54
C GLU A 12 -7.59 33.40 6.63
N ASN A 13 -7.01 32.83 5.56
CA ASN A 13 -5.57 32.61 5.52
C ASN A 13 -5.15 32.17 4.11
N LYS A 14 -3.85 32.29 3.84
CA LYS A 14 -3.30 31.91 2.54
C LYS A 14 -3.78 30.52 2.14
N GLU A 15 -3.86 30.28 0.83
CA GLU A 15 -4.29 28.99 0.32
C GLU A 15 -3.12 28.20 -0.25
N VAL A 16 -3.15 26.88 -0.05
CA VAL A 16 -2.09 26.01 -0.53
C VAL A 16 -2.64 24.67 -0.98
N TYR A 17 -2.02 24.09 -2.01
CA TYR A 17 -2.46 22.80 -2.54
C TYR A 17 -1.62 21.67 -1.97
N GLN A 18 -2.23 20.87 -1.10
CA GLN A 18 -1.54 19.74 -0.48
C GLN A 18 -1.93 18.43 -1.15
N CYS A 19 -1.00 17.48 -1.15
CA CYS A 19 -1.25 16.17 -1.76
C CYS A 19 -2.14 15.32 -0.87
N ARG A 20 -3.13 14.67 -1.47
CA ARG A 20 -4.05 13.81 -0.73
C ARG A 20 -3.45 12.43 -0.51
N LEU A 21 -2.13 12.34 -0.57
CA LEU A 21 -1.42 11.08 -0.37
C LEU A 21 -0.40 11.20 0.75
N CYS A 22 0.38 12.27 0.73
CA CYS A 22 1.40 12.51 1.74
C CYS A 22 1.18 13.85 2.44
N ASN A 23 0.26 14.64 1.90
CA ASN A 23 -0.04 15.95 2.47
C ASN A 23 1.15 16.88 2.35
N ALA A 24 1.73 16.95 1.16
CA ALA A 24 2.89 17.80 0.91
C ALA A 24 2.49 19.07 0.16
N LYS A 25 2.75 20.22 0.76
CA LYS A 25 2.42 21.50 0.14
C LYS A 25 3.06 21.63 -1.23
N LEU A 26 2.23 21.83 -2.25
CA LEU A 26 2.73 21.95 -3.62
C LEU A 26 3.06 23.42 -3.93
N SER A 27 3.41 23.68 -5.19
CA SER A 27 3.75 25.03 -5.61
C SER A 27 2.65 25.61 -6.50
N SER A 28 1.75 24.76 -6.97
CA SER A 28 0.66 25.18 -7.83
C SER A 28 -0.26 24.02 -8.16
N LEU A 29 -1.44 24.34 -8.70
CA LEU A 29 -2.41 23.32 -9.06
C LEU A 29 -1.76 22.21 -9.88
N LEU A 30 -0.94 22.59 -10.85
CA LEU A 30 -0.25 21.63 -11.71
C LEU A 30 0.59 20.67 -10.87
N GLU A 31 1.53 21.22 -10.10
CA GLU A 31 2.39 20.40 -9.26
C GLU A 31 1.58 19.34 -8.52
N GLN A 32 0.33 19.67 -8.20
CA GLN A 32 -0.54 18.74 -7.49
C GLN A 32 -0.99 17.60 -8.40
N GLY A 33 -1.55 17.97 -9.55
CA GLY A 33 -2.02 16.97 -10.50
C GLY A 33 -0.89 16.09 -11.01
N SER A 34 0.32 16.63 -11.02
CA SER A 34 1.49 15.88 -11.49
C SER A 34 2.13 15.09 -10.36
N HIS A 35 2.33 15.76 -9.22
CA HIS A 35 2.93 15.12 -8.06
C HIS A 35 2.15 13.87 -7.66
N GLU A 36 0.90 13.79 -8.10
CA GLU A 36 0.06 12.64 -7.79
C GLU A 36 0.39 11.46 -8.71
N ARG A 37 1.00 11.76 -9.84
CA ARG A 37 1.38 10.72 -10.80
C ARG A 37 2.58 9.93 -10.31
N LEU A 38 3.57 10.63 -9.78
CA LEU A 38 4.78 9.98 -9.27
C LEU A 38 4.58 9.52 -7.83
N CYS A 39 3.73 10.23 -7.10
CA CYS A 39 3.45 9.90 -5.70
C CYS A 39 2.48 8.72 -5.61
N ARG A 40 2.11 8.17 -6.76
CA ARG A 40 1.20 7.04 -6.81
C ARG A 40 1.90 5.78 -7.34
N ASN A 41 2.83 5.97 -8.27
CA ASN A 41 3.57 4.86 -8.85
C ASN A 41 4.87 4.63 -8.10
N ALA A 42 5.40 5.68 -7.49
CA ALA A 42 6.64 5.60 -6.73
C ALA A 42 6.77 4.25 -6.03
N ALA A 43 5.74 3.89 -5.27
CA ALA A 43 5.73 2.62 -4.55
C ALA A 43 4.37 1.94 -4.65
N VAL A 44 4.29 0.89 -5.45
CA VAL A 44 3.05 0.15 -5.63
C VAL A 44 3.23 -1.32 -5.29
N CYS A 45 2.76 -1.72 -4.12
CA CYS A 45 2.87 -3.10 -3.68
C CYS A 45 2.14 -4.04 -4.64
N PRO A 46 2.90 -4.98 -5.23
CA PRO A 46 2.37 -5.95 -6.18
C PRO A 46 1.45 -6.97 -5.50
N TYR A 47 1.18 -6.76 -4.21
CA TYR A 47 0.32 -7.66 -3.46
C TYR A 47 -1.06 -7.06 -3.26
N CYS A 48 -1.11 -5.90 -2.61
CA CYS A 48 -2.37 -5.22 -2.37
C CYS A 48 -2.52 -3.99 -3.26
N SER A 49 -1.54 -3.80 -4.14
CA SER A 49 -1.56 -2.66 -5.06
C SER A 49 -1.70 -1.34 -4.30
N LEU A 50 -0.85 -1.17 -3.29
CA LEU A 50 -0.87 0.04 -2.48
C LEU A 50 -0.18 1.20 -3.20
N ARG A 51 -0.06 2.34 -2.52
CA ARG A 51 0.59 3.51 -3.09
C ARG A 51 1.19 4.39 -2.01
N PHE A 52 2.51 4.35 -1.89
CA PHE A 52 3.20 5.14 -0.88
C PHE A 52 3.94 6.32 -1.53
N PHE A 53 4.27 7.32 -0.72
CA PHE A 53 4.98 8.49 -1.21
C PHE A 53 6.35 8.12 -1.77
N SER A 54 7.09 7.32 -1.01
CA SER A 54 8.41 6.89 -1.42
C SER A 54 8.45 5.38 -1.65
N PRO A 55 9.37 4.94 -2.52
CA PRO A 55 9.52 3.52 -2.85
C PRO A 55 10.10 2.72 -1.69
N GLU A 56 10.78 3.40 -0.78
CA GLU A 56 11.38 2.75 0.38
C GLU A 56 10.33 2.47 1.45
N LEU A 57 9.30 3.31 1.50
CA LEU A 57 8.23 3.16 2.47
C LEU A 57 7.46 1.87 2.23
N LYS A 58 7.14 1.60 0.98
CA LYS A 58 6.41 0.39 0.60
C LYS A 58 7.22 -0.85 0.91
N GLN A 59 8.47 -0.86 0.47
CA GLN A 59 9.36 -1.99 0.71
C GLN A 59 9.11 -2.61 2.08
N GLU A 60 9.12 -1.77 3.11
CA GLU A 60 8.90 -2.24 4.47
C GLU A 60 7.56 -2.97 4.59
N HIS A 61 6.49 -2.31 4.16
CA HIS A 61 5.16 -2.90 4.20
C HIS A 61 5.16 -4.30 3.62
N GLU A 62 5.58 -4.42 2.36
CA GLU A 62 5.64 -5.71 1.68
C GLU A 62 6.05 -6.82 2.64
N SER A 63 7.03 -6.51 3.49
CA SER A 63 7.51 -7.49 4.47
C SER A 63 6.40 -7.91 5.42
N LYS A 64 5.62 -6.95 5.87
CA LYS A 64 4.51 -7.22 6.78
C LYS A 64 3.17 -7.05 6.08
N CYS A 65 3.15 -7.28 4.76
CA CYS A 65 1.94 -7.15 3.98
C CYS A 65 1.01 -8.34 4.20
N GLU A 66 -0.27 -8.06 4.45
CA GLU A 66 -1.25 -9.12 4.68
C GLU A 66 -1.61 -9.81 3.36
N TYR A 67 -1.57 -9.06 2.28
CA TYR A 67 -1.90 -9.60 0.96
C TYR A 67 -0.73 -10.42 0.40
N LYS A 68 0.44 -10.23 0.99
CA LYS A 68 1.64 -10.95 0.55
C LYS A 68 1.38 -12.45 0.50
N LYS A 69 1.05 -13.03 1.65
CA LYS A 69 0.78 -14.46 1.73
C LYS A 69 -0.37 -14.85 0.81
N LEU A 70 -1.31 -13.94 0.63
CA LEU A 70 -2.47 -14.18 -0.23
C LEU A 70 -2.16 -13.81 -1.68
N THR A 71 -0.88 -13.90 -2.05
CA THR A 71 -0.45 -13.59 -3.40
C THR A 71 0.08 -14.83 -4.12
N CYS A 72 -0.43 -15.08 -5.32
CA CYS A 72 0.00 -16.22 -6.10
C CYS A 72 1.33 -15.95 -6.80
N LEU A 73 2.41 -15.95 -6.03
CA LEU A 73 3.74 -15.70 -6.58
C LEU A 73 3.88 -16.32 -7.96
N GLU A 74 3.31 -17.51 -8.13
CA GLU A 74 3.38 -18.21 -9.41
C GLU A 74 3.06 -17.27 -10.57
N CYS A 75 1.88 -16.66 -10.51
CA CYS A 75 1.45 -15.73 -11.56
C CYS A 75 1.09 -14.38 -10.95
N MET A 76 1.82 -13.97 -9.94
CA MET A 76 1.58 -12.68 -9.28
C MET A 76 0.09 -12.36 -9.28
N ARG A 77 -0.72 -13.28 -8.76
CA ARG A 77 -2.16 -13.09 -8.71
C ARG A 77 -2.64 -13.06 -7.26
N THR A 78 -2.99 -11.87 -6.78
CA THR A 78 -3.48 -11.71 -5.41
C THR A 78 -4.96 -12.00 -5.31
N PHE A 79 -5.41 -12.44 -4.14
CA PHE A 79 -6.81 -12.77 -3.91
C PHE A 79 -7.32 -12.11 -2.63
N LYS A 80 -8.57 -12.38 -2.30
CA LYS A 80 -9.19 -11.81 -1.10
C LYS A 80 -8.84 -12.65 0.13
N SER A 81 -9.01 -13.96 0.02
CA SER A 81 -8.71 -14.87 1.12
C SER A 81 -7.94 -16.08 0.63
N SER A 82 -7.71 -17.03 1.53
CA SER A 82 -6.96 -18.25 1.20
C SER A 82 -7.86 -19.26 0.49
N PHE A 83 -9.07 -19.43 1.01
CA PHE A 83 -10.02 -20.36 0.43
C PHE A 83 -10.35 -19.99 -1.01
N SER A 84 -10.07 -18.73 -1.36
CA SER A 84 -10.33 -18.24 -2.71
C SER A 84 -9.18 -18.58 -3.65
N ILE A 85 -7.97 -18.19 -3.27
CA ILE A 85 -6.79 -18.46 -4.08
C ILE A 85 -6.46 -19.95 -4.10
N TRP A 86 -6.80 -20.64 -3.01
CA TRP A 86 -6.55 -22.07 -2.91
C TRP A 86 -7.07 -22.81 -4.14
N ARG A 87 -8.23 -22.39 -4.63
CA ARG A 87 -8.83 -23.02 -5.80
C ARG A 87 -8.10 -22.60 -7.07
N HIS A 88 -7.62 -21.36 -7.09
CA HIS A 88 -6.89 -20.84 -8.25
C HIS A 88 -5.59 -21.60 -8.46
N GLN A 89 -5.06 -22.18 -7.39
CA GLN A 89 -3.82 -22.93 -7.46
C GLN A 89 -4.10 -24.42 -7.63
N VAL A 90 -5.23 -24.87 -7.12
CA VAL A 90 -5.62 -26.27 -7.22
C VAL A 90 -6.31 -26.56 -8.55
N GLU A 91 -6.91 -25.53 -9.13
CA GLU A 91 -7.61 -25.68 -10.41
C GLU A 91 -6.68 -25.37 -11.58
N VAL A 92 -5.74 -24.45 -11.36
CA VAL A 92 -4.79 -24.07 -12.39
C VAL A 92 -3.44 -24.73 -12.16
N HIS A 93 -2.77 -24.34 -11.09
CA HIS A 93 -1.46 -24.90 -10.76
C HIS A 93 -1.61 -26.26 -10.10
N ASN A 94 -2.84 -26.74 -10.00
CA ASN A 94 -3.11 -28.04 -9.38
C ASN A 94 -2.14 -28.31 -8.24
N GLN A 95 -2.06 -27.38 -7.29
CA GLN A 95 -1.16 -27.52 -6.15
C GLN A 95 -1.94 -27.52 -4.84
N ASN A 96 -2.45 -28.69 -4.47
CA ASN A 96 -3.22 -28.83 -3.23
C ASN A 96 -2.30 -28.93 -2.02
N ASN A 97 -1.79 -27.78 -1.57
CA ASN A 97 -0.90 -27.73 -0.42
C ASN A 97 -1.69 -27.70 0.89
N MET A 98 -1.09 -28.21 1.95
CA MET A 98 -1.73 -28.23 3.26
C MET A 98 -2.60 -26.98 3.45
N ALA A 99 -3.90 -27.14 3.20
CA ALA A 99 -4.84 -26.03 3.35
C ALA A 99 -5.98 -26.40 4.30
N PRO A 100 -6.33 -25.46 5.19
CA PRO A 100 -7.40 -25.67 6.17
C PRO A 100 -8.79 -25.70 5.51
N THR A 101 -9.52 -26.79 5.75
CA THR A 101 -10.85 -26.95 5.17
C THR A 101 -11.86 -27.36 6.25
N SER A 102 -11.58 -28.48 6.90
CA SER A 102 -12.47 -28.99 7.94
C SER A 102 -11.79 -28.94 9.31
N GLY A 103 -10.67 -29.67 9.44
CA GLY A 103 -9.95 -29.70 10.68
C GLY A 103 -9.64 -31.11 11.15
N PRO A 104 -9.99 -31.42 12.41
CA PRO A 104 -9.75 -32.74 12.99
C PRO A 104 -10.64 -33.82 12.38
N SER A 105 -10.31 -35.07 12.65
CA SER A 105 -11.09 -36.19 12.12
C SER A 105 -11.51 -35.93 10.68
N SER A 106 -10.58 -35.39 9.89
CA SER A 106 -10.85 -35.09 8.49
C SER A 106 -11.67 -36.20 7.85
N GLY A 107 -11.12 -37.40 7.81
CA GLY A 107 -11.82 -38.53 7.22
C GLY A 107 -13.22 -38.71 7.79
ZN ZN B . 2.06 12.91 -2.32
ZN ZN C . 0.92 -5.04 0.07
ZN ZN D . -1.30 -18.48 -10.04
N GLY A 1 -19.74 50.74 -30.97
CA GLY A 1 -19.42 50.41 -29.59
C GLY A 1 -17.94 50.35 -29.33
N SER A 2 -17.53 50.73 -28.12
CA SER A 2 -16.12 50.73 -27.75
C SER A 2 -15.91 50.00 -26.42
N SER A 3 -14.66 49.86 -26.03
CA SER A 3 -14.32 49.19 -24.78
C SER A 3 -12.89 49.52 -24.35
N GLY A 4 -12.76 50.19 -23.21
CA GLY A 4 -11.44 50.54 -22.71
C GLY A 4 -10.83 49.46 -21.86
N SER A 5 -9.96 49.85 -20.93
CA SER A 5 -9.30 48.90 -20.04
C SER A 5 -8.60 49.61 -18.90
N SER A 6 -8.42 48.91 -17.78
CA SER A 6 -7.77 49.49 -16.61
C SER A 6 -6.81 48.48 -15.97
N GLY A 7 -6.01 48.95 -15.04
CA GLY A 7 -5.05 48.08 -14.36
C GLY A 7 -5.49 47.72 -12.95
N ALA A 8 -4.58 47.13 -12.18
CA ALA A 8 -4.87 46.73 -10.82
C ALA A 8 -3.63 46.76 -9.95
N SER A 9 -3.82 46.75 -8.63
CA SER A 9 -2.70 46.77 -7.70
C SER A 9 -2.51 45.42 -7.04
N PRO A 10 -1.29 44.86 -7.18
CA PRO A 10 -0.95 43.55 -6.60
C PRO A 10 -0.86 43.60 -5.08
N VAL A 11 -0.98 42.43 -4.45
CA VAL A 11 -0.91 42.34 -3.00
C VAL A 11 -0.33 41.00 -2.56
N GLU A 12 0.57 41.03 -1.58
CA GLU A 12 1.19 39.82 -1.08
C GLU A 12 0.18 38.97 -0.31
N ASN A 13 0.24 37.66 -0.53
CA ASN A 13 -0.68 36.74 0.14
C ASN A 13 0.05 35.45 0.53
N LYS A 14 0.03 35.15 1.83
CA LYS A 14 0.68 33.95 2.34
C LYS A 14 -0.13 32.71 2.01
N GLU A 15 0.48 31.78 1.26
CA GLU A 15 -0.19 30.55 0.87
C GLU A 15 0.76 29.62 0.13
N VAL A 16 0.78 28.36 0.53
CA VAL A 16 1.65 27.37 -0.10
C VAL A 16 0.84 26.18 -0.63
N TYR A 17 1.36 25.54 -1.66
CA TYR A 17 0.69 24.39 -2.27
C TYR A 17 1.26 23.09 -1.75
N GLN A 18 0.58 22.50 -0.77
CA GLN A 18 1.03 21.24 -0.18
C GLN A 18 0.36 20.05 -0.85
N CYS A 19 1.05 18.92 -0.89
CA CYS A 19 0.52 17.72 -1.51
C CYS A 19 -0.54 17.07 -0.63
N ARG A 20 -1.65 16.67 -1.24
CA ARG A 20 -2.74 16.04 -0.51
C ARG A 20 -2.46 14.55 -0.30
N LEU A 21 -1.19 14.18 -0.34
CA LEU A 21 -0.79 12.79 -0.15
C LEU A 21 0.25 12.67 0.95
N CYS A 22 1.24 13.55 0.92
CA CYS A 22 2.30 13.53 1.92
C CYS A 22 2.38 14.88 2.65
N ASN A 23 1.65 15.86 2.14
CA ASN A 23 1.64 17.19 2.73
C ASN A 23 2.98 17.88 2.54
N ALA A 24 3.52 17.80 1.32
CA ALA A 24 4.80 18.42 1.01
C ALA A 24 4.61 19.74 0.28
N LYS A 25 5.31 20.78 0.73
CA LYS A 25 5.22 22.09 0.11
C LYS A 25 5.81 22.08 -1.30
N LEU A 26 5.02 22.52 -2.27
CA LEU A 26 5.47 22.56 -3.66
C LEU A 26 6.09 23.92 -3.99
N SER A 27 6.60 24.04 -5.21
CA SER A 27 7.22 25.28 -5.65
C SER A 27 6.28 26.08 -6.54
N SER A 28 5.19 25.46 -6.95
CA SER A 28 4.20 26.11 -7.81
C SER A 28 2.97 25.23 -7.99
N LEU A 29 1.86 25.86 -8.33
CA LEU A 29 0.60 25.13 -8.54
C LEU A 29 0.81 23.91 -9.43
N LEU A 30 1.67 24.07 -10.44
CA LEU A 30 1.97 22.98 -11.36
C LEU A 30 2.59 21.79 -10.63
N GLU A 31 3.73 22.03 -9.99
CA GLU A 31 4.42 20.99 -9.25
C GLU A 31 3.45 20.18 -8.40
N GLN A 32 2.33 20.81 -8.04
CA GLN A 32 1.31 20.15 -7.23
C GLN A 32 0.53 19.14 -8.06
N GLY A 33 0.20 19.51 -9.29
CA GLY A 33 -0.55 18.63 -10.16
C GLY A 33 0.31 17.50 -10.72
N SER A 34 1.61 17.72 -10.76
CA SER A 34 2.54 16.72 -11.28
C SER A 34 3.03 15.80 -10.16
N HIS A 35 3.51 16.41 -9.08
CA HIS A 35 4.02 15.65 -7.94
C HIS A 35 2.99 14.63 -7.46
N GLU A 36 1.71 14.91 -7.76
CA GLU A 36 0.64 14.01 -7.35
C GLU A 36 0.61 12.76 -8.22
N ARG A 37 1.17 12.87 -9.42
CA ARG A 37 1.20 11.74 -10.36
C ARG A 37 2.24 10.71 -9.92
N LEU A 38 3.41 11.19 -9.53
CA LEU A 38 4.49 10.31 -9.09
C LEU A 38 4.30 9.90 -7.63
N CYS A 39 3.63 10.77 -6.87
CA CYS A 39 3.38 10.49 -5.45
C CYS A 39 2.17 9.58 -5.28
N ARG A 40 1.71 9.00 -6.38
CA ARG A 40 0.56 8.11 -6.36
C ARG A 40 0.93 6.73 -6.90
N ASN A 41 1.91 6.70 -7.79
CA ASN A 41 2.36 5.45 -8.38
C ASN A 41 3.73 5.05 -7.86
N ALA A 42 4.43 6.02 -7.28
CA ALA A 42 5.76 5.77 -6.73
C ALA A 42 5.86 4.37 -6.15
N ALA A 43 5.03 4.08 -5.16
CA ALA A 43 5.03 2.77 -4.51
C ALA A 43 3.63 2.16 -4.54
N VAL A 44 3.41 1.25 -5.48
CA VAL A 44 2.12 0.58 -5.60
C VAL A 44 2.25 -0.91 -5.36
N CYS A 45 1.84 -1.36 -4.17
CA CYS A 45 1.92 -2.77 -3.81
C CYS A 45 1.14 -3.62 -4.81
N PRO A 46 1.86 -4.50 -5.52
CA PRO A 46 1.26 -5.39 -6.52
C PRO A 46 0.39 -6.47 -5.88
N TYR A 47 0.21 -6.38 -4.57
CA TYR A 47 -0.59 -7.36 -3.84
C TYR A 47 -1.96 -6.78 -3.50
N CYS A 48 -1.97 -5.64 -2.81
CA CYS A 48 -3.21 -4.99 -2.42
C CYS A 48 -3.46 -3.75 -3.26
N SER A 49 -2.44 -3.33 -4.01
CA SER A 49 -2.53 -2.15 -4.85
C SER A 49 -2.56 -0.87 -4.02
N LEU A 50 -1.65 -0.78 -3.06
CA LEU A 50 -1.56 0.39 -2.19
C LEU A 50 -0.89 1.55 -2.90
N ARG A 51 -0.67 2.64 -2.17
CA ARG A 51 -0.03 3.83 -2.73
C ARG A 51 0.66 4.64 -1.65
N PHE A 52 1.99 4.58 -1.62
CA PHE A 52 2.76 5.31 -0.63
C PHE A 52 3.49 6.50 -1.27
N PHE A 53 4.22 7.24 -0.46
CA PHE A 53 4.96 8.41 -0.95
C PHE A 53 6.27 7.98 -1.60
N SER A 54 6.96 7.04 -0.97
CA SER A 54 8.24 6.54 -1.49
C SER A 54 8.15 5.06 -1.81
N PRO A 55 8.91 4.64 -2.83
CA PRO A 55 8.95 3.24 -3.26
C PRO A 55 9.61 2.33 -2.24
N GLU A 56 10.23 2.93 -1.23
CA GLU A 56 10.91 2.17 -0.19
C GLU A 56 9.97 1.90 0.98
N LEU A 57 8.85 2.59 1.01
CA LEU A 57 7.86 2.43 2.07
C LEU A 57 7.03 1.16 1.86
N LYS A 58 6.65 0.92 0.61
CA LYS A 58 5.86 -0.26 0.27
C LYS A 58 6.69 -1.53 0.43
N GLN A 59 8.00 -1.41 0.23
CA GLN A 59 8.89 -2.55 0.35
C GLN A 59 8.71 -3.24 1.69
N GLU A 60 8.83 -2.48 2.77
CA GLU A 60 8.68 -3.01 4.12
C GLU A 60 7.28 -3.60 4.32
N HIS A 61 6.27 -2.88 3.84
CA HIS A 61 4.89 -3.34 3.97
C HIS A 61 4.70 -4.70 3.30
N GLU A 62 5.01 -4.76 2.01
CA GLU A 62 4.87 -6.01 1.26
C GLU A 62 5.22 -7.21 2.12
N SER A 63 6.39 -7.17 2.72
CA SER A 63 6.85 -8.26 3.59
C SER A 63 5.80 -8.60 4.64
N LYS A 64 5.18 -7.56 5.19
CA LYS A 64 4.15 -7.75 6.22
C LYS A 64 2.77 -7.44 5.66
N CYS A 65 2.62 -7.55 4.34
CA CYS A 65 1.34 -7.29 3.69
C CYS A 65 0.39 -8.46 3.88
N GLU A 66 -0.81 -8.16 4.37
CA GLU A 66 -1.83 -9.18 4.60
C GLU A 66 -2.37 -9.72 3.28
N TYR A 67 -2.25 -8.91 2.23
CA TYR A 67 -2.73 -9.30 0.91
C TYR A 67 -1.72 -10.19 0.20
N LYS A 68 -0.44 -9.93 0.43
CA LYS A 68 0.63 -10.70 -0.18
C LYS A 68 0.32 -12.19 -0.12
N LYS A 69 0.14 -12.71 1.09
CA LYS A 69 -0.16 -14.12 1.28
C LYS A 69 -1.27 -14.58 0.34
N LEU A 70 -2.17 -13.65 0.01
CA LEU A 70 -3.28 -13.95 -0.89
C LEU A 70 -2.88 -13.73 -2.35
N THR A 71 -1.59 -13.80 -2.62
CA THR A 71 -1.08 -13.61 -3.97
C THR A 71 -0.38 -14.87 -4.48
N CYS A 72 -0.76 -15.30 -5.68
CA CYS A 72 -0.17 -16.49 -6.28
C CYS A 72 1.07 -16.13 -7.10
N LEU A 73 2.18 -15.90 -6.40
CA LEU A 73 3.43 -15.55 -7.07
C LEU A 73 3.62 -16.37 -8.34
N GLU A 74 3.24 -17.64 -8.28
CA GLU A 74 3.36 -18.53 -9.44
C GLU A 74 2.91 -17.82 -10.71
N CYS A 75 1.68 -17.32 -10.71
CA CYS A 75 1.12 -16.63 -11.85
C CYS A 75 0.68 -15.22 -11.49
N MET A 76 1.24 -14.69 -10.40
CA MET A 76 0.90 -13.35 -9.94
C MET A 76 -0.61 -13.15 -9.93
N ARG A 77 -1.32 -14.03 -9.24
CA ARG A 77 -2.78 -13.95 -9.16
C ARG A 77 -3.22 -13.70 -7.72
N THR A 78 -3.71 -12.50 -7.46
CA THR A 78 -4.17 -12.13 -6.12
C THR A 78 -5.66 -12.44 -5.95
N PHE A 79 -6.01 -13.00 -4.80
CA PHE A 79 -7.40 -13.34 -4.51
C PHE A 79 -7.90 -12.59 -3.29
N LYS A 80 -9.19 -12.73 -3.00
CA LYS A 80 -9.80 -12.06 -1.86
C LYS A 80 -9.66 -12.90 -0.59
N SER A 81 -9.75 -14.21 -0.76
CA SER A 81 -9.64 -15.13 0.38
C SER A 81 -8.68 -16.27 0.05
N SER A 82 -8.36 -17.07 1.07
CA SER A 82 -7.44 -18.19 0.90
C SER A 82 -8.18 -19.41 0.35
N PHE A 83 -9.46 -19.52 0.70
CA PHE A 83 -10.28 -20.64 0.25
C PHE A 83 -10.45 -20.61 -1.27
N SER A 84 -10.66 -19.41 -1.81
CA SER A 84 -10.85 -19.24 -3.25
C SER A 84 -9.56 -19.59 -4.01
N ILE A 85 -8.49 -18.87 -3.71
CA ILE A 85 -7.21 -19.11 -4.36
C ILE A 85 -6.78 -20.56 -4.23
N TRP A 86 -6.92 -21.11 -3.02
CA TRP A 86 -6.55 -22.48 -2.75
C TRP A 86 -7.01 -23.40 -3.89
N ARG A 87 -8.22 -23.18 -4.38
CA ARG A 87 -8.77 -23.97 -5.48
C ARG A 87 -8.07 -23.65 -6.79
N HIS A 88 -7.59 -22.41 -6.92
CA HIS A 88 -6.90 -21.99 -8.12
C HIS A 88 -5.51 -22.61 -8.21
N GLN A 89 -4.95 -22.96 -7.05
CA GLN A 89 -3.63 -23.56 -6.99
C GLN A 89 -3.73 -25.08 -6.91
N VAL A 90 -4.88 -25.57 -6.45
CA VAL A 90 -5.11 -27.01 -6.32
C VAL A 90 -5.71 -27.58 -7.60
N GLU A 91 -6.39 -26.73 -8.36
CA GLU A 91 -7.02 -27.16 -9.61
C GLU A 91 -6.09 -26.91 -10.79
N VAL A 92 -5.27 -25.88 -10.69
CA VAL A 92 -4.35 -25.54 -11.76
C VAL A 92 -2.92 -25.99 -11.42
N HIS A 93 -2.40 -25.47 -10.31
CA HIS A 93 -1.06 -25.82 -9.87
C HIS A 93 -1.07 -27.13 -9.07
N ASN A 94 -2.26 -27.65 -8.84
CA ASN A 94 -2.40 -28.89 -8.09
C ASN A 94 -1.41 -28.96 -6.93
N GLN A 95 -1.42 -27.94 -6.08
CA GLN A 95 -0.51 -27.88 -4.95
C GLN A 95 -1.25 -28.17 -3.64
N ASN A 96 -0.76 -29.17 -2.92
CA ASN A 96 -1.37 -29.56 -1.65
C ASN A 96 -0.34 -29.61 -0.53
N ASN A 97 0.90 -29.94 -0.89
CA ASN A 97 1.98 -30.02 0.09
C ASN A 97 1.84 -28.93 1.14
N MET A 98 1.35 -27.76 0.73
CA MET A 98 1.17 -26.64 1.64
C MET A 98 -0.30 -26.23 1.70
N ALA A 99 -0.83 -26.14 2.91
CA ALA A 99 -2.22 -25.75 3.10
C ALA A 99 -2.56 -25.62 4.59
N PRO A 100 -3.57 -24.81 4.91
CA PRO A 100 -4.01 -24.59 6.29
C PRO A 100 -4.68 -25.81 6.89
N THR A 101 -3.96 -26.50 7.77
CA THR A 101 -4.48 -27.70 8.42
C THR A 101 -5.94 -27.51 8.82
N SER A 102 -6.79 -28.44 8.40
CA SER A 102 -8.21 -28.38 8.71
C SER A 102 -8.61 -29.50 9.68
N GLY A 103 -9.22 -29.11 10.79
CA GLY A 103 -9.64 -30.09 11.78
C GLY A 103 -10.62 -29.52 12.78
N PRO A 104 -11.90 -29.45 12.38
CA PRO A 104 -12.96 -28.92 13.25
C PRO A 104 -13.28 -29.85 14.41
N SER A 105 -13.72 -29.25 15.53
CA SER A 105 -14.05 -30.02 16.72
C SER A 105 -15.26 -30.92 16.47
N SER A 106 -15.31 -32.05 17.17
CA SER A 106 -16.41 -32.99 17.03
C SER A 106 -16.42 -33.99 18.17
N GLY A 107 -17.51 -34.74 18.29
CA GLY A 107 -17.63 -35.73 19.35
C GLY A 107 -16.59 -36.82 19.25
ZN ZN B . 3.00 13.79 -2.13
ZN ZN C . 0.20 -4.74 0.06
ZN ZN D . -1.50 -19.35 -9.87
N GLY A 1 38.96 50.66 6.11
CA GLY A 1 38.41 51.94 6.52
C GLY A 1 36.99 51.81 7.03
N SER A 2 36.07 52.57 6.44
CA SER A 2 34.67 52.55 6.86
C SER A 2 33.82 51.77 5.86
N SER A 3 32.91 50.95 6.37
CA SER A 3 32.04 50.15 5.54
C SER A 3 30.79 49.73 6.29
N GLY A 4 29.62 50.04 5.71
CA GLY A 4 28.37 49.68 6.35
C GLY A 4 27.47 48.86 5.45
N SER A 5 26.75 47.90 6.03
CA SER A 5 25.85 47.05 5.28
C SER A 5 24.83 46.38 6.19
N SER A 6 23.61 46.22 5.69
CA SER A 6 22.54 45.61 6.46
C SER A 6 21.30 45.39 5.59
N GLY A 7 20.73 44.19 5.68
CA GLY A 7 19.54 43.88 4.89
C GLY A 7 19.03 42.48 5.16
N ALA A 8 18.14 42.35 6.13
CA ALA A 8 17.58 41.05 6.48
C ALA A 8 16.12 41.19 6.94
N SER A 9 15.32 40.18 6.63
CA SER A 9 13.91 40.19 7.00
C SER A 9 13.43 38.79 7.39
N PRO A 10 12.52 38.72 8.36
CA PRO A 10 11.96 37.45 8.85
C PRO A 10 11.06 36.79 7.82
N VAL A 11 10.55 35.61 8.16
CA VAL A 11 9.66 34.87 7.26
C VAL A 11 8.45 34.32 8.01
N GLU A 12 7.26 34.60 7.49
CA GLU A 12 6.03 34.14 8.11
C GLU A 12 5.25 33.23 7.17
N ASN A 13 4.12 32.72 7.64
CA ASN A 13 3.29 31.83 6.84
C ASN A 13 2.71 32.57 5.64
N LYS A 14 2.78 31.95 4.47
CA LYS A 14 2.27 32.54 3.24
C LYS A 14 1.75 31.47 2.29
N GLU A 15 0.85 31.86 1.39
CA GLU A 15 0.29 30.94 0.43
C GLU A 15 1.34 29.95 -0.07
N VAL A 16 1.18 28.68 0.31
CA VAL A 16 2.12 27.64 -0.09
C VAL A 16 1.40 26.48 -0.76
N TYR A 17 2.07 25.87 -1.73
CA TYR A 17 1.49 24.75 -2.46
C TYR A 17 1.86 23.41 -1.81
N GLN A 18 0.92 22.84 -1.07
CA GLN A 18 1.15 21.57 -0.39
C GLN A 18 0.57 20.41 -1.19
N CYS A 19 1.21 19.25 -1.10
CA CYS A 19 0.76 18.06 -1.81
C CYS A 19 -0.49 17.47 -1.15
N ARG A 20 -1.47 17.11 -1.98
CA ARG A 20 -2.71 16.53 -1.48
C ARG A 20 -2.54 15.04 -1.21
N LEU A 21 -1.31 14.61 -1.02
CA LEU A 21 -1.01 13.20 -0.76
C LEU A 21 -0.17 13.03 0.50
N CYS A 22 0.85 13.87 0.63
CA CYS A 22 1.74 13.82 1.79
C CYS A 22 1.77 15.17 2.49
N ASN A 23 1.09 16.16 1.92
CA ASN A 23 1.04 17.50 2.50
C ASN A 23 2.45 18.07 2.66
N ALA A 24 3.24 17.97 1.61
CA ALA A 24 4.61 18.47 1.63
C ALA A 24 4.73 19.77 0.84
N LYS A 25 5.06 20.86 1.53
CA LYS A 25 5.21 22.16 0.89
C LYS A 25 6.11 22.08 -0.33
N LEU A 26 5.62 22.57 -1.46
CA LEU A 26 6.38 22.54 -2.71
C LEU A 26 7.17 23.84 -2.89
N SER A 27 7.82 23.98 -4.04
CA SER A 27 8.60 25.17 -4.34
C SER A 27 7.90 26.04 -5.39
N SER A 28 6.93 25.45 -6.09
CA SER A 28 6.18 26.16 -7.11
C SER A 28 4.99 25.34 -7.57
N LEU A 29 4.02 26.02 -8.18
CA LEU A 29 2.81 25.36 -8.67
C LEU A 29 3.17 24.12 -9.48
N LEU A 30 4.14 24.26 -10.37
CA LEU A 30 4.57 23.14 -11.21
C LEU A 30 4.95 21.94 -10.35
N GLU A 31 5.93 22.12 -9.48
CA GLU A 31 6.39 21.05 -8.60
C GLU A 31 5.21 20.31 -7.98
N GLN A 32 4.09 21.03 -7.81
CA GLN A 32 2.89 20.44 -7.23
C GLN A 32 2.21 19.50 -8.22
N GLY A 33 1.90 20.02 -9.39
CA GLY A 33 1.25 19.21 -10.41
C GLY A 33 2.09 18.03 -10.84
N SER A 34 3.40 18.11 -10.59
CA SER A 34 4.31 17.04 -10.96
C SER A 34 4.52 16.08 -9.78
N HIS A 35 4.98 16.62 -8.66
CA HIS A 35 5.23 15.81 -7.47
C HIS A 35 4.01 14.98 -7.12
N GLU A 36 2.83 15.43 -7.56
CA GLU A 36 1.59 14.72 -7.29
C GLU A 36 1.35 13.64 -8.33
N ARG A 37 1.97 13.79 -9.49
CA ARG A 37 1.82 12.84 -10.57
C ARG A 37 2.57 11.54 -10.27
N LEU A 38 3.65 11.65 -9.50
CA LEU A 38 4.45 10.49 -9.12
C LEU A 38 4.17 10.08 -7.69
N CYS A 39 3.87 11.06 -6.84
CA CYS A 39 3.59 10.80 -5.43
C CYS A 39 2.26 10.07 -5.27
N ARG A 40 1.53 9.94 -6.38
CA ARG A 40 0.23 9.27 -6.36
C ARG A 40 0.36 7.84 -6.88
N ASN A 41 1.44 7.57 -7.61
CA ASN A 41 1.69 6.25 -8.17
C ASN A 41 3.12 5.79 -7.88
N ALA A 42 3.80 6.51 -7.00
CA ALA A 42 5.16 6.18 -6.64
C ALA A 42 5.28 4.71 -6.22
N ALA A 43 4.58 4.35 -5.15
CA ALA A 43 4.60 2.98 -4.65
C ALA A 43 3.19 2.39 -4.59
N VAL A 44 2.86 1.58 -5.59
CA VAL A 44 1.54 0.96 -5.66
C VAL A 44 1.63 -0.54 -5.41
N CYS A 45 1.13 -0.98 -4.25
CA CYS A 45 1.16 -2.39 -3.90
C CYS A 45 0.34 -3.22 -4.88
N PRO A 46 1.01 -4.07 -5.65
CA PRO A 46 0.36 -4.94 -6.64
C PRO A 46 -0.47 -6.04 -5.99
N TYR A 47 -0.57 -5.99 -4.66
CA TYR A 47 -1.34 -6.99 -3.92
C TYR A 47 -2.69 -6.42 -3.48
N CYS A 48 -2.64 -5.29 -2.78
CA CYS A 48 -3.86 -4.64 -2.29
C CYS A 48 -4.15 -3.38 -3.09
N SER A 49 -3.17 -2.93 -3.87
CA SER A 49 -3.32 -1.73 -4.68
C SER A 49 -3.31 -0.48 -3.81
N LEU A 50 -2.25 -0.33 -3.01
CA LEU A 50 -2.11 0.81 -2.12
C LEU A 50 -1.41 1.96 -2.83
N ARG A 51 -1.17 3.05 -2.10
CA ARG A 51 -0.50 4.22 -2.66
C ARG A 51 0.29 4.95 -1.58
N PHE A 52 1.61 4.80 -1.62
CA PHE A 52 2.49 5.44 -0.65
C PHE A 52 3.22 6.62 -1.27
N PHE A 53 4.09 7.26 -0.49
CA PHE A 53 4.86 8.39 -0.97
C PHE A 53 6.15 7.94 -1.64
N SER A 54 6.81 6.95 -1.04
CA SER A 54 8.06 6.44 -1.58
C SER A 54 7.92 4.95 -1.91
N PRO A 55 8.79 4.47 -2.83
CA PRO A 55 8.79 3.07 -3.25
C PRO A 55 9.28 2.13 -2.15
N GLU A 56 9.62 2.71 -1.01
CA GLU A 56 10.11 1.92 0.11
C GLU A 56 8.99 1.57 1.07
N LEU A 57 8.05 2.50 1.24
CA LEU A 57 6.90 2.28 2.12
C LEU A 57 6.10 1.07 1.70
N LYS A 58 6.09 0.79 0.40
CA LYS A 58 5.36 -0.35 -0.14
C LYS A 58 6.10 -1.65 0.15
N GLN A 59 7.43 -1.59 0.14
CA GLN A 59 8.25 -2.76 0.41
C GLN A 59 8.04 -3.26 1.83
N GLU A 60 8.14 -2.35 2.79
CA GLU A 60 7.96 -2.71 4.20
C GLU A 60 6.55 -3.22 4.45
N HIS A 61 5.58 -2.63 3.77
CA HIS A 61 4.19 -3.01 3.93
C HIS A 61 3.93 -4.38 3.29
N GLU A 62 4.28 -4.51 2.01
CA GLU A 62 4.09 -5.77 1.30
C GLU A 62 4.43 -6.96 2.19
N SER A 63 5.68 -6.99 2.67
CA SER A 63 6.14 -8.08 3.53
C SER A 63 5.09 -8.42 4.58
N LYS A 64 4.38 -7.39 5.06
CA LYS A 64 3.35 -7.57 6.07
C LYS A 64 1.97 -7.63 5.43
N CYS A 65 1.88 -7.21 4.17
CA CYS A 65 0.61 -7.21 3.45
C CYS A 65 0.03 -8.62 3.37
N GLU A 66 -1.25 -8.75 3.71
CA GLU A 66 -1.92 -10.05 3.68
C GLU A 66 -2.32 -10.42 2.26
N TYR A 67 -2.34 -9.43 1.38
CA TYR A 67 -2.71 -9.65 -0.02
C TYR A 67 -1.55 -10.22 -0.81
N LYS A 68 -0.33 -9.99 -0.33
CA LYS A 68 0.87 -10.48 -0.98
C LYS A 68 0.82 -12.00 -1.11
N LYS A 69 0.80 -12.68 0.02
CA LYS A 69 0.75 -14.15 0.03
C LYS A 69 -0.57 -14.65 -0.53
N LEU A 70 -1.62 -13.86 -0.37
CA LEU A 70 -2.94 -14.23 -0.86
C LEU A 70 -3.01 -14.08 -2.38
N THR A 71 -2.05 -13.37 -2.96
CA THR A 71 -2.00 -13.16 -4.40
C THR A 71 -1.15 -14.23 -5.08
N CYS A 72 -1.78 -15.02 -5.95
CA CYS A 72 -1.09 -16.07 -6.67
C CYS A 72 -0.01 -15.50 -7.58
N LEU A 73 1.18 -15.33 -7.04
CA LEU A 73 2.30 -14.79 -7.81
C LEU A 73 2.45 -15.52 -9.13
N GLU A 74 2.11 -16.80 -9.14
CA GLU A 74 2.19 -17.61 -10.34
C GLU A 74 1.44 -16.96 -11.50
N CYS A 75 0.15 -16.73 -11.30
CA CYS A 75 -0.68 -16.11 -12.33
C CYS A 75 -1.29 -14.80 -11.82
N MET A 76 -0.58 -14.14 -10.93
CA MET A 76 -1.05 -12.88 -10.36
C MET A 76 -2.56 -12.89 -10.17
N ARG A 77 -3.05 -13.94 -9.52
CA ARG A 77 -4.48 -14.07 -9.27
C ARG A 77 -4.79 -13.98 -7.78
N THR A 78 -5.35 -12.85 -7.37
CA THR A 78 -5.70 -12.63 -5.96
C THR A 78 -7.02 -13.30 -5.61
N PHE A 79 -7.18 -13.62 -4.33
CA PHE A 79 -8.41 -14.27 -3.87
C PHE A 79 -8.93 -13.59 -2.60
N LYS A 80 -10.02 -14.13 -2.05
CA LYS A 80 -10.62 -13.58 -0.84
C LYS A 80 -9.93 -14.10 0.40
N SER A 81 -9.67 -15.41 0.43
CA SER A 81 -9.00 -16.03 1.56
C SER A 81 -7.91 -16.98 1.09
N SER A 82 -7.28 -17.66 2.05
CA SER A 82 -6.20 -18.60 1.74
C SER A 82 -6.76 -19.89 1.17
N PHE A 83 -7.83 -20.39 1.78
CA PHE A 83 -8.46 -21.63 1.34
C PHE A 83 -8.87 -21.54 -0.13
N SER A 84 -9.55 -20.45 -0.48
CA SER A 84 -10.00 -20.24 -1.85
C SER A 84 -8.87 -20.45 -2.84
N ILE A 85 -7.86 -19.58 -2.77
CA ILE A 85 -6.71 -19.68 -3.66
C ILE A 85 -6.01 -21.03 -3.51
N TRP A 86 -5.87 -21.48 -2.27
CA TRP A 86 -5.23 -22.77 -2.00
C TRP A 86 -5.68 -23.83 -3.00
N ARG A 87 -6.97 -23.88 -3.25
CA ARG A 87 -7.54 -24.86 -4.17
C ARG A 87 -7.10 -24.56 -5.61
N HIS A 88 -7.02 -23.27 -5.94
CA HIS A 88 -6.61 -22.85 -7.27
C HIS A 88 -5.13 -23.13 -7.51
N GLN A 89 -4.36 -23.16 -6.42
CA GLN A 89 -2.93 -23.42 -6.51
C GLN A 89 -2.63 -24.90 -6.25
N VAL A 90 -3.59 -25.59 -5.64
CA VAL A 90 -3.42 -27.00 -5.33
C VAL A 90 -4.09 -27.88 -6.39
N GLU A 91 -5.10 -27.32 -7.06
CA GLU A 91 -5.81 -28.05 -8.10
C GLU A 91 -5.24 -27.75 -9.47
N VAL A 92 -4.93 -26.48 -9.71
CA VAL A 92 -4.37 -26.05 -10.99
C VAL A 92 -2.85 -26.13 -10.98
N HIS A 93 -2.23 -25.44 -10.04
CA HIS A 93 -0.78 -25.44 -9.92
C HIS A 93 -0.29 -26.66 -9.16
N ASN A 94 -1.15 -27.20 -8.30
CA ASN A 94 -0.80 -28.38 -7.51
C ASN A 94 0.53 -28.19 -6.79
N GLN A 95 0.76 -26.97 -6.31
CA GLN A 95 1.99 -26.65 -5.60
C GLN A 95 2.00 -27.26 -4.20
N ASN A 96 1.25 -26.65 -3.29
CA ASN A 96 1.16 -27.13 -1.91
C ASN A 96 0.14 -28.25 -1.80
N ASN A 97 0.47 -29.41 -2.37
CA ASN A 97 -0.43 -30.56 -2.33
C ASN A 97 -1.01 -30.75 -0.94
N MET A 98 -0.18 -30.55 0.08
CA MET A 98 -0.62 -30.69 1.46
C MET A 98 -1.36 -29.44 1.94
N ALA A 99 -1.85 -29.48 3.17
CA ALA A 99 -2.58 -28.35 3.74
C ALA A 99 -2.30 -28.22 5.23
N PRO A 100 -2.51 -27.01 5.76
CA PRO A 100 -2.30 -26.71 7.19
C PRO A 100 -3.32 -27.40 8.09
N THR A 101 -3.06 -28.66 8.40
CA THR A 101 -3.95 -29.44 9.25
C THR A 101 -4.24 -28.70 10.56
N SER A 102 -5.51 -28.39 10.80
CA SER A 102 -5.90 -27.69 12.01
C SER A 102 -6.95 -28.49 12.78
N GLY A 103 -6.91 -28.37 14.11
CA GLY A 103 -7.86 -29.09 14.94
C GLY A 103 -7.94 -28.53 16.35
N PRO A 104 -9.17 -28.28 16.82
CA PRO A 104 -9.40 -27.73 18.17
C PRO A 104 -9.08 -28.74 19.27
N SER A 105 -7.95 -28.52 19.94
CA SER A 105 -7.51 -29.41 21.01
C SER A 105 -8.59 -29.52 22.08
N SER A 106 -9.01 -28.38 22.61
CA SER A 106 -10.04 -28.35 23.65
C SER A 106 -10.98 -27.18 23.44
N GLY A 107 -12.03 -27.13 24.26
CA GLY A 107 -13.01 -26.05 24.15
C GLY A 107 -14.38 -26.46 24.63
ZN ZN B . 3.23 14.09 -2.08
ZN ZN C . -0.50 -4.34 0.02
ZN ZN D . -2.32 -19.22 -10.02
N GLY A 1 19.56 52.58 -25.01
CA GLY A 1 20.23 52.78 -23.74
C GLY A 1 20.19 51.54 -22.86
N SER A 2 21.08 51.48 -21.88
CA SER A 2 21.14 50.34 -20.97
C SER A 2 21.77 50.73 -19.63
N SER A 3 21.80 49.79 -18.70
CA SER A 3 22.36 50.04 -17.38
C SER A 3 22.62 48.74 -16.64
N GLY A 4 23.29 48.83 -15.50
CA GLY A 4 23.59 47.65 -14.71
C GLY A 4 23.61 47.93 -13.22
N SER A 5 23.11 46.98 -12.44
CA SER A 5 23.06 47.13 -10.99
C SER A 5 22.88 45.78 -10.31
N SER A 6 22.93 45.78 -8.98
CA SER A 6 22.77 44.55 -8.21
C SER A 6 22.02 44.82 -6.90
N GLY A 7 21.72 43.76 -6.17
CA GLY A 7 20.99 43.90 -4.92
C GLY A 7 20.81 42.57 -4.20
N ALA A 8 19.82 42.50 -3.33
CA ALA A 8 19.53 41.29 -2.58
C ALA A 8 18.09 41.27 -2.09
N SER A 9 17.58 40.07 -1.83
CA SER A 9 16.21 39.91 -1.35
C SER A 9 16.16 39.00 -0.12
N PRO A 10 15.36 39.41 0.87
CA PRO A 10 15.20 38.65 2.12
C PRO A 10 14.45 37.34 1.91
N VAL A 11 14.94 36.28 2.54
CA VAL A 11 14.31 34.97 2.42
C VAL A 11 13.34 34.72 3.58
N GLU A 12 12.10 35.17 3.41
CA GLU A 12 11.08 35.01 4.43
C GLU A 12 9.96 34.09 3.94
N ASN A 13 9.23 33.50 4.88
CA ASN A 13 8.12 32.61 4.54
C ASN A 13 7.05 33.34 3.76
N LYS A 14 6.72 32.82 2.58
CA LYS A 14 5.70 33.44 1.73
C LYS A 14 4.91 32.38 0.99
N GLU A 15 3.91 32.81 0.21
CA GLU A 15 3.08 31.90 -0.55
C GLU A 15 3.89 30.70 -1.04
N VAL A 16 3.51 29.51 -0.59
CA VAL A 16 4.20 28.29 -0.98
C VAL A 16 3.23 27.26 -1.56
N TYR A 17 3.70 26.51 -2.55
CA TYR A 17 2.87 25.49 -3.18
C TYR A 17 3.04 24.13 -2.50
N GLN A 18 2.09 23.80 -1.64
CA GLN A 18 2.12 22.54 -0.92
C GLN A 18 1.29 21.48 -1.63
N CYS A 19 1.69 20.21 -1.49
CA CYS A 19 0.98 19.12 -2.11
C CYS A 19 -0.33 18.81 -1.37
N ARG A 20 -1.39 18.61 -2.14
CA ARG A 20 -2.70 18.31 -1.57
C ARG A 20 -2.83 16.83 -1.23
N LEU A 21 -1.70 16.17 -1.06
CA LEU A 21 -1.69 14.75 -0.73
C LEU A 21 -0.87 14.48 0.53
N CYS A 22 0.29 15.13 0.63
CA CYS A 22 1.16 14.96 1.78
C CYS A 22 1.51 16.31 2.40
N ASN A 23 1.12 17.38 1.71
CA ASN A 23 1.38 18.73 2.20
C ASN A 23 2.89 19.01 2.22
N ALA A 24 3.58 18.60 1.16
CA ALA A 24 5.02 18.80 1.06
C ALA A 24 5.34 20.04 0.22
N LYS A 25 5.89 21.06 0.88
CA LYS A 25 6.25 22.29 0.20
C LYS A 25 7.04 22.00 -1.08
N LEU A 26 6.57 22.55 -2.20
CA LEU A 26 7.24 22.35 -3.48
C LEU A 26 8.25 23.47 -3.75
N SER A 27 8.88 23.42 -4.92
CA SER A 27 9.86 24.42 -5.30
C SER A 27 9.29 25.37 -6.36
N SER A 28 8.17 24.98 -6.95
CA SER A 28 7.53 25.78 -7.98
C SER A 28 6.20 25.18 -8.39
N LEU A 29 5.33 26.00 -8.99
CA LEU A 29 4.02 25.55 -9.43
C LEU A 29 4.13 24.26 -10.24
N LEU A 30 5.23 24.12 -10.97
CA LEU A 30 5.46 22.93 -11.79
C LEU A 30 5.67 21.70 -10.91
N GLU A 31 6.60 21.79 -9.98
CA GLU A 31 6.89 20.69 -9.07
C GLU A 31 5.60 20.15 -8.45
N GLN A 32 4.60 21.01 -8.32
CA GLN A 32 3.33 20.61 -7.74
C GLN A 32 2.57 19.69 -8.67
N GLY A 33 2.19 20.20 -9.84
CA GLY A 33 1.47 19.39 -10.81
C GLY A 33 2.19 18.09 -11.14
N SER A 34 3.48 18.03 -10.83
CA SER A 34 4.28 16.84 -11.10
C SER A 34 4.30 15.93 -9.89
N HIS A 35 4.76 16.46 -8.76
CA HIS A 35 4.84 15.68 -7.52
C HIS A 35 3.51 14.99 -7.22
N GLU A 36 2.42 15.57 -7.74
CA GLU A 36 1.10 15.02 -7.53
C GLU A 36 0.89 13.76 -8.36
N ARG A 37 1.63 13.66 -9.46
CA ARG A 37 1.53 12.51 -10.35
C ARG A 37 2.15 11.27 -9.71
N LEU A 38 3.37 11.44 -9.19
CA LEU A 38 4.07 10.33 -8.55
C LEU A 38 3.55 10.10 -7.14
N CYS A 39 3.25 11.18 -6.43
CA CYS A 39 2.74 11.11 -5.07
C CYS A 39 1.40 10.39 -5.03
N ARG A 40 0.82 10.14 -6.21
CA ARG A 40 -0.46 9.46 -6.32
C ARG A 40 -0.26 7.96 -6.57
N ASN A 41 0.77 7.63 -7.34
CA ASN A 41 1.07 6.25 -7.66
C ASN A 41 2.54 5.95 -7.46
N ALA A 42 3.08 6.36 -6.32
CA ALA A 42 4.48 6.12 -6.00
C ALA A 42 4.74 4.66 -5.70
N ALA A 43 4.04 4.13 -4.69
CA ALA A 43 4.19 2.74 -4.31
C ALA A 43 2.85 2.04 -4.19
N VAL A 44 2.50 1.27 -5.22
CA VAL A 44 1.22 0.56 -5.23
C VAL A 44 1.44 -0.95 -5.05
N CYS A 45 1.06 -1.45 -3.88
CA CYS A 45 1.22 -2.87 -3.58
C CYS A 45 0.40 -3.72 -4.55
N PRO A 46 1.09 -4.52 -5.36
CA PRO A 46 0.46 -5.40 -6.34
C PRO A 46 -0.30 -6.56 -5.69
N TYR A 47 -0.37 -6.53 -4.36
CA TYR A 47 -1.05 -7.57 -3.61
C TYR A 47 -2.43 -7.09 -3.15
N CYS A 48 -2.43 -6.03 -2.36
CA CYS A 48 -3.68 -5.46 -1.84
C CYS A 48 -4.03 -4.17 -2.56
N SER A 49 -3.17 -3.75 -3.49
CA SER A 49 -3.39 -2.53 -4.24
C SER A 49 -3.39 -1.31 -3.32
N LEU A 50 -2.34 -1.20 -2.51
CA LEU A 50 -2.21 -0.09 -1.58
C LEU A 50 -1.61 1.14 -2.27
N ARG A 51 -1.37 2.18 -1.49
CA ARG A 51 -0.79 3.41 -2.03
C ARG A 51 0.02 4.15 -0.96
N PHE A 52 1.34 4.07 -1.06
CA PHE A 52 2.21 4.72 -0.11
C PHE A 52 2.88 5.95 -0.72
N PHE A 53 3.56 6.73 0.11
CA PHE A 53 4.23 7.94 -0.36
C PHE A 53 5.54 7.59 -1.09
N SER A 54 6.28 6.65 -0.52
CA SER A 54 7.55 6.22 -1.10
C SER A 54 7.48 4.77 -1.56
N PRO A 55 8.30 4.42 -2.56
CA PRO A 55 8.35 3.06 -3.10
C PRO A 55 8.95 2.06 -2.12
N GLU A 56 9.40 2.56 -0.98
CA GLU A 56 10.00 1.71 0.04
C GLU A 56 8.95 1.23 1.04
N LEU A 57 7.95 2.06 1.29
CA LEU A 57 6.87 1.73 2.21
C LEU A 57 6.12 0.48 1.75
N LYS A 58 6.05 0.30 0.44
CA LYS A 58 5.36 -0.86 -0.14
C LYS A 58 6.20 -2.12 0.02
N GLN A 59 7.52 -1.96 -0.03
CA GLN A 59 8.42 -3.10 0.10
C GLN A 59 8.33 -3.70 1.49
N GLU A 60 8.46 -2.86 2.51
CA GLU A 60 8.39 -3.32 3.89
C GLU A 60 7.05 -3.99 4.18
N HIS A 61 5.98 -3.41 3.65
CA HIS A 61 4.64 -3.95 3.85
C HIS A 61 4.47 -5.27 3.09
N GLU A 62 4.77 -5.24 1.79
CA GLU A 62 4.64 -6.43 0.95
C GLU A 62 5.09 -7.68 1.72
N SER A 63 6.23 -7.58 2.39
CA SER A 63 6.77 -8.70 3.16
C SER A 63 5.76 -9.18 4.19
N LYS A 64 5.09 -8.24 4.85
CA LYS A 64 4.10 -8.57 5.86
C LYS A 64 2.69 -8.31 5.35
N CYS A 65 2.53 -8.33 4.03
CA CYS A 65 1.23 -8.10 3.41
C CYS A 65 0.33 -9.33 3.55
N GLU A 66 -0.84 -9.13 4.15
CA GLU A 66 -1.78 -10.23 4.34
C GLU A 66 -2.36 -10.69 3.00
N TYR A 67 -2.25 -9.84 2.00
CA TYR A 67 -2.76 -10.14 0.67
C TYR A 67 -1.70 -10.86 -0.17
N LYS A 68 -0.45 -10.70 0.22
CA LYS A 68 0.66 -11.34 -0.49
C LYS A 68 0.44 -12.85 -0.58
N LYS A 69 0.33 -13.50 0.57
CA LYS A 69 0.12 -14.95 0.61
C LYS A 69 -1.09 -15.35 -0.21
N LEU A 70 -2.08 -14.47 -0.26
CA LEU A 70 -3.30 -14.74 -1.03
C LEU A 70 -3.14 -14.29 -2.48
N THR A 71 -1.89 -14.13 -2.91
CA THR A 71 -1.60 -13.71 -4.27
C THR A 71 -0.85 -14.79 -5.04
N CYS A 72 -1.49 -15.34 -6.06
CA CYS A 72 -0.88 -16.39 -6.86
C CYS A 72 0.20 -15.81 -7.79
N LEU A 73 1.44 -15.85 -7.33
CA LEU A 73 2.55 -15.34 -8.12
C LEU A 73 2.65 -16.05 -9.46
N GLU A 74 2.29 -17.33 -9.48
CA GLU A 74 2.34 -18.12 -10.70
C GLU A 74 1.66 -17.38 -11.85
N CYS A 75 0.39 -17.04 -11.67
CA CYS A 75 -0.35 -16.32 -12.70
C CYS A 75 -0.82 -14.96 -12.19
N MET A 76 -0.12 -14.44 -11.18
CA MET A 76 -0.45 -13.15 -10.61
C MET A 76 -1.96 -13.00 -10.42
N ARG A 77 -2.55 -13.96 -9.71
CA ARG A 77 -3.99 -13.94 -9.46
C ARG A 77 -4.28 -13.88 -7.97
N THR A 78 -4.71 -12.72 -7.49
CA THR A 78 -5.03 -12.54 -6.08
C THR A 78 -6.47 -12.93 -5.78
N PHE A 79 -6.68 -13.57 -4.65
CA PHE A 79 -8.02 -14.00 -4.24
C PHE A 79 -8.45 -13.28 -2.97
N LYS A 80 -9.62 -13.65 -2.46
CA LYS A 80 -10.16 -13.05 -1.24
C LYS A 80 -9.82 -13.91 -0.02
N SER A 81 -10.00 -15.22 -0.16
CA SER A 81 -9.72 -16.14 0.93
C SER A 81 -8.59 -17.09 0.56
N SER A 82 -7.84 -17.54 1.57
CA SER A 82 -6.73 -18.46 1.35
C SER A 82 -7.22 -19.78 0.75
N PHE A 83 -8.21 -20.38 1.39
CA PHE A 83 -8.77 -21.64 0.94
C PHE A 83 -9.23 -21.53 -0.51
N SER A 84 -9.73 -20.36 -0.88
CA SER A 84 -10.22 -20.12 -2.24
C SER A 84 -9.10 -20.31 -3.26
N ILE A 85 -8.01 -19.55 -3.08
CA ILE A 85 -6.87 -19.63 -3.98
C ILE A 85 -6.19 -20.99 -3.88
N TRP A 86 -6.07 -21.50 -2.65
CA TRP A 86 -5.43 -22.78 -2.43
C TRP A 86 -5.90 -23.82 -3.44
N ARG A 87 -7.21 -23.83 -3.70
CA ARG A 87 -7.78 -24.77 -4.66
C ARG A 87 -7.35 -24.45 -6.08
N HIS A 88 -7.23 -23.15 -6.37
CA HIS A 88 -6.82 -22.70 -7.69
C HIS A 88 -5.37 -23.06 -7.96
N GLN A 89 -4.59 -23.20 -6.90
CA GLN A 89 -3.17 -23.55 -7.02
C GLN A 89 -2.97 -25.05 -6.85
N VAL A 90 -3.91 -25.71 -6.19
CA VAL A 90 -3.82 -27.14 -5.96
C VAL A 90 -4.55 -27.92 -7.06
N GLU A 91 -5.50 -27.25 -7.71
CA GLU A 91 -6.27 -27.88 -8.78
C GLU A 91 -5.65 -27.57 -10.14
N VAL A 92 -5.17 -26.34 -10.29
CA VAL A 92 -4.55 -25.92 -11.55
C VAL A 92 -3.04 -26.13 -11.52
N HIS A 93 -2.37 -25.39 -10.64
CA HIS A 93 -0.92 -25.50 -10.51
C HIS A 93 -0.54 -26.75 -9.72
N ASN A 94 -1.51 -27.32 -9.01
CA ASN A 94 -1.27 -28.51 -8.22
C ASN A 94 -0.02 -28.36 -7.35
N GLN A 95 0.00 -27.30 -6.56
CA GLN A 95 1.14 -27.02 -5.68
C GLN A 95 0.70 -26.96 -4.21
N ASN A 96 0.71 -28.11 -3.55
CA ASN A 96 0.32 -28.18 -2.15
C ASN A 96 1.51 -27.92 -1.23
N ASN A 97 1.80 -26.65 -0.98
CA ASN A 97 2.92 -26.28 -0.11
C ASN A 97 2.46 -26.16 1.34
N MET A 98 1.36 -25.45 1.55
CA MET A 98 0.82 -25.26 2.90
C MET A 98 -0.70 -25.37 2.88
N ALA A 99 -1.27 -25.71 4.04
CA ALA A 99 -2.71 -25.85 4.17
C ALA A 99 -3.16 -25.68 5.62
N PRO A 100 -4.24 -24.92 5.82
CA PRO A 100 -4.79 -24.66 7.16
C PRO A 100 -5.42 -25.90 7.78
N THR A 101 -5.58 -25.89 9.10
CA THR A 101 -6.17 -27.01 9.81
C THR A 101 -7.68 -26.83 9.95
N SER A 102 -8.41 -27.28 8.94
CA SER A 102 -9.88 -27.17 8.95
C SER A 102 -10.51 -28.29 8.13
N GLY A 103 -11.77 -28.59 8.43
CA GLY A 103 -12.46 -29.64 7.72
C GLY A 103 -13.62 -30.22 8.53
N PRO A 104 -14.62 -29.38 8.83
CA PRO A 104 -15.79 -29.80 9.60
C PRO A 104 -16.70 -30.76 8.82
N SER A 105 -16.44 -32.05 8.96
CA SER A 105 -17.22 -33.07 8.27
C SER A 105 -18.43 -33.48 9.11
N SER A 106 -19.61 -33.43 8.49
CA SER A 106 -20.84 -33.80 9.17
C SER A 106 -21.53 -34.97 8.46
N GLY A 107 -21.07 -36.18 8.76
CA GLY A 107 -21.65 -37.36 8.15
C GLY A 107 -21.07 -37.65 6.78
ZN ZN B . 2.54 14.69 -2.08
ZN ZN C . -0.19 -5.30 0.14
ZN ZN D . -2.38 -19.24 -10.43
#